data_1LB5
# 
_entry.id   1LB5 
# 
_audit_conform.dict_name       mmcif_pdbx.dic 
_audit_conform.dict_version    5.389 
_audit_conform.dict_location   http://mmcif.pdb.org/dictionaries/ascii/mmcif_pdbx.dic 
# 
loop_
_database_2.database_id 
_database_2.database_code 
_database_2.pdbx_database_accession 
_database_2.pdbx_DOI 
PDB   1LB5         pdb_00001lb5 10.2210/pdb1lb5/pdb 
RCSB  RCSB015805   ?            ?                   
WWPDB D_1000015805 ?            ?                   
# 
loop_
_pdbx_audit_revision_history.ordinal 
_pdbx_audit_revision_history.data_content_type 
_pdbx_audit_revision_history.major_revision 
_pdbx_audit_revision_history.minor_revision 
_pdbx_audit_revision_history.revision_date 
1 'Structure model' 1 0 2002-07-31 
2 'Structure model' 1 1 2008-04-28 
3 'Structure model' 1 2 2011-07-13 
4 'Structure model' 1 3 2017-10-11 
5 'Structure model' 1 4 2024-02-14 
6 'Structure model' 1 5 2024-04-03 
# 
_pdbx_audit_revision_details.ordinal             1 
_pdbx_audit_revision_details.revision_ordinal    1 
_pdbx_audit_revision_details.data_content_type   'Structure model' 
_pdbx_audit_revision_details.provider            repository 
_pdbx_audit_revision_details.type                'Initial release' 
_pdbx_audit_revision_details.description         ? 
_pdbx_audit_revision_details.details             ? 
# 
loop_
_pdbx_audit_revision_group.ordinal 
_pdbx_audit_revision_group.revision_ordinal 
_pdbx_audit_revision_group.data_content_type 
_pdbx_audit_revision_group.group 
1 2 'Structure model' 'Version format compliance' 
2 3 'Structure model' 'Version format compliance' 
3 4 'Structure model' 'Refinement description'    
4 5 'Structure model' 'Data collection'           
5 5 'Structure model' 'Database references'       
6 6 'Structure model' 'Refinement description'    
# 
loop_
_pdbx_audit_revision_category.ordinal 
_pdbx_audit_revision_category.revision_ordinal 
_pdbx_audit_revision_category.data_content_type 
_pdbx_audit_revision_category.category 
1 4 'Structure model' software                      
2 5 'Structure model' chem_comp_atom                
3 5 'Structure model' chem_comp_bond                
4 5 'Structure model' database_2                    
5 5 'Structure model' struct_ref_seq_dif            
6 6 'Structure model' pdbx_initial_refinement_model 
# 
loop_
_pdbx_audit_revision_item.ordinal 
_pdbx_audit_revision_item.revision_ordinal 
_pdbx_audit_revision_item.data_content_type 
_pdbx_audit_revision_item.item 
1 5 'Structure model' '_database_2.pdbx_DOI'                
2 5 'Structure model' '_database_2.pdbx_database_accession' 
3 5 'Structure model' '_struct_ref_seq_dif.details'         
# 
_pdbx_database_status.status_code                     REL 
_pdbx_database_status.entry_id                        1LB5 
_pdbx_database_status.recvd_initial_deposition_date   2002-04-02 
_pdbx_database_status.deposit_site                    RCSB 
_pdbx_database_status.process_site                    RCSB 
_pdbx_database_status.SG_entry                        . 
_pdbx_database_status.pdb_format_compatible           Y 
_pdbx_database_status.status_code_mr                  ? 
_pdbx_database_status.status_code_sf                  ? 
_pdbx_database_status.status_code_cs                  ? 
_pdbx_database_status.methods_development_category    ? 
_pdbx_database_status.status_code_nmr_data            ? 
# 
loop_
_pdbx_database_related.db_name 
_pdbx_database_related.db_id 
_pdbx_database_related.details 
_pdbx_database_related.content_type 
PDB 1LB4 'TRAF6 apo structure' unspecified 
PDB 1LB6 'TRAF6-CD40 complex'  unspecified 
# 
loop_
_audit_author.name 
_audit_author.pdbx_ordinal 
'Ye, H.'           1  
'Arron, J.R.'      2  
'Lamothe, B.'      3  
'Cirilli, M.'      4  
'Kobayashi, T.'    5  
'Shevde, N.K.'     6  
'Segal, D.'        7  
'Dzivenu, O.'      8  
'Vologodskaia, M.' 9  
'Yim, M.'          10 
'Du, K.'           11 
'Singh, S.'        12 
'Pike, J.W.'       13 
'Darnay, B.G.'     14 
'Choi, Y.'         15 
'Wu, H.'           16 
# 
_citation.id                        primary 
_citation.title                     'Distinct molecular mechanism for initiating TRAF6 signalling.' 
_citation.journal_abbrev            Nature 
_citation.journal_volume            418 
_citation.page_first                443 
_citation.page_last                 447 
_citation.year                      2002 
_citation.journal_id_ASTM           NATUAS 
_citation.country                   UK 
_citation.journal_id_ISSN           0028-0836 
_citation.journal_id_CSD            0006 
_citation.book_publisher            ? 
_citation.pdbx_database_id_PubMed   12140561 
_citation.pdbx_database_id_DOI      10.1038/nature00888 
# 
loop_
_citation_author.citation_id 
_citation_author.name 
_citation_author.ordinal 
_citation_author.identifier_ORCID 
primary 'Ye, H.'           1  ? 
primary 'Arron, J.R.'      2  ? 
primary 'Lamothe, B.'      3  ? 
primary 'Cirilli, M.'      4  ? 
primary 'Kobayashi, T.'    5  ? 
primary 'Shevde, N.K.'     6  ? 
primary 'Segal, D.'        7  ? 
primary 'Dzivenu, O.K.'    8  ? 
primary 'Vologodskaia, M.' 9  ? 
primary 'Yim, M.'          10 ? 
primary 'Du, K.'           11 ? 
primary 'Singh, S.'        12 ? 
primary 'Pike, J.W.'       13 ? 
primary 'Darnay, B.G.'     14 ? 
primary 'Choi, Y.'         15 ? 
primary 'Wu, H.'           16 ? 
# 
loop_
_entity.id 
_entity.type 
_entity.src_method 
_entity.pdbx_description 
_entity.formula_weight 
_entity.pdbx_number_of_molecules 
_entity.pdbx_ec 
_entity.pdbx_mutation 
_entity.pdbx_fragment 
_entity.details 
1 polymer man 'TNF receptor-associated factor 6'             18676.549 1  ? ? 'residues 347-504' ? 
2 polymer man 'receptor activator of nuclear factor-kappa B' 1012.048  1  ? ? 'residues 342-349' ? 
3 water   nat water                                          18.015    79 ? ? ?                  ? 
# 
loop_
_entity_poly.entity_id 
_entity_poly.type 
_entity_poly.nstd_linkage 
_entity_poly.nstd_monomer 
_entity_poly.pdbx_seq_one_letter_code 
_entity_poly.pdbx_seq_one_letter_code_can 
_entity_poly.pdbx_strand_id 
_entity_poly.pdbx_target_identifier 
1 'polypeptide(L)' no no 
;QQCNGIYIWKIGNFGMHLKCQEEEKPVVIHSPGFYTGKPGYKLCMRLHLQLPTAQRCANYISLFVHTMQGEYDSHLPWPF
QGTIRLTILDQSEAPVRQNHEEIMDAKPELLAFQRPTIPRNPKGFGYVTFMHLEALRQRTFIKDDTLLVRCEVSTRFDLE
;
;QQCNGIYIWKIGNFGMHLKCQEEEKPVVIHSPGFYTGKPGYKLCMRLHLQLPTAQRCANYISLFVHTMQGEYDSHLPWPF
QGTIRLTILDQSEAPVRQNHEEIMDAKPELLAFQRPTIPRNPKGFGYVTFMHLEALRQRTFIKDDTLLVRCEVSTRFDLE
;
A ? 
2 'polypeptide(L)' no no QMPTEDEY QMPTEDEY B ? 
# 
_pdbx_entity_nonpoly.entity_id   3 
_pdbx_entity_nonpoly.name        water 
_pdbx_entity_nonpoly.comp_id     HOH 
# 
loop_
_entity_poly_seq.entity_id 
_entity_poly_seq.num 
_entity_poly_seq.mon_id 
_entity_poly_seq.hetero 
1 1   GLN n 
1 2   GLN n 
1 3   CYS n 
1 4   ASN n 
1 5   GLY n 
1 6   ILE n 
1 7   TYR n 
1 8   ILE n 
1 9   TRP n 
1 10  LYS n 
1 11  ILE n 
1 12  GLY n 
1 13  ASN n 
1 14  PHE n 
1 15  GLY n 
1 16  MET n 
1 17  HIS n 
1 18  LEU n 
1 19  LYS n 
1 20  CYS n 
1 21  GLN n 
1 22  GLU n 
1 23  GLU n 
1 24  GLU n 
1 25  LYS n 
1 26  PRO n 
1 27  VAL n 
1 28  VAL n 
1 29  ILE n 
1 30  HIS n 
1 31  SER n 
1 32  PRO n 
1 33  GLY n 
1 34  PHE n 
1 35  TYR n 
1 36  THR n 
1 37  GLY n 
1 38  LYS n 
1 39  PRO n 
1 40  GLY n 
1 41  TYR n 
1 42  LYS n 
1 43  LEU n 
1 44  CYS n 
1 45  MET n 
1 46  ARG n 
1 47  LEU n 
1 48  HIS n 
1 49  LEU n 
1 50  GLN n 
1 51  LEU n 
1 52  PRO n 
1 53  THR n 
1 54  ALA n 
1 55  GLN n 
1 56  ARG n 
1 57  CYS n 
1 58  ALA n 
1 59  ASN n 
1 60  TYR n 
1 61  ILE n 
1 62  SER n 
1 63  LEU n 
1 64  PHE n 
1 65  VAL n 
1 66  HIS n 
1 67  THR n 
1 68  MET n 
1 69  GLN n 
1 70  GLY n 
1 71  GLU n 
1 72  TYR n 
1 73  ASP n 
1 74  SER n 
1 75  HIS n 
1 76  LEU n 
1 77  PRO n 
1 78  TRP n 
1 79  PRO n 
1 80  PHE n 
1 81  GLN n 
1 82  GLY n 
1 83  THR n 
1 84  ILE n 
1 85  ARG n 
1 86  LEU n 
1 87  THR n 
1 88  ILE n 
1 89  LEU n 
1 90  ASP n 
1 91  GLN n 
1 92  SER n 
1 93  GLU n 
1 94  ALA n 
1 95  PRO n 
1 96  VAL n 
1 97  ARG n 
1 98  GLN n 
1 99  ASN n 
1 100 HIS n 
1 101 GLU n 
1 102 GLU n 
1 103 ILE n 
1 104 MET n 
1 105 ASP n 
1 106 ALA n 
1 107 LYS n 
1 108 PRO n 
1 109 GLU n 
1 110 LEU n 
1 111 LEU n 
1 112 ALA n 
1 113 PHE n 
1 114 GLN n 
1 115 ARG n 
1 116 PRO n 
1 117 THR n 
1 118 ILE n 
1 119 PRO n 
1 120 ARG n 
1 121 ASN n 
1 122 PRO n 
1 123 LYS n 
1 124 GLY n 
1 125 PHE n 
1 126 GLY n 
1 127 TYR n 
1 128 VAL n 
1 129 THR n 
1 130 PHE n 
1 131 MET n 
1 132 HIS n 
1 133 LEU n 
1 134 GLU n 
1 135 ALA n 
1 136 LEU n 
1 137 ARG n 
1 138 GLN n 
1 139 ARG n 
1 140 THR n 
1 141 PHE n 
1 142 ILE n 
1 143 LYS n 
1 144 ASP n 
1 145 ASP n 
1 146 THR n 
1 147 LEU n 
1 148 LEU n 
1 149 VAL n 
1 150 ARG n 
1 151 CYS n 
1 152 GLU n 
1 153 VAL n 
1 154 SER n 
1 155 THR n 
1 156 ARG n 
1 157 PHE n 
1 158 ASP n 
1 159 LEU n 
1 160 GLU n 
2 1   GLN n 
2 2   MET n 
2 3   PRO n 
2 4   THR n 
2 5   GLU n 
2 6   ASP n 
2 7   GLU n 
2 8   TYR n 
# 
loop_
_entity_src_gen.entity_id 
_entity_src_gen.pdbx_src_id 
_entity_src_gen.pdbx_alt_source_flag 
_entity_src_gen.pdbx_seq_type 
_entity_src_gen.pdbx_beg_seq_num 
_entity_src_gen.pdbx_end_seq_num 
_entity_src_gen.gene_src_common_name 
_entity_src_gen.gene_src_genus 
_entity_src_gen.pdbx_gene_src_gene 
_entity_src_gen.gene_src_species 
_entity_src_gen.gene_src_strain 
_entity_src_gen.gene_src_tissue 
_entity_src_gen.gene_src_tissue_fraction 
_entity_src_gen.gene_src_details 
_entity_src_gen.pdbx_gene_src_fragment 
_entity_src_gen.pdbx_gene_src_scientific_name 
_entity_src_gen.pdbx_gene_src_ncbi_taxonomy_id 
_entity_src_gen.pdbx_gene_src_variant 
_entity_src_gen.pdbx_gene_src_cell_line 
_entity_src_gen.pdbx_gene_src_atcc 
_entity_src_gen.pdbx_gene_src_organ 
_entity_src_gen.pdbx_gene_src_organelle 
_entity_src_gen.pdbx_gene_src_cell 
_entity_src_gen.pdbx_gene_src_cellular_location 
_entity_src_gen.host_org_common_name 
_entity_src_gen.pdbx_host_org_scientific_name 
_entity_src_gen.pdbx_host_org_ncbi_taxonomy_id 
_entity_src_gen.host_org_genus 
_entity_src_gen.pdbx_host_org_gene 
_entity_src_gen.pdbx_host_org_organ 
_entity_src_gen.host_org_species 
_entity_src_gen.pdbx_host_org_tissue 
_entity_src_gen.pdbx_host_org_tissue_fraction 
_entity_src_gen.pdbx_host_org_strain 
_entity_src_gen.pdbx_host_org_variant 
_entity_src_gen.pdbx_host_org_cell_line 
_entity_src_gen.pdbx_host_org_atcc 
_entity_src_gen.pdbx_host_org_culture_collection 
_entity_src_gen.pdbx_host_org_cell 
_entity_src_gen.pdbx_host_org_organelle 
_entity_src_gen.pdbx_host_org_cellular_location 
_entity_src_gen.pdbx_host_org_vector_type 
_entity_src_gen.pdbx_host_org_vector 
_entity_src_gen.host_org_details 
_entity_src_gen.expression_system_id 
_entity_src_gen.plasmid_name 
_entity_src_gen.plasmid_details 
_entity_src_gen.pdbx_description 
1 1 sample ? ? ? human Homo TRAF6 ? ? ? ? ? ? 'Homo sapiens' 9606 ? ? ? ? ? ? ? ? 'Escherichia coli' 562 Escherichia ? ? ? ? ? ? ? 
? ? ? ? ? ? ? ? ? ? ? ? ? 
2 1 sample ? ? ? human Homo RANK  ? ? ? ? ? ? 'Homo sapiens' 9606 ? ? ? ? ? ? ? ? 'Escherichia coli' 562 Escherichia ? ? ? ? ? ? ? 
? ? ? ? ? ? ? ? ? ? ? ? ? 
# 
loop_
_chem_comp.id 
_chem_comp.type 
_chem_comp.mon_nstd_flag 
_chem_comp.name 
_chem_comp.pdbx_synonyms 
_chem_comp.formula 
_chem_comp.formula_weight 
ALA 'L-peptide linking' y ALANINE         ? 'C3 H7 N O2'     89.093  
ARG 'L-peptide linking' y ARGININE        ? 'C6 H15 N4 O2 1' 175.209 
ASN 'L-peptide linking' y ASPARAGINE      ? 'C4 H8 N2 O3'    132.118 
ASP 'L-peptide linking' y 'ASPARTIC ACID' ? 'C4 H7 N O4'     133.103 
CYS 'L-peptide linking' y CYSTEINE        ? 'C3 H7 N O2 S'   121.158 
GLN 'L-peptide linking' y GLUTAMINE       ? 'C5 H10 N2 O3'   146.144 
GLU 'L-peptide linking' y 'GLUTAMIC ACID' ? 'C5 H9 N O4'     147.129 
GLY 'peptide linking'   y GLYCINE         ? 'C2 H5 N O2'     75.067  
HIS 'L-peptide linking' y HISTIDINE       ? 'C6 H10 N3 O2 1' 156.162 
HOH non-polymer         . WATER           ? 'H2 O'           18.015  
ILE 'L-peptide linking' y ISOLEUCINE      ? 'C6 H13 N O2'    131.173 
LEU 'L-peptide linking' y LEUCINE         ? 'C6 H13 N O2'    131.173 
LYS 'L-peptide linking' y LYSINE          ? 'C6 H15 N2 O2 1' 147.195 
MET 'L-peptide linking' y METHIONINE      ? 'C5 H11 N O2 S'  149.211 
PHE 'L-peptide linking' y PHENYLALANINE   ? 'C9 H11 N O2'    165.189 
PRO 'L-peptide linking' y PROLINE         ? 'C5 H9 N O2'     115.130 
SER 'L-peptide linking' y SERINE          ? 'C3 H7 N O3'     105.093 
THR 'L-peptide linking' y THREONINE       ? 'C4 H9 N O3'     119.119 
TRP 'L-peptide linking' y TRYPTOPHAN      ? 'C11 H12 N2 O2'  204.225 
TYR 'L-peptide linking' y TYROSINE        ? 'C9 H11 N O3'    181.189 
VAL 'L-peptide linking' y VALINE          ? 'C5 H11 N O2'    117.146 
# 
loop_
_pdbx_poly_seq_scheme.asym_id 
_pdbx_poly_seq_scheme.entity_id 
_pdbx_poly_seq_scheme.seq_id 
_pdbx_poly_seq_scheme.mon_id 
_pdbx_poly_seq_scheme.ndb_seq_num 
_pdbx_poly_seq_scheme.pdb_seq_num 
_pdbx_poly_seq_scheme.auth_seq_num 
_pdbx_poly_seq_scheme.pdb_mon_id 
_pdbx_poly_seq_scheme.auth_mon_id 
_pdbx_poly_seq_scheme.pdb_strand_id 
_pdbx_poly_seq_scheme.pdb_ins_code 
_pdbx_poly_seq_scheme.hetero 
A 1 1   GLN 1   347 347 GLN ALA A . n 
A 1 2   GLN 2   348 348 GLN GLN A . n 
A 1 3   CYS 3   349 349 CYS CYS A . n 
A 1 4   ASN 4   350 350 ASN ASN A . n 
A 1 5   GLY 5   351 351 GLY GLY A . n 
A 1 6   ILE 6   352 352 ILE ILE A . n 
A 1 7   TYR 7   353 353 TYR TYR A . n 
A 1 8   ILE 8   354 354 ILE ILE A . n 
A 1 9   TRP 9   355 355 TRP TRP A . n 
A 1 10  LYS 10  356 356 LYS LYS A . n 
A 1 11  ILE 11  357 357 ILE ILE A . n 
A 1 12  GLY 12  358 358 GLY GLY A . n 
A 1 13  ASN 13  359 359 ASN ASN A . n 
A 1 14  PHE 14  360 360 PHE PHE A . n 
A 1 15  GLY 15  361 361 GLY GLY A . n 
A 1 16  MET 16  362 362 MET MET A . n 
A 1 17  HIS 17  363 363 HIS HIS A . n 
A 1 18  LEU 18  364 364 LEU LEU A . n 
A 1 19  LYS 19  365 365 LYS LYS A . n 
A 1 20  CYS 20  366 366 CYS CYS A . n 
A 1 21  GLN 21  367 367 GLN GLN A . n 
A 1 22  GLU 22  368 368 GLU GLU A . n 
A 1 23  GLU 23  369 369 GLU GLU A . n 
A 1 24  GLU 24  370 370 GLU GLU A . n 
A 1 25  LYS 25  371 371 LYS LYS A . n 
A 1 26  PRO 26  372 372 PRO PRO A . n 
A 1 27  VAL 27  373 373 VAL VAL A . n 
A 1 28  VAL 28  374 374 VAL VAL A . n 
A 1 29  ILE 29  375 375 ILE ILE A . n 
A 1 30  HIS 30  376 376 HIS HIS A . n 
A 1 31  SER 31  377 377 SER SER A . n 
A 1 32  PRO 32  378 378 PRO PRO A . n 
A 1 33  GLY 33  379 379 GLY GLY A . n 
A 1 34  PHE 34  380 380 PHE PHE A . n 
A 1 35  TYR 35  381 381 TYR TYR A . n 
A 1 36  THR 36  382 382 THR THR A . n 
A 1 37  GLY 37  383 383 GLY GLY A . n 
A 1 38  LYS 38  384 384 LYS LYS A . n 
A 1 39  PRO 39  385 385 PRO PRO A . n 
A 1 40  GLY 40  386 386 GLY GLY A . n 
A 1 41  TYR 41  387 387 TYR TYR A . n 
A 1 42  LYS 42  388 388 LYS LYS A . n 
A 1 43  LEU 43  389 389 LEU LEU A . n 
A 1 44  CYS 44  390 390 CYS CYS A . n 
A 1 45  MET 45  391 391 MET MET A . n 
A 1 46  ARG 46  392 392 ARG ARG A . n 
A 1 47  LEU 47  393 393 LEU LEU A . n 
A 1 48  HIS 48  394 394 HIS HIS A . n 
A 1 49  LEU 49  395 395 LEU LEU A . n 
A 1 50  GLN 50  396 396 GLN GLN A . n 
A 1 51  LEU 51  397 397 LEU LEU A . n 
A 1 52  PRO 52  398 398 PRO PRO A . n 
A 1 53  THR 53  399 399 THR THR A . n 
A 1 54  ALA 54  400 400 ALA ALA A . n 
A 1 55  GLN 55  401 401 GLN GLN A . n 
A 1 56  ARG 56  402 402 ARG ARG A . n 
A 1 57  CYS 57  403 403 CYS CYS A . n 
A 1 58  ALA 58  404 404 ALA ALA A . n 
A 1 59  ASN 59  405 405 ASN ASN A . n 
A 1 60  TYR 60  406 406 TYR TYR A . n 
A 1 61  ILE 61  407 407 ILE ILE A . n 
A 1 62  SER 62  408 408 SER SER A . n 
A 1 63  LEU 63  409 409 LEU LEU A . n 
A 1 64  PHE 64  410 410 PHE PHE A . n 
A 1 65  VAL 65  411 411 VAL VAL A . n 
A 1 66  HIS 66  412 412 HIS HIS A . n 
A 1 67  THR 67  413 413 THR THR A . n 
A 1 68  MET 68  414 414 MET MET A . n 
A 1 69  GLN 69  415 415 GLN GLN A . n 
A 1 70  GLY 70  416 416 GLY GLY A . n 
A 1 71  GLU 71  417 417 GLU GLU A . n 
A 1 72  TYR 72  418 418 TYR TYR A . n 
A 1 73  ASP 73  419 419 ASP ASP A . n 
A 1 74  SER 74  420 420 SER SER A . n 
A 1 75  HIS 75  421 421 HIS HIS A . n 
A 1 76  LEU 76  422 422 LEU LEU A . n 
A 1 77  PRO 77  423 423 PRO PRO A . n 
A 1 78  TRP 78  424 424 TRP TRP A . n 
A 1 79  PRO 79  425 425 PRO PRO A . n 
A 1 80  PHE 80  426 426 PHE PHE A . n 
A 1 81  GLN 81  427 427 GLN GLN A . n 
A 1 82  GLY 82  428 428 GLY GLY A . n 
A 1 83  THR 83  429 429 THR THR A . n 
A 1 84  ILE 84  430 430 ILE ILE A . n 
A 1 85  ARG 85  431 431 ARG ARG A . n 
A 1 86  LEU 86  432 432 LEU LEU A . n 
A 1 87  THR 87  433 433 THR THR A . n 
A 1 88  ILE 88  434 434 ILE ILE A . n 
A 1 89  LEU 89  435 435 LEU LEU A . n 
A 1 90  ASP 90  436 436 ASP ASP A . n 
A 1 91  GLN 91  437 437 GLN GLN A . n 
A 1 92  SER 92  438 438 SER SER A . n 
A 1 93  GLU 93  439 439 GLU GLU A . n 
A 1 94  ALA 94  440 440 ALA ALA A . n 
A 1 95  PRO 95  441 441 PRO PRO A . n 
A 1 96  VAL 96  442 442 VAL VAL A . n 
A 1 97  ARG 97  443 443 ARG ARG A . n 
A 1 98  GLN 98  444 444 GLN GLN A . n 
A 1 99  ASN 99  445 445 ASN ASN A . n 
A 1 100 HIS 100 446 446 HIS HIS A . n 
A 1 101 GLU 101 447 447 GLU GLU A . n 
A 1 102 GLU 102 448 448 GLU GLU A . n 
A 1 103 ILE 103 449 449 ILE ILE A . n 
A 1 104 MET 104 450 450 MET MET A . n 
A 1 105 ASP 105 451 451 ASP ASP A . n 
A 1 106 ALA 106 452 452 ALA ALA A . n 
A 1 107 LYS 107 453 453 LYS LYS A . n 
A 1 108 PRO 108 454 454 PRO PRO A . n 
A 1 109 GLU 109 455 455 GLU GLU A . n 
A 1 110 LEU 110 456 456 LEU LEU A . n 
A 1 111 LEU 111 457 457 LEU LEU A . n 
A 1 112 ALA 112 458 458 ALA ALA A . n 
A 1 113 PHE 113 459 459 PHE PHE A . n 
A 1 114 GLN 114 460 460 GLN GLN A . n 
A 1 115 ARG 115 461 461 ARG ARG A . n 
A 1 116 PRO 116 462 462 PRO PRO A . n 
A 1 117 THR 117 463 463 THR THR A . n 
A 1 118 ILE 118 464 464 ILE ILE A . n 
A 1 119 PRO 119 465 465 PRO PRO A . n 
A 1 120 ARG 120 466 466 ARG ARG A . n 
A 1 121 ASN 121 467 467 ASN ASN A . n 
A 1 122 PRO 122 468 468 PRO PRO A . n 
A 1 123 LYS 123 469 469 LYS LYS A . n 
A 1 124 GLY 124 470 470 GLY GLY A . n 
A 1 125 PHE 125 471 471 PHE PHE A . n 
A 1 126 GLY 126 472 472 GLY GLY A . n 
A 1 127 TYR 127 473 473 TYR TYR A . n 
A 1 128 VAL 128 474 474 VAL VAL A . n 
A 1 129 THR 129 475 475 THR THR A . n 
A 1 130 PHE 130 476 476 PHE PHE A . n 
A 1 131 MET 131 477 477 MET MET A . n 
A 1 132 HIS 132 478 478 HIS HIS A . n 
A 1 133 LEU 133 479 479 LEU LEU A . n 
A 1 134 GLU 134 480 480 GLU GLU A . n 
A 1 135 ALA 135 481 481 ALA ALA A . n 
A 1 136 LEU 136 482 482 LEU LEU A . n 
A 1 137 ARG 137 483 483 ARG ARG A . n 
A 1 138 GLN 138 484 484 GLN GLN A . n 
A 1 139 ARG 139 485 485 ARG ARG A . n 
A 1 140 THR 140 486 486 THR THR A . n 
A 1 141 PHE 141 487 487 PHE PHE A . n 
A 1 142 ILE 142 488 488 ILE ILE A . n 
A 1 143 LYS 143 489 489 LYS LYS A . n 
A 1 144 ASP 144 490 490 ASP ASP A . n 
A 1 145 ASP 145 491 491 ASP ASP A . n 
A 1 146 THR 146 492 492 THR THR A . n 
A 1 147 LEU 147 493 493 LEU LEU A . n 
A 1 148 LEU 148 494 494 LEU LEU A . n 
A 1 149 VAL 149 495 495 VAL VAL A . n 
A 1 150 ARG 150 496 496 ARG ARG A . n 
A 1 151 CYS 151 497 497 CYS CYS A . n 
A 1 152 GLU 152 498 498 GLU GLU A . n 
A 1 153 VAL 153 499 499 VAL VAL A . n 
A 1 154 SER 154 500 500 SER SER A . n 
A 1 155 THR 155 501 501 THR THR A . n 
A 1 156 ARG 156 502 ?   ?   ?   A . n 
A 1 157 PHE 157 503 ?   ?   ?   A . n 
A 1 158 ASP 158 504 ?   ?   ?   A . n 
A 1 159 LEU 159 505 ?   ?   ?   A . n 
A 1 160 GLU 160 506 ?   ?   ?   A . n 
B 2 1   GLN 1   601 601 GLN GLN B . n 
B 2 2   MET 2   602 602 MET MET B . n 
B 2 3   PRO 3   603 603 PRO PRO B . n 
B 2 4   THR 4   604 604 THR THR B . n 
B 2 5   GLU 5   605 605 GLU GLU B . n 
B 2 6   ASP 6   606 606 ASP ASP B . n 
B 2 7   GLU 7   607 607 GLU GLU B . n 
B 2 8   TYR 8   608 608 TYR TYR B . n 
# 
loop_
_pdbx_nonpoly_scheme.asym_id 
_pdbx_nonpoly_scheme.entity_id 
_pdbx_nonpoly_scheme.mon_id 
_pdbx_nonpoly_scheme.ndb_seq_num 
_pdbx_nonpoly_scheme.pdb_seq_num 
_pdbx_nonpoly_scheme.auth_seq_num 
_pdbx_nonpoly_scheme.pdb_mon_id 
_pdbx_nonpoly_scheme.auth_mon_id 
_pdbx_nonpoly_scheme.pdb_strand_id 
_pdbx_nonpoly_scheme.pdb_ins_code 
C 3 HOH 1  801 801 HOH TIP A . 
C 3 HOH 2  802 802 HOH TIP A . 
C 3 HOH 3  803 803 HOH TIP A . 
C 3 HOH 4  804 804 HOH TIP A . 
C 3 HOH 5  805 805 HOH TIP A . 
C 3 HOH 6  806 806 HOH TIP A . 
C 3 HOH 7  807 807 HOH TIP A . 
C 3 HOH 8  808 808 HOH TIP A . 
C 3 HOH 9  809 809 HOH TIP A . 
C 3 HOH 10 810 810 HOH TIP A . 
C 3 HOH 11 811 811 HOH TIP A . 
C 3 HOH 12 812 812 HOH TIP A . 
C 3 HOH 13 813 813 HOH TIP A . 
C 3 HOH 14 814 814 HOH TIP A . 
C 3 HOH 15 815 815 HOH TIP A . 
C 3 HOH 16 816 816 HOH TIP A . 
C 3 HOH 17 817 817 HOH TIP A . 
C 3 HOH 18 818 818 HOH TIP A . 
C 3 HOH 19 819 819 HOH TIP A . 
C 3 HOH 20 820 820 HOH TIP A . 
C 3 HOH 21 822 822 HOH TIP A . 
C 3 HOH 22 823 823 HOH TIP A . 
C 3 HOH 23 824 824 HOH TIP A . 
C 3 HOH 24 825 825 HOH TIP A . 
C 3 HOH 25 827 827 HOH TIP A . 
C 3 HOH 26 828 828 HOH TIP A . 
C 3 HOH 27 829 829 HOH TIP A . 
C 3 HOH 28 831 831 HOH TIP A . 
C 3 HOH 29 832 832 HOH TIP A . 
C 3 HOH 30 833 833 HOH TIP A . 
C 3 HOH 31 834 834 HOH TIP A . 
C 3 HOH 32 835 835 HOH TIP A . 
C 3 HOH 33 836 836 HOH TIP A . 
C 3 HOH 34 837 837 HOH TIP A . 
C 3 HOH 35 838 838 HOH TIP A . 
C 3 HOH 36 839 839 HOH TIP A . 
C 3 HOH 37 840 840 HOH TIP A . 
C 3 HOH 38 841 841 HOH TIP A . 
C 3 HOH 39 842 842 HOH TIP A . 
C 3 HOH 40 843 843 HOH TIP A . 
C 3 HOH 41 844 844 HOH TIP A . 
C 3 HOH 42 845 845 HOH TIP A . 
C 3 HOH 43 846 846 HOH TIP A . 
C 3 HOH 44 847 847 HOH TIP A . 
C 3 HOH 45 848 848 HOH TIP A . 
C 3 HOH 46 849 849 HOH TIP A . 
C 3 HOH 47 850 850 HOH TIP A . 
C 3 HOH 48 852 852 HOH TIP A . 
C 3 HOH 49 854 854 HOH TIP A . 
C 3 HOH 50 855 855 HOH TIP A . 
C 3 HOH 51 856 856 HOH TIP A . 
C 3 HOH 52 857 857 HOH TIP A . 
C 3 HOH 53 858 858 HOH TIP A . 
C 3 HOH 54 859 859 HOH TIP A . 
C 3 HOH 55 860 860 HOH TIP A . 
C 3 HOH 56 861 861 HOH TIP A . 
C 3 HOH 57 862 862 HOH TIP A . 
C 3 HOH 58 863 863 HOH TIP A . 
C 3 HOH 59 864 864 HOH TIP A . 
C 3 HOH 60 865 865 HOH TIP A . 
C 3 HOH 61 866 866 HOH TIP A . 
C 3 HOH 62 868 868 HOH TIP A . 
C 3 HOH 63 869 869 HOH TIP A . 
C 3 HOH 64 870 870 HOH TIP A . 
C 3 HOH 65 871 871 HOH TIP A . 
C 3 HOH 66 872 872 HOH TIP A . 
C 3 HOH 67 873 873 HOH TIP A . 
C 3 HOH 68 874 874 HOH TIP A . 
C 3 HOH 69 875 875 HOH TIP A . 
C 3 HOH 70 876 876 HOH TIP A . 
C 3 HOH 71 877 877 HOH TIP A . 
C 3 HOH 72 878 878 HOH TIP A . 
C 3 HOH 73 879 879 HOH TIP A . 
C 3 HOH 74 880 880 HOH TIP A . 
D 3 HOH 1  821 821 HOH TIP B . 
D 3 HOH 2  830 830 HOH TIP B . 
D 3 HOH 3  851 851 HOH TIP B . 
D 3 HOH 4  853 853 HOH TIP B . 
D 3 HOH 5  867 867 HOH TIP B . 
# 
loop_
_pdbx_unobs_or_zero_occ_atoms.id 
_pdbx_unobs_or_zero_occ_atoms.PDB_model_num 
_pdbx_unobs_or_zero_occ_atoms.polymer_flag 
_pdbx_unobs_or_zero_occ_atoms.occupancy_flag 
_pdbx_unobs_or_zero_occ_atoms.auth_asym_id 
_pdbx_unobs_or_zero_occ_atoms.auth_comp_id 
_pdbx_unobs_or_zero_occ_atoms.auth_seq_id 
_pdbx_unobs_or_zero_occ_atoms.PDB_ins_code 
_pdbx_unobs_or_zero_occ_atoms.auth_atom_id 
_pdbx_unobs_or_zero_occ_atoms.label_alt_id 
_pdbx_unobs_or_zero_occ_atoms.label_asym_id 
_pdbx_unobs_or_zero_occ_atoms.label_comp_id 
_pdbx_unobs_or_zero_occ_atoms.label_seq_id 
_pdbx_unobs_or_zero_occ_atoms.label_atom_id 
1 1 Y 1 A GLN 347 ? CG  ? A GLN 1 CG  
2 1 Y 1 A GLN 347 ? CD  ? A GLN 1 CD  
3 1 Y 1 A GLN 347 ? OE1 ? A GLN 1 OE1 
4 1 Y 1 A GLN 347 ? NE2 ? A GLN 1 NE2 
# 
loop_
_software.name 
_software.classification 
_software.version 
_software.citation_id 
_software.pdbx_ordinal 
CNS       refinement       0.9 ? 1 
DENZO     'data reduction' .   ? 2 
SCALEPACK 'data scaling'   .   ? 3 
# 
_cell.entry_id           1LB5 
_cell.length_a           37.990 
_cell.length_b           44.991 
_cell.length_c           106.535 
_cell.angle_alpha        90.00 
_cell.angle_beta         90.00 
_cell.angle_gamma        90.00 
_cell.Z_PDB              4 
_cell.pdbx_unique_axis   ? 
# 
_symmetry.entry_id                         1LB5 
_symmetry.space_group_name_H-M             'P 21 21 21' 
_symmetry.pdbx_full_space_group_name_H-M   ? 
_symmetry.cell_setting                     ? 
_symmetry.Int_Tables_number                19 
# 
_exptl.entry_id          1LB5 
_exptl.method            'X-RAY DIFFRACTION' 
_exptl.crystals_number   1 
# 
_exptl_crystal.id                    1 
_exptl_crystal.density_meas          ? 
_exptl_crystal.density_percent_sol   46.77 
_exptl_crystal.density_Matthews      2.31 
_exptl_crystal.description           ? 
# 
_exptl_crystal_grow.crystal_id      1 
_exptl_crystal_grow.method          'VAPOR DIFFUSION, HANGING DROP' 
_exptl_crystal_grow.temp            293 
_exptl_crystal_grow.temp_details    ? 
_exptl_crystal_grow.pH              7.5 
_exptl_crystal_grow.pdbx_details    'PEG8000, Tris, pH 7.5, VAPOR DIFFUSION, HANGING DROP, temperature 293K' 
_exptl_crystal_grow.pdbx_pH_range   . 
# 
_diffrn.id                     1 
_diffrn.ambient_temp           100 
_diffrn.ambient_temp_details   ? 
_diffrn.crystal_id             1 
# 
_diffrn_detector.diffrn_id              1 
_diffrn_detector.detector               CCD 
_diffrn_detector.type                   'ADSC QUANTUM 4' 
_diffrn_detector.pdbx_collection_date   1999-09-21 
_diffrn_detector.details                ? 
# 
_diffrn_radiation.diffrn_id                        1 
_diffrn_radiation.wavelength_id                    1 
_diffrn_radiation.pdbx_monochromatic_or_laue_m_l   M 
_diffrn_radiation.monochromator                    ? 
_diffrn_radiation.pdbx_diffrn_protocol             'SINGLE WAVELENGTH' 
_diffrn_radiation.pdbx_scattering_type             x-ray 
# 
_diffrn_radiation_wavelength.id           1 
_diffrn_radiation_wavelength.wavelength   . 
_diffrn_radiation_wavelength.wt           1.0 
# 
_diffrn_source.diffrn_id                   1 
_diffrn_source.source                      SYNCHROTRON 
_diffrn_source.type                        'NSLS BEAMLINE X4A' 
_diffrn_source.pdbx_synchrotron_site       NSLS 
_diffrn_source.pdbx_synchrotron_beamline   X4A 
_diffrn_source.pdbx_wavelength             ? 
_diffrn_source.pdbx_wavelength_list        ? 
# 
_reflns.entry_id                     1LB5 
_reflns.observed_criterion_sigma_I   1.0 
_reflns.observed_criterion_sigma_F   2.0 
_reflns.d_resolution_low             40.0 
_reflns.d_resolution_high            2.40 
_reflns.number_obs                   12396 
_reflns.number_all                   ? 
_reflns.percent_possible_obs         96.0 
_reflns.pdbx_Rmerge_I_obs            ? 
_reflns.pdbx_Rsym_value              0.0550000 
_reflns.pdbx_netI_over_sigmaI        ? 
_reflns.B_iso_Wilson_estimate        14.1 
_reflns.pdbx_redundancy              ? 
_reflns.R_free_details               ? 
_reflns.limit_h_max                  ? 
_reflns.limit_h_min                  ? 
_reflns.limit_k_max                  ? 
_reflns.limit_k_min                  ? 
_reflns.limit_l_max                  ? 
_reflns.limit_l_min                  ? 
_reflns.observed_criterion_F_max     ? 
_reflns.observed_criterion_F_min     ? 
_reflns.pdbx_diffrn_id               1 
_reflns.pdbx_ordinal                 1 
# 
_reflns_shell.d_res_high             2.40 
_reflns_shell.d_res_low              2.55 
_reflns_shell.percent_possible_all   95.8 
_reflns_shell.Rmerge_I_obs           ? 
_reflns_shell.pdbx_Rsym_value        ? 
_reflns_shell.meanI_over_sigI_obs    ? 
_reflns_shell.pdbx_redundancy        ? 
_reflns_shell.percent_possible_obs   ? 
_reflns_shell.number_unique_all      ? 
_reflns_shell.pdbx_diffrn_id         ? 
_reflns_shell.pdbx_ordinal           1 
# 
_refine.entry_id                                 1LB5 
_refine.ls_number_reflns_obs                     7408 
_refine.ls_number_reflns_all                     ? 
_refine.pdbx_ls_sigma_I                          0.0 
_refine.pdbx_ls_sigma_F                          0.0 
_refine.pdbx_data_cutoff_high_absF               ? 
_refine.pdbx_data_cutoff_low_absF                ? 
_refine.ls_d_res_low                             19.63 
_refine.ls_d_res_high                            2.40 
_refine.ls_percent_reflns_obs                    10.0 
_refine.ls_R_factor_obs                          ? 
_refine.ls_R_factor_all                          ? 
_refine.ls_R_factor_R_work                       0.2130000 
_refine.ls_R_factor_R_free                       0.2420000 
_refine.ls_R_factor_R_free_error                 ? 
_refine.ls_R_factor_R_free_error_details         ? 
_refine.ls_percent_reflns_R_free                 ? 
_refine.ls_number_reflns_R_free                  739 
_refine.ls_number_parameters                     ? 
_refine.ls_number_restraints                     ? 
_refine.occupancy_min                            ? 
_refine.occupancy_max                            ? 
_refine.B_iso_mean                               22.0 
_refine.aniso_B[1][1]                            ? 
_refine.aniso_B[2][2]                            ? 
_refine.aniso_B[3][3]                            ? 
_refine.aniso_B[1][2]                            ? 
_refine.aniso_B[1][3]                            ? 
_refine.aniso_B[2][3]                            ? 
_refine.solvent_model_details                    ? 
_refine.solvent_model_param_ksol                 ? 
_refine.solvent_model_param_bsol                 ? 
_refine.pdbx_ls_cross_valid_method               THROUGHOUT 
_refine.details                                  ? 
_refine.pdbx_starting_model                      'TRAF6 apo form' 
_refine.pdbx_method_to_determine_struct          'MOLECULAR REPLACEMENT' 
_refine.pdbx_isotropic_thermal_model             isotropic 
_refine.pdbx_stereochemistry_target_values       'Engh & Huber' 
_refine.pdbx_stereochem_target_val_spec_case     ? 
_refine.pdbx_R_Free_selection_details            RANDOM 
_refine.pdbx_overall_ESU_R_Free                  ? 
_refine.overall_SU_B                             ? 
_refine.ls_redundancy_reflns_obs                 ? 
_refine.B_iso_min                                ? 
_refine.B_iso_max                                ? 
_refine.correlation_coeff_Fo_to_Fc               ? 
_refine.overall_SU_R_Cruickshank_DPI             ? 
_refine.overall_SU_R_free                        ? 
_refine.overall_SU_ML                            ? 
_refine.pdbx_overall_ESU_R                       ? 
_refine.pdbx_data_cutoff_high_rms_absF           ? 
_refine.correlation_coeff_Fo_to_Fc_free          ? 
_refine.pdbx_solvent_vdw_probe_radii             ? 
_refine.pdbx_solvent_ion_probe_radii             ? 
_refine.pdbx_solvent_shrinkage_radii             ? 
_refine.pdbx_refine_id                           'X-RAY DIFFRACTION' 
_refine.pdbx_diffrn_id                           1 
_refine.pdbx_TLS_residual_ADP_flag               ? 
_refine.pdbx_overall_phase_error                 ? 
_refine.pdbx_overall_SU_R_free_Cruickshank_DPI   ? 
_refine.pdbx_overall_SU_R_Blow_DPI               ? 
_refine.pdbx_overall_SU_R_free_Blow_DPI          ? 
# 
_refine_analyze.entry_id                        1LB5 
_refine_analyze.Luzzati_coordinate_error_obs    0.30 
_refine_analyze.Luzzati_sigma_a_obs             0.18 
_refine_analyze.Luzzati_d_res_low_obs           5.00 
_refine_analyze.Luzzati_coordinate_error_free   0.35 
_refine_analyze.Luzzati_sigma_a_free            0.29 
_refine_analyze.Luzzati_d_res_low_free          ? 
_refine_analyze.number_disordered_residues      ? 
_refine_analyze.occupancy_sum_hydrogen          ? 
_refine_analyze.occupancy_sum_non_hydrogen      ? 
_refine_analyze.pdbx_Luzzati_d_res_high_obs     ? 
_refine_analyze.pdbx_refine_id                  'X-RAY DIFFRACTION' 
# 
_refine_hist.pdbx_refine_id                   'X-RAY DIFFRACTION' 
_refine_hist.cycle_id                         LAST 
_refine_hist.pdbx_number_atoms_protein        1330 
_refine_hist.pdbx_number_atoms_nucleic_acid   0 
_refine_hist.pdbx_number_atoms_ligand         0 
_refine_hist.number_atoms_solvent             79 
_refine_hist.number_atoms_total               1409 
_refine_hist.d_res_high                       2.40 
_refine_hist.d_res_low                        19.63 
# 
loop_
_refine_ls_restr.type 
_refine_ls_restr.dev_ideal 
_refine_ls_restr.dev_ideal_target 
_refine_ls_restr.weight 
_refine_ls_restr.number 
_refine_ls_restr.pdbx_refine_id 
_refine_ls_restr.pdbx_restraint_function 
c_bond_d           0.005 ? ? ? 'X-RAY DIFFRACTION' ? 
c_angle_deg        1.4   ? ? ? 'X-RAY DIFFRACTION' ? 
c_dihedral_angle_d 25.9  ? ? ? 'X-RAY DIFFRACTION' ? 
c_improper_angle_d 0.79  ? ? ? 'X-RAY DIFFRACTION' ? 
# 
_struct.entry_id                  1LB5 
_struct.title                     'TRAF6-RANK Complex' 
_struct.pdbx_model_details        ? 
_struct.pdbx_CASP_flag            ? 
_struct.pdbx_model_type_details   ? 
# 
_struct_keywords.entry_id        1LB5 
_struct_keywords.pdbx_keywords   'SIGNALING PROTEIN' 
_struct_keywords.text            'TRAF6-RANK complex, SIGNALING PROTEIN' 
# 
loop_
_struct_asym.id 
_struct_asym.pdbx_blank_PDB_chainid_flag 
_struct_asym.pdbx_modified 
_struct_asym.entity_id 
_struct_asym.details 
A N N 1 ? 
B N N 2 ? 
C N N 3 ? 
D N N 3 ? 
# 
loop_
_struct_ref.id 
_struct_ref.db_name 
_struct_ref.db_code 
_struct_ref.entity_id 
_struct_ref.pdbx_seq_one_letter_code 
_struct_ref.pdbx_align_begin 
_struct_ref.pdbx_db_accession 
_struct_ref.pdbx_db_isoform 
1 UNP TRAF6_HUMAN 1 
;QQCNGIYIWKIGNFGMHLKCQEEEKPVVIHSPGFYTGKPGYKLCMRLHLQLPTAQRCANYISLFVHTMQGEYDSHLPWPF
QGTIRLTILDQSEAPVRQNHEEIMDAKPELLAFQRPTIPRNPKGFGYVTFMHLEALRQRTFIKDDTLLVRCEVSTRFD
;
347 Q9Y4K3  ? 
2 GB  AAB86809    2 QMPTEDEY 342 2612918 ? 
# 
loop_
_struct_ref_seq.align_id 
_struct_ref_seq.ref_id 
_struct_ref_seq.pdbx_PDB_id_code 
_struct_ref_seq.pdbx_strand_id 
_struct_ref_seq.seq_align_beg 
_struct_ref_seq.pdbx_seq_align_beg_ins_code 
_struct_ref_seq.seq_align_end 
_struct_ref_seq.pdbx_seq_align_end_ins_code 
_struct_ref_seq.pdbx_db_accession 
_struct_ref_seq.db_align_beg 
_struct_ref_seq.pdbx_db_align_beg_ins_code 
_struct_ref_seq.db_align_end 
_struct_ref_seq.pdbx_db_align_end_ins_code 
_struct_ref_seq.pdbx_auth_seq_align_beg 
_struct_ref_seq.pdbx_auth_seq_align_end 
1 1 1LB5 A 1 ? 158 ? Q9Y4K3  347 ? 504 ? 347 504 
2 2 1LB5 B 1 ? 8   ? 2612918 342 ? 349 ? 601 608 
# 
loop_
_struct_ref_seq_dif.align_id 
_struct_ref_seq_dif.pdbx_pdb_id_code 
_struct_ref_seq_dif.mon_id 
_struct_ref_seq_dif.pdbx_pdb_strand_id 
_struct_ref_seq_dif.seq_num 
_struct_ref_seq_dif.pdbx_pdb_ins_code 
_struct_ref_seq_dif.pdbx_seq_db_name 
_struct_ref_seq_dif.pdbx_seq_db_accession_code 
_struct_ref_seq_dif.db_mon_id 
_struct_ref_seq_dif.pdbx_seq_db_seq_num 
_struct_ref_seq_dif.details 
_struct_ref_seq_dif.pdbx_auth_seq_num 
_struct_ref_seq_dif.pdbx_ordinal 
1 1LB5 LEU A 159 ? UNP Q9Y4K3 ? ? 'cloning artifact' 505 1 
1 1LB5 GLU A 160 ? UNP Q9Y4K3 ? ? 'cloning artifact' 506 2 
# 
_pdbx_struct_assembly.id                   1 
_pdbx_struct_assembly.details              author_and_software_defined_assembly 
_pdbx_struct_assembly.method_details       PISA 
_pdbx_struct_assembly.oligomeric_details   dimeric 
_pdbx_struct_assembly.oligomeric_count     2 
# 
loop_
_pdbx_struct_assembly_prop.biol_id 
_pdbx_struct_assembly_prop.type 
_pdbx_struct_assembly_prop.value 
_pdbx_struct_assembly_prop.details 
1 'ABSA (A^2)' 1120 ? 
1 MORE         -2   ? 
1 'SSA (A^2)'  9140 ? 
# 
_pdbx_struct_assembly_gen.assembly_id       1 
_pdbx_struct_assembly_gen.oper_expression   1 
_pdbx_struct_assembly_gen.asym_id_list      A,B,C,D 
# 
_pdbx_struct_oper_list.id                   1 
_pdbx_struct_oper_list.type                 'identity operation' 
_pdbx_struct_oper_list.name                 1_555 
_pdbx_struct_oper_list.symmetry_operation   x,y,z 
_pdbx_struct_oper_list.matrix[1][1]         1.0000000000 
_pdbx_struct_oper_list.matrix[1][2]         0.0000000000 
_pdbx_struct_oper_list.matrix[1][3]         0.0000000000 
_pdbx_struct_oper_list.vector[1]            0.0000000000 
_pdbx_struct_oper_list.matrix[2][1]         0.0000000000 
_pdbx_struct_oper_list.matrix[2][2]         1.0000000000 
_pdbx_struct_oper_list.matrix[2][3]         0.0000000000 
_pdbx_struct_oper_list.vector[2]            0.0000000000 
_pdbx_struct_oper_list.matrix[3][1]         0.0000000000 
_pdbx_struct_oper_list.matrix[3][2]         0.0000000000 
_pdbx_struct_oper_list.matrix[3][3]         1.0000000000 
_pdbx_struct_oper_list.vector[3]            0.0000000000 
# 
_struct_biol.id                    1 
_struct_biol.pdbx_parent_biol_id   ? 
_struct_biol.details               ? 
# 
loop_
_struct_conf.conf_type_id 
_struct_conf.id 
_struct_conf.pdbx_PDB_helix_id 
_struct_conf.beg_label_comp_id 
_struct_conf.beg_label_asym_id 
_struct_conf.beg_label_seq_id 
_struct_conf.pdbx_beg_PDB_ins_code 
_struct_conf.end_label_comp_id 
_struct_conf.end_label_asym_id 
_struct_conf.end_label_seq_id 
_struct_conf.pdbx_end_PDB_ins_code 
_struct_conf.beg_auth_comp_id 
_struct_conf.beg_auth_asym_id 
_struct_conf.beg_auth_seq_id 
_struct_conf.end_auth_comp_id 
_struct_conf.end_auth_asym_id 
_struct_conf.end_auth_seq_id 
_struct_conf.pdbx_PDB_helix_class 
_struct_conf.details 
_struct_conf.pdbx_PDB_helix_length 
HELX_P HELX_P1 1 ASN A 13  ? GLU A 23  ? ASN A 359 GLU A 369 1 ? 11 
HELX_P HELX_P2 2 TYR A 72  ? LEU A 76  ? TYR A 418 LEU A 422 5 ? 5  
HELX_P HELX_P3 3 LEU A 110 ? GLN A 114 ? LEU A 456 GLN A 460 5 ? 5  
HELX_P HELX_P4 4 GLU A 134 ? GLN A 138 ? GLU A 480 GLN A 484 5 ? 5  
# 
_struct_conf_type.id          HELX_P 
_struct_conf_type.criteria    ? 
_struct_conf_type.reference   ? 
# 
loop_
_struct_mon_prot_cis.pdbx_id 
_struct_mon_prot_cis.label_comp_id 
_struct_mon_prot_cis.label_seq_id 
_struct_mon_prot_cis.label_asym_id 
_struct_mon_prot_cis.label_alt_id 
_struct_mon_prot_cis.pdbx_PDB_ins_code 
_struct_mon_prot_cis.auth_comp_id 
_struct_mon_prot_cis.auth_seq_id 
_struct_mon_prot_cis.auth_asym_id 
_struct_mon_prot_cis.pdbx_label_comp_id_2 
_struct_mon_prot_cis.pdbx_label_seq_id_2 
_struct_mon_prot_cis.pdbx_label_asym_id_2 
_struct_mon_prot_cis.pdbx_PDB_ins_code_2 
_struct_mon_prot_cis.pdbx_auth_comp_id_2 
_struct_mon_prot_cis.pdbx_auth_seq_id_2 
_struct_mon_prot_cis.pdbx_auth_asym_id_2 
_struct_mon_prot_cis.pdbx_PDB_model_num 
_struct_mon_prot_cis.pdbx_omega_angle 
1 LYS 38 A . ? LYS 384 A PRO 39 A ? PRO 385 A 1 0.04  
2 TRP 78 A . ? TRP 424 A PRO 79 A ? PRO 425 A 1 -0.01 
# 
loop_
_struct_sheet.id 
_struct_sheet.type 
_struct_sheet.number_strands 
_struct_sheet.details 
A ? 4 ? 
B ? 3 ? 
C ? 5 ? 
D ? 5 ? 
# 
loop_
_struct_sheet_order.sheet_id 
_struct_sheet_order.range_id_1 
_struct_sheet_order.range_id_2 
_struct_sheet_order.offset 
_struct_sheet_order.sense 
A 1 2 ? anti-parallel 
A 2 3 ? anti-parallel 
A 3 4 ? anti-parallel 
B 1 2 ? anti-parallel 
B 2 3 ? anti-parallel 
C 1 2 ? anti-parallel 
C 2 3 ? anti-parallel 
C 3 4 ? anti-parallel 
C 4 5 ? anti-parallel 
D 1 2 ? anti-parallel 
D 2 3 ? anti-parallel 
D 3 4 ? anti-parallel 
D 4 5 ? anti-parallel 
# 
loop_
_struct_sheet_range.sheet_id 
_struct_sheet_range.id 
_struct_sheet_range.beg_label_comp_id 
_struct_sheet_range.beg_label_asym_id 
_struct_sheet_range.beg_label_seq_id 
_struct_sheet_range.pdbx_beg_PDB_ins_code 
_struct_sheet_range.end_label_comp_id 
_struct_sheet_range.end_label_asym_id 
_struct_sheet_range.end_label_seq_id 
_struct_sheet_range.pdbx_end_PDB_ins_code 
_struct_sheet_range.beg_auth_comp_id 
_struct_sheet_range.beg_auth_asym_id 
_struct_sheet_range.beg_auth_seq_id 
_struct_sheet_range.end_auth_comp_id 
_struct_sheet_range.end_auth_asym_id 
_struct_sheet_range.end_auth_seq_id 
A 1 GLY A 5   ? ILE A 11  ? GLY A 351 ILE A 357 
A 2 THR A 146 ? SER A 154 ? THR A 492 SER A 500 
A 3 THR A 83  ? ILE A 88  ? THR A 429 ILE A 434 
A 4 HIS A 100 ? ASP A 105 ? HIS A 446 ASP A 451 
B 1 GLY A 5   ? ILE A 11  ? GLY A 351 ILE A 357 
B 2 THR A 146 ? SER A 154 ? THR A 492 SER A 500 
B 3 ILE A 142 ? LYS A 143 ? ILE A 488 LYS A 489 
C 1 THR B 4   ? GLU B 7   ? THR B 604 GLU B 607 
C 2 LYS A 123 ? HIS A 132 ? LYS A 469 HIS A 478 
C 3 TYR A 60  ? MET A 68  ? TYR A 406 MET A 414 
C 4 LYS A 42  ? LEU A 49  ? LYS A 388 LEU A 395 
C 5 VAL A 27  ? HIS A 30  ? VAL A 373 HIS A 376 
D 1 THR B 4   ? GLU B 7   ? THR B 604 GLU B 607 
D 2 LYS A 123 ? HIS A 132 ? LYS A 469 HIS A 478 
D 3 TYR A 60  ? MET A 68  ? TYR A 406 MET A 414 
D 4 LYS A 42  ? LEU A 49  ? LYS A 388 LEU A 395 
D 5 PHE A 34  ? TYR A 35  ? PHE A 380 TYR A 381 
# 
loop_
_pdbx_struct_sheet_hbond.sheet_id 
_pdbx_struct_sheet_hbond.range_id_1 
_pdbx_struct_sheet_hbond.range_id_2 
_pdbx_struct_sheet_hbond.range_1_label_atom_id 
_pdbx_struct_sheet_hbond.range_1_label_comp_id 
_pdbx_struct_sheet_hbond.range_1_label_asym_id 
_pdbx_struct_sheet_hbond.range_1_label_seq_id 
_pdbx_struct_sheet_hbond.range_1_PDB_ins_code 
_pdbx_struct_sheet_hbond.range_1_auth_atom_id 
_pdbx_struct_sheet_hbond.range_1_auth_comp_id 
_pdbx_struct_sheet_hbond.range_1_auth_asym_id 
_pdbx_struct_sheet_hbond.range_1_auth_seq_id 
_pdbx_struct_sheet_hbond.range_2_label_atom_id 
_pdbx_struct_sheet_hbond.range_2_label_comp_id 
_pdbx_struct_sheet_hbond.range_2_label_asym_id 
_pdbx_struct_sheet_hbond.range_2_label_seq_id 
_pdbx_struct_sheet_hbond.range_2_PDB_ins_code 
_pdbx_struct_sheet_hbond.range_2_auth_atom_id 
_pdbx_struct_sheet_hbond.range_2_auth_comp_id 
_pdbx_struct_sheet_hbond.range_2_auth_asym_id 
_pdbx_struct_sheet_hbond.range_2_auth_seq_id 
A 1 2 N TRP A 9   ? N TRP A 355 O VAL A 149 ? O VAL A 495 
A 2 3 O ARG A 150 ? O ARG A 496 N THR A 87  ? N THR A 433 
A 3 4 N ILE A 88  ? N ILE A 434 O HIS A 100 ? O HIS A 446 
B 1 2 N TRP A 9   ? N TRP A 355 O VAL A 149 ? O VAL A 495 
B 2 3 O THR A 146 ? O THR A 492 N LYS A 143 ? N LYS A 489 
C 1 2 O THR B 4   ? O THR B 604 N GLY A 126 ? N GLY A 472 
C 2 3 O MET A 131 ? O MET A 477 N ILE A 61  ? N ILE A 407 
C 3 4 O HIS A 66  ? O HIS A 412 N CYS A 44  ? N CYS A 390 
C 4 5 O LEU A 47  ? O LEU A 393 N ILE A 29  ? N ILE A 375 
D 1 2 O THR B 4   ? O THR B 604 N GLY A 126 ? N GLY A 472 
D 2 3 O MET A 131 ? O MET A 477 N ILE A 61  ? N ILE A 407 
D 3 4 O HIS A 66  ? O HIS A 412 N CYS A 44  ? N CYS A 390 
D 4 5 O LEU A 43  ? O LEU A 389 N PHE A 34  ? N PHE A 380 
# 
loop_
_pdbx_validate_torsion.id 
_pdbx_validate_torsion.PDB_model_num 
_pdbx_validate_torsion.auth_comp_id 
_pdbx_validate_torsion.auth_asym_id 
_pdbx_validate_torsion.auth_seq_id 
_pdbx_validate_torsion.PDB_ins_code 
_pdbx_validate_torsion.label_alt_id 
_pdbx_validate_torsion.phi 
_pdbx_validate_torsion.psi 
1 1 ARG A 402 ? ? 85.73   -6.24  
2 1 CYS A 403 ? ? -163.34 34.96  
3 1 GLU A 439 ? ? -46.73  163.11 
4 1 PRO A 441 ? ? -52.93  174.83 
5 1 VAL A 442 ? ? -34.80  141.11 
6 1 THR A 475 ? ? -118.57 65.93  
# 
loop_
_pdbx_unobs_or_zero_occ_residues.id 
_pdbx_unobs_or_zero_occ_residues.PDB_model_num 
_pdbx_unobs_or_zero_occ_residues.polymer_flag 
_pdbx_unobs_or_zero_occ_residues.occupancy_flag 
_pdbx_unobs_or_zero_occ_residues.auth_asym_id 
_pdbx_unobs_or_zero_occ_residues.auth_comp_id 
_pdbx_unobs_or_zero_occ_residues.auth_seq_id 
_pdbx_unobs_or_zero_occ_residues.PDB_ins_code 
_pdbx_unobs_or_zero_occ_residues.label_asym_id 
_pdbx_unobs_or_zero_occ_residues.label_comp_id 
_pdbx_unobs_or_zero_occ_residues.label_seq_id 
1 1 Y 1 A ARG 502 ? A ARG 156 
2 1 Y 1 A PHE 503 ? A PHE 157 
3 1 Y 1 A ASP 504 ? A ASP 158 
4 1 Y 1 A LEU 505 ? A LEU 159 
5 1 Y 1 A GLU 506 ? A GLU 160 
# 
loop_
_chem_comp_atom.comp_id 
_chem_comp_atom.atom_id 
_chem_comp_atom.type_symbol 
_chem_comp_atom.pdbx_aromatic_flag 
_chem_comp_atom.pdbx_stereo_config 
_chem_comp_atom.pdbx_ordinal 
ALA N    N N N 1   
ALA CA   C N S 2   
ALA C    C N N 3   
ALA O    O N N 4   
ALA CB   C N N 5   
ALA OXT  O N N 6   
ALA H    H N N 7   
ALA H2   H N N 8   
ALA HA   H N N 9   
ALA HB1  H N N 10  
ALA HB2  H N N 11  
ALA HB3  H N N 12  
ALA HXT  H N N 13  
ARG N    N N N 14  
ARG CA   C N S 15  
ARG C    C N N 16  
ARG O    O N N 17  
ARG CB   C N N 18  
ARG CG   C N N 19  
ARG CD   C N N 20  
ARG NE   N N N 21  
ARG CZ   C N N 22  
ARG NH1  N N N 23  
ARG NH2  N N N 24  
ARG OXT  O N N 25  
ARG H    H N N 26  
ARG H2   H N N 27  
ARG HA   H N N 28  
ARG HB2  H N N 29  
ARG HB3  H N N 30  
ARG HG2  H N N 31  
ARG HG3  H N N 32  
ARG HD2  H N N 33  
ARG HD3  H N N 34  
ARG HE   H N N 35  
ARG HH11 H N N 36  
ARG HH12 H N N 37  
ARG HH21 H N N 38  
ARG HH22 H N N 39  
ARG HXT  H N N 40  
ASN N    N N N 41  
ASN CA   C N S 42  
ASN C    C N N 43  
ASN O    O N N 44  
ASN CB   C N N 45  
ASN CG   C N N 46  
ASN OD1  O N N 47  
ASN ND2  N N N 48  
ASN OXT  O N N 49  
ASN H    H N N 50  
ASN H2   H N N 51  
ASN HA   H N N 52  
ASN HB2  H N N 53  
ASN HB3  H N N 54  
ASN HD21 H N N 55  
ASN HD22 H N N 56  
ASN HXT  H N N 57  
ASP N    N N N 58  
ASP CA   C N S 59  
ASP C    C N N 60  
ASP O    O N N 61  
ASP CB   C N N 62  
ASP CG   C N N 63  
ASP OD1  O N N 64  
ASP OD2  O N N 65  
ASP OXT  O N N 66  
ASP H    H N N 67  
ASP H2   H N N 68  
ASP HA   H N N 69  
ASP HB2  H N N 70  
ASP HB3  H N N 71  
ASP HD2  H N N 72  
ASP HXT  H N N 73  
CYS N    N N N 74  
CYS CA   C N R 75  
CYS C    C N N 76  
CYS O    O N N 77  
CYS CB   C N N 78  
CYS SG   S N N 79  
CYS OXT  O N N 80  
CYS H    H N N 81  
CYS H2   H N N 82  
CYS HA   H N N 83  
CYS HB2  H N N 84  
CYS HB3  H N N 85  
CYS HG   H N N 86  
CYS HXT  H N N 87  
GLN N    N N N 88  
GLN CA   C N S 89  
GLN C    C N N 90  
GLN O    O N N 91  
GLN CB   C N N 92  
GLN CG   C N N 93  
GLN CD   C N N 94  
GLN OE1  O N N 95  
GLN NE2  N N N 96  
GLN OXT  O N N 97  
GLN H    H N N 98  
GLN H2   H N N 99  
GLN HA   H N N 100 
GLN HB2  H N N 101 
GLN HB3  H N N 102 
GLN HG2  H N N 103 
GLN HG3  H N N 104 
GLN HE21 H N N 105 
GLN HE22 H N N 106 
GLN HXT  H N N 107 
GLU N    N N N 108 
GLU CA   C N S 109 
GLU C    C N N 110 
GLU O    O N N 111 
GLU CB   C N N 112 
GLU CG   C N N 113 
GLU CD   C N N 114 
GLU OE1  O N N 115 
GLU OE2  O N N 116 
GLU OXT  O N N 117 
GLU H    H N N 118 
GLU H2   H N N 119 
GLU HA   H N N 120 
GLU HB2  H N N 121 
GLU HB3  H N N 122 
GLU HG2  H N N 123 
GLU HG3  H N N 124 
GLU HE2  H N N 125 
GLU HXT  H N N 126 
GLY N    N N N 127 
GLY CA   C N N 128 
GLY C    C N N 129 
GLY O    O N N 130 
GLY OXT  O N N 131 
GLY H    H N N 132 
GLY H2   H N N 133 
GLY HA2  H N N 134 
GLY HA3  H N N 135 
GLY HXT  H N N 136 
HIS N    N N N 137 
HIS CA   C N S 138 
HIS C    C N N 139 
HIS O    O N N 140 
HIS CB   C N N 141 
HIS CG   C Y N 142 
HIS ND1  N Y N 143 
HIS CD2  C Y N 144 
HIS CE1  C Y N 145 
HIS NE2  N Y N 146 
HIS OXT  O N N 147 
HIS H    H N N 148 
HIS H2   H N N 149 
HIS HA   H N N 150 
HIS HB2  H N N 151 
HIS HB3  H N N 152 
HIS HD1  H N N 153 
HIS HD2  H N N 154 
HIS HE1  H N N 155 
HIS HE2  H N N 156 
HIS HXT  H N N 157 
HOH O    O N N 158 
HOH H1   H N N 159 
HOH H2   H N N 160 
ILE N    N N N 161 
ILE CA   C N S 162 
ILE C    C N N 163 
ILE O    O N N 164 
ILE CB   C N S 165 
ILE CG1  C N N 166 
ILE CG2  C N N 167 
ILE CD1  C N N 168 
ILE OXT  O N N 169 
ILE H    H N N 170 
ILE H2   H N N 171 
ILE HA   H N N 172 
ILE HB   H N N 173 
ILE HG12 H N N 174 
ILE HG13 H N N 175 
ILE HG21 H N N 176 
ILE HG22 H N N 177 
ILE HG23 H N N 178 
ILE HD11 H N N 179 
ILE HD12 H N N 180 
ILE HD13 H N N 181 
ILE HXT  H N N 182 
LEU N    N N N 183 
LEU CA   C N S 184 
LEU C    C N N 185 
LEU O    O N N 186 
LEU CB   C N N 187 
LEU CG   C N N 188 
LEU CD1  C N N 189 
LEU CD2  C N N 190 
LEU OXT  O N N 191 
LEU H    H N N 192 
LEU H2   H N N 193 
LEU HA   H N N 194 
LEU HB2  H N N 195 
LEU HB3  H N N 196 
LEU HG   H N N 197 
LEU HD11 H N N 198 
LEU HD12 H N N 199 
LEU HD13 H N N 200 
LEU HD21 H N N 201 
LEU HD22 H N N 202 
LEU HD23 H N N 203 
LEU HXT  H N N 204 
LYS N    N N N 205 
LYS CA   C N S 206 
LYS C    C N N 207 
LYS O    O N N 208 
LYS CB   C N N 209 
LYS CG   C N N 210 
LYS CD   C N N 211 
LYS CE   C N N 212 
LYS NZ   N N N 213 
LYS OXT  O N N 214 
LYS H    H N N 215 
LYS H2   H N N 216 
LYS HA   H N N 217 
LYS HB2  H N N 218 
LYS HB3  H N N 219 
LYS HG2  H N N 220 
LYS HG3  H N N 221 
LYS HD2  H N N 222 
LYS HD3  H N N 223 
LYS HE2  H N N 224 
LYS HE3  H N N 225 
LYS HZ1  H N N 226 
LYS HZ2  H N N 227 
LYS HZ3  H N N 228 
LYS HXT  H N N 229 
MET N    N N N 230 
MET CA   C N S 231 
MET C    C N N 232 
MET O    O N N 233 
MET CB   C N N 234 
MET CG   C N N 235 
MET SD   S N N 236 
MET CE   C N N 237 
MET OXT  O N N 238 
MET H    H N N 239 
MET H2   H N N 240 
MET HA   H N N 241 
MET HB2  H N N 242 
MET HB3  H N N 243 
MET HG2  H N N 244 
MET HG3  H N N 245 
MET HE1  H N N 246 
MET HE2  H N N 247 
MET HE3  H N N 248 
MET HXT  H N N 249 
PHE N    N N N 250 
PHE CA   C N S 251 
PHE C    C N N 252 
PHE O    O N N 253 
PHE CB   C N N 254 
PHE CG   C Y N 255 
PHE CD1  C Y N 256 
PHE CD2  C Y N 257 
PHE CE1  C Y N 258 
PHE CE2  C Y N 259 
PHE CZ   C Y N 260 
PHE OXT  O N N 261 
PHE H    H N N 262 
PHE H2   H N N 263 
PHE HA   H N N 264 
PHE HB2  H N N 265 
PHE HB3  H N N 266 
PHE HD1  H N N 267 
PHE HD2  H N N 268 
PHE HE1  H N N 269 
PHE HE2  H N N 270 
PHE HZ   H N N 271 
PHE HXT  H N N 272 
PRO N    N N N 273 
PRO CA   C N S 274 
PRO C    C N N 275 
PRO O    O N N 276 
PRO CB   C N N 277 
PRO CG   C N N 278 
PRO CD   C N N 279 
PRO OXT  O N N 280 
PRO H    H N N 281 
PRO HA   H N N 282 
PRO HB2  H N N 283 
PRO HB3  H N N 284 
PRO HG2  H N N 285 
PRO HG3  H N N 286 
PRO HD2  H N N 287 
PRO HD3  H N N 288 
PRO HXT  H N N 289 
SER N    N N N 290 
SER CA   C N S 291 
SER C    C N N 292 
SER O    O N N 293 
SER CB   C N N 294 
SER OG   O N N 295 
SER OXT  O N N 296 
SER H    H N N 297 
SER H2   H N N 298 
SER HA   H N N 299 
SER HB2  H N N 300 
SER HB3  H N N 301 
SER HG   H N N 302 
SER HXT  H N N 303 
THR N    N N N 304 
THR CA   C N S 305 
THR C    C N N 306 
THR O    O N N 307 
THR CB   C N R 308 
THR OG1  O N N 309 
THR CG2  C N N 310 
THR OXT  O N N 311 
THR H    H N N 312 
THR H2   H N N 313 
THR HA   H N N 314 
THR HB   H N N 315 
THR HG1  H N N 316 
THR HG21 H N N 317 
THR HG22 H N N 318 
THR HG23 H N N 319 
THR HXT  H N N 320 
TRP N    N N N 321 
TRP CA   C N S 322 
TRP C    C N N 323 
TRP O    O N N 324 
TRP CB   C N N 325 
TRP CG   C Y N 326 
TRP CD1  C Y N 327 
TRP CD2  C Y N 328 
TRP NE1  N Y N 329 
TRP CE2  C Y N 330 
TRP CE3  C Y N 331 
TRP CZ2  C Y N 332 
TRP CZ3  C Y N 333 
TRP CH2  C Y N 334 
TRP OXT  O N N 335 
TRP H    H N N 336 
TRP H2   H N N 337 
TRP HA   H N N 338 
TRP HB2  H N N 339 
TRP HB3  H N N 340 
TRP HD1  H N N 341 
TRP HE1  H N N 342 
TRP HE3  H N N 343 
TRP HZ2  H N N 344 
TRP HZ3  H N N 345 
TRP HH2  H N N 346 
TRP HXT  H N N 347 
TYR N    N N N 348 
TYR CA   C N S 349 
TYR C    C N N 350 
TYR O    O N N 351 
TYR CB   C N N 352 
TYR CG   C Y N 353 
TYR CD1  C Y N 354 
TYR CD2  C Y N 355 
TYR CE1  C Y N 356 
TYR CE2  C Y N 357 
TYR CZ   C Y N 358 
TYR OH   O N N 359 
TYR OXT  O N N 360 
TYR H    H N N 361 
TYR H2   H N N 362 
TYR HA   H N N 363 
TYR HB2  H N N 364 
TYR HB3  H N N 365 
TYR HD1  H N N 366 
TYR HD2  H N N 367 
TYR HE1  H N N 368 
TYR HE2  H N N 369 
TYR HH   H N N 370 
TYR HXT  H N N 371 
VAL N    N N N 372 
VAL CA   C N S 373 
VAL C    C N N 374 
VAL O    O N N 375 
VAL CB   C N N 376 
VAL CG1  C N N 377 
VAL CG2  C N N 378 
VAL OXT  O N N 379 
VAL H    H N N 380 
VAL H2   H N N 381 
VAL HA   H N N 382 
VAL HB   H N N 383 
VAL HG11 H N N 384 
VAL HG12 H N N 385 
VAL HG13 H N N 386 
VAL HG21 H N N 387 
VAL HG22 H N N 388 
VAL HG23 H N N 389 
VAL HXT  H N N 390 
# 
loop_
_chem_comp_bond.comp_id 
_chem_comp_bond.atom_id_1 
_chem_comp_bond.atom_id_2 
_chem_comp_bond.value_order 
_chem_comp_bond.pdbx_aromatic_flag 
_chem_comp_bond.pdbx_stereo_config 
_chem_comp_bond.pdbx_ordinal 
ALA N   CA   sing N N 1   
ALA N   H    sing N N 2   
ALA N   H2   sing N N 3   
ALA CA  C    sing N N 4   
ALA CA  CB   sing N N 5   
ALA CA  HA   sing N N 6   
ALA C   O    doub N N 7   
ALA C   OXT  sing N N 8   
ALA CB  HB1  sing N N 9   
ALA CB  HB2  sing N N 10  
ALA CB  HB3  sing N N 11  
ALA OXT HXT  sing N N 12  
ARG N   CA   sing N N 13  
ARG N   H    sing N N 14  
ARG N   H2   sing N N 15  
ARG CA  C    sing N N 16  
ARG CA  CB   sing N N 17  
ARG CA  HA   sing N N 18  
ARG C   O    doub N N 19  
ARG C   OXT  sing N N 20  
ARG CB  CG   sing N N 21  
ARG CB  HB2  sing N N 22  
ARG CB  HB3  sing N N 23  
ARG CG  CD   sing N N 24  
ARG CG  HG2  sing N N 25  
ARG CG  HG3  sing N N 26  
ARG CD  NE   sing N N 27  
ARG CD  HD2  sing N N 28  
ARG CD  HD3  sing N N 29  
ARG NE  CZ   sing N N 30  
ARG NE  HE   sing N N 31  
ARG CZ  NH1  sing N N 32  
ARG CZ  NH2  doub N N 33  
ARG NH1 HH11 sing N N 34  
ARG NH1 HH12 sing N N 35  
ARG NH2 HH21 sing N N 36  
ARG NH2 HH22 sing N N 37  
ARG OXT HXT  sing N N 38  
ASN N   CA   sing N N 39  
ASN N   H    sing N N 40  
ASN N   H2   sing N N 41  
ASN CA  C    sing N N 42  
ASN CA  CB   sing N N 43  
ASN CA  HA   sing N N 44  
ASN C   O    doub N N 45  
ASN C   OXT  sing N N 46  
ASN CB  CG   sing N N 47  
ASN CB  HB2  sing N N 48  
ASN CB  HB3  sing N N 49  
ASN CG  OD1  doub N N 50  
ASN CG  ND2  sing N N 51  
ASN ND2 HD21 sing N N 52  
ASN ND2 HD22 sing N N 53  
ASN OXT HXT  sing N N 54  
ASP N   CA   sing N N 55  
ASP N   H    sing N N 56  
ASP N   H2   sing N N 57  
ASP CA  C    sing N N 58  
ASP CA  CB   sing N N 59  
ASP CA  HA   sing N N 60  
ASP C   O    doub N N 61  
ASP C   OXT  sing N N 62  
ASP CB  CG   sing N N 63  
ASP CB  HB2  sing N N 64  
ASP CB  HB3  sing N N 65  
ASP CG  OD1  doub N N 66  
ASP CG  OD2  sing N N 67  
ASP OD2 HD2  sing N N 68  
ASP OXT HXT  sing N N 69  
CYS N   CA   sing N N 70  
CYS N   H    sing N N 71  
CYS N   H2   sing N N 72  
CYS CA  C    sing N N 73  
CYS CA  CB   sing N N 74  
CYS CA  HA   sing N N 75  
CYS C   O    doub N N 76  
CYS C   OXT  sing N N 77  
CYS CB  SG   sing N N 78  
CYS CB  HB2  sing N N 79  
CYS CB  HB3  sing N N 80  
CYS SG  HG   sing N N 81  
CYS OXT HXT  sing N N 82  
GLN N   CA   sing N N 83  
GLN N   H    sing N N 84  
GLN N   H2   sing N N 85  
GLN CA  C    sing N N 86  
GLN CA  CB   sing N N 87  
GLN CA  HA   sing N N 88  
GLN C   O    doub N N 89  
GLN C   OXT  sing N N 90  
GLN CB  CG   sing N N 91  
GLN CB  HB2  sing N N 92  
GLN CB  HB3  sing N N 93  
GLN CG  CD   sing N N 94  
GLN CG  HG2  sing N N 95  
GLN CG  HG3  sing N N 96  
GLN CD  OE1  doub N N 97  
GLN CD  NE2  sing N N 98  
GLN NE2 HE21 sing N N 99  
GLN NE2 HE22 sing N N 100 
GLN OXT HXT  sing N N 101 
GLU N   CA   sing N N 102 
GLU N   H    sing N N 103 
GLU N   H2   sing N N 104 
GLU CA  C    sing N N 105 
GLU CA  CB   sing N N 106 
GLU CA  HA   sing N N 107 
GLU C   O    doub N N 108 
GLU C   OXT  sing N N 109 
GLU CB  CG   sing N N 110 
GLU CB  HB2  sing N N 111 
GLU CB  HB3  sing N N 112 
GLU CG  CD   sing N N 113 
GLU CG  HG2  sing N N 114 
GLU CG  HG3  sing N N 115 
GLU CD  OE1  doub N N 116 
GLU CD  OE2  sing N N 117 
GLU OE2 HE2  sing N N 118 
GLU OXT HXT  sing N N 119 
GLY N   CA   sing N N 120 
GLY N   H    sing N N 121 
GLY N   H2   sing N N 122 
GLY CA  C    sing N N 123 
GLY CA  HA2  sing N N 124 
GLY CA  HA3  sing N N 125 
GLY C   O    doub N N 126 
GLY C   OXT  sing N N 127 
GLY OXT HXT  sing N N 128 
HIS N   CA   sing N N 129 
HIS N   H    sing N N 130 
HIS N   H2   sing N N 131 
HIS CA  C    sing N N 132 
HIS CA  CB   sing N N 133 
HIS CA  HA   sing N N 134 
HIS C   O    doub N N 135 
HIS C   OXT  sing N N 136 
HIS CB  CG   sing N N 137 
HIS CB  HB2  sing N N 138 
HIS CB  HB3  sing N N 139 
HIS CG  ND1  sing Y N 140 
HIS CG  CD2  doub Y N 141 
HIS ND1 CE1  doub Y N 142 
HIS ND1 HD1  sing N N 143 
HIS CD2 NE2  sing Y N 144 
HIS CD2 HD2  sing N N 145 
HIS CE1 NE2  sing Y N 146 
HIS CE1 HE1  sing N N 147 
HIS NE2 HE2  sing N N 148 
HIS OXT HXT  sing N N 149 
HOH O   H1   sing N N 150 
HOH O   H2   sing N N 151 
ILE N   CA   sing N N 152 
ILE N   H    sing N N 153 
ILE N   H2   sing N N 154 
ILE CA  C    sing N N 155 
ILE CA  CB   sing N N 156 
ILE CA  HA   sing N N 157 
ILE C   O    doub N N 158 
ILE C   OXT  sing N N 159 
ILE CB  CG1  sing N N 160 
ILE CB  CG2  sing N N 161 
ILE CB  HB   sing N N 162 
ILE CG1 CD1  sing N N 163 
ILE CG1 HG12 sing N N 164 
ILE CG1 HG13 sing N N 165 
ILE CG2 HG21 sing N N 166 
ILE CG2 HG22 sing N N 167 
ILE CG2 HG23 sing N N 168 
ILE CD1 HD11 sing N N 169 
ILE CD1 HD12 sing N N 170 
ILE CD1 HD13 sing N N 171 
ILE OXT HXT  sing N N 172 
LEU N   CA   sing N N 173 
LEU N   H    sing N N 174 
LEU N   H2   sing N N 175 
LEU CA  C    sing N N 176 
LEU CA  CB   sing N N 177 
LEU CA  HA   sing N N 178 
LEU C   O    doub N N 179 
LEU C   OXT  sing N N 180 
LEU CB  CG   sing N N 181 
LEU CB  HB2  sing N N 182 
LEU CB  HB3  sing N N 183 
LEU CG  CD1  sing N N 184 
LEU CG  CD2  sing N N 185 
LEU CG  HG   sing N N 186 
LEU CD1 HD11 sing N N 187 
LEU CD1 HD12 sing N N 188 
LEU CD1 HD13 sing N N 189 
LEU CD2 HD21 sing N N 190 
LEU CD2 HD22 sing N N 191 
LEU CD2 HD23 sing N N 192 
LEU OXT HXT  sing N N 193 
LYS N   CA   sing N N 194 
LYS N   H    sing N N 195 
LYS N   H2   sing N N 196 
LYS CA  C    sing N N 197 
LYS CA  CB   sing N N 198 
LYS CA  HA   sing N N 199 
LYS C   O    doub N N 200 
LYS C   OXT  sing N N 201 
LYS CB  CG   sing N N 202 
LYS CB  HB2  sing N N 203 
LYS CB  HB3  sing N N 204 
LYS CG  CD   sing N N 205 
LYS CG  HG2  sing N N 206 
LYS CG  HG3  sing N N 207 
LYS CD  CE   sing N N 208 
LYS CD  HD2  sing N N 209 
LYS CD  HD3  sing N N 210 
LYS CE  NZ   sing N N 211 
LYS CE  HE2  sing N N 212 
LYS CE  HE3  sing N N 213 
LYS NZ  HZ1  sing N N 214 
LYS NZ  HZ2  sing N N 215 
LYS NZ  HZ3  sing N N 216 
LYS OXT HXT  sing N N 217 
MET N   CA   sing N N 218 
MET N   H    sing N N 219 
MET N   H2   sing N N 220 
MET CA  C    sing N N 221 
MET CA  CB   sing N N 222 
MET CA  HA   sing N N 223 
MET C   O    doub N N 224 
MET C   OXT  sing N N 225 
MET CB  CG   sing N N 226 
MET CB  HB2  sing N N 227 
MET CB  HB3  sing N N 228 
MET CG  SD   sing N N 229 
MET CG  HG2  sing N N 230 
MET CG  HG3  sing N N 231 
MET SD  CE   sing N N 232 
MET CE  HE1  sing N N 233 
MET CE  HE2  sing N N 234 
MET CE  HE3  sing N N 235 
MET OXT HXT  sing N N 236 
PHE N   CA   sing N N 237 
PHE N   H    sing N N 238 
PHE N   H2   sing N N 239 
PHE CA  C    sing N N 240 
PHE CA  CB   sing N N 241 
PHE CA  HA   sing N N 242 
PHE C   O    doub N N 243 
PHE C   OXT  sing N N 244 
PHE CB  CG   sing N N 245 
PHE CB  HB2  sing N N 246 
PHE CB  HB3  sing N N 247 
PHE CG  CD1  doub Y N 248 
PHE CG  CD2  sing Y N 249 
PHE CD1 CE1  sing Y N 250 
PHE CD1 HD1  sing N N 251 
PHE CD2 CE2  doub Y N 252 
PHE CD2 HD2  sing N N 253 
PHE CE1 CZ   doub Y N 254 
PHE CE1 HE1  sing N N 255 
PHE CE2 CZ   sing Y N 256 
PHE CE2 HE2  sing N N 257 
PHE CZ  HZ   sing N N 258 
PHE OXT HXT  sing N N 259 
PRO N   CA   sing N N 260 
PRO N   CD   sing N N 261 
PRO N   H    sing N N 262 
PRO CA  C    sing N N 263 
PRO CA  CB   sing N N 264 
PRO CA  HA   sing N N 265 
PRO C   O    doub N N 266 
PRO C   OXT  sing N N 267 
PRO CB  CG   sing N N 268 
PRO CB  HB2  sing N N 269 
PRO CB  HB3  sing N N 270 
PRO CG  CD   sing N N 271 
PRO CG  HG2  sing N N 272 
PRO CG  HG3  sing N N 273 
PRO CD  HD2  sing N N 274 
PRO CD  HD3  sing N N 275 
PRO OXT HXT  sing N N 276 
SER N   CA   sing N N 277 
SER N   H    sing N N 278 
SER N   H2   sing N N 279 
SER CA  C    sing N N 280 
SER CA  CB   sing N N 281 
SER CA  HA   sing N N 282 
SER C   O    doub N N 283 
SER C   OXT  sing N N 284 
SER CB  OG   sing N N 285 
SER CB  HB2  sing N N 286 
SER CB  HB3  sing N N 287 
SER OG  HG   sing N N 288 
SER OXT HXT  sing N N 289 
THR N   CA   sing N N 290 
THR N   H    sing N N 291 
THR N   H2   sing N N 292 
THR CA  C    sing N N 293 
THR CA  CB   sing N N 294 
THR CA  HA   sing N N 295 
THR C   O    doub N N 296 
THR C   OXT  sing N N 297 
THR CB  OG1  sing N N 298 
THR CB  CG2  sing N N 299 
THR CB  HB   sing N N 300 
THR OG1 HG1  sing N N 301 
THR CG2 HG21 sing N N 302 
THR CG2 HG22 sing N N 303 
THR CG2 HG23 sing N N 304 
THR OXT HXT  sing N N 305 
TRP N   CA   sing N N 306 
TRP N   H    sing N N 307 
TRP N   H2   sing N N 308 
TRP CA  C    sing N N 309 
TRP CA  CB   sing N N 310 
TRP CA  HA   sing N N 311 
TRP C   O    doub N N 312 
TRP C   OXT  sing N N 313 
TRP CB  CG   sing N N 314 
TRP CB  HB2  sing N N 315 
TRP CB  HB3  sing N N 316 
TRP CG  CD1  doub Y N 317 
TRP CG  CD2  sing Y N 318 
TRP CD1 NE1  sing Y N 319 
TRP CD1 HD1  sing N N 320 
TRP CD2 CE2  doub Y N 321 
TRP CD2 CE3  sing Y N 322 
TRP NE1 CE2  sing Y N 323 
TRP NE1 HE1  sing N N 324 
TRP CE2 CZ2  sing Y N 325 
TRP CE3 CZ3  doub Y N 326 
TRP CE3 HE3  sing N N 327 
TRP CZ2 CH2  doub Y N 328 
TRP CZ2 HZ2  sing N N 329 
TRP CZ3 CH2  sing Y N 330 
TRP CZ3 HZ3  sing N N 331 
TRP CH2 HH2  sing N N 332 
TRP OXT HXT  sing N N 333 
TYR N   CA   sing N N 334 
TYR N   H    sing N N 335 
TYR N   H2   sing N N 336 
TYR CA  C    sing N N 337 
TYR CA  CB   sing N N 338 
TYR CA  HA   sing N N 339 
TYR C   O    doub N N 340 
TYR C   OXT  sing N N 341 
TYR CB  CG   sing N N 342 
TYR CB  HB2  sing N N 343 
TYR CB  HB3  sing N N 344 
TYR CG  CD1  doub Y N 345 
TYR CG  CD2  sing Y N 346 
TYR CD1 CE1  sing Y N 347 
TYR CD1 HD1  sing N N 348 
TYR CD2 CE2  doub Y N 349 
TYR CD2 HD2  sing N N 350 
TYR CE1 CZ   doub Y N 351 
TYR CE1 HE1  sing N N 352 
TYR CE2 CZ   sing Y N 353 
TYR CE2 HE2  sing N N 354 
TYR CZ  OH   sing N N 355 
TYR OH  HH   sing N N 356 
TYR OXT HXT  sing N N 357 
VAL N   CA   sing N N 358 
VAL N   H    sing N N 359 
VAL N   H2   sing N N 360 
VAL CA  C    sing N N 361 
VAL CA  CB   sing N N 362 
VAL CA  HA   sing N N 363 
VAL C   O    doub N N 364 
VAL C   OXT  sing N N 365 
VAL CB  CG1  sing N N 366 
VAL CB  CG2  sing N N 367 
VAL CB  HB   sing N N 368 
VAL CG1 HG11 sing N N 369 
VAL CG1 HG12 sing N N 370 
VAL CG1 HG13 sing N N 371 
VAL CG2 HG21 sing N N 372 
VAL CG2 HG22 sing N N 373 
VAL CG2 HG23 sing N N 374 
VAL OXT HXT  sing N N 375 
# 
_pdbx_initial_refinement_model.accession_code   ? 
_pdbx_initial_refinement_model.id               1 
_pdbx_initial_refinement_model.entity_id_list   ? 
_pdbx_initial_refinement_model.type             'experimental model' 
_pdbx_initial_refinement_model.source_name      Other 
_pdbx_initial_refinement_model.details          'TRAF6 apo form' 
# 
_atom_sites.entry_id                    1LB5 
_atom_sites.fract_transf_matrix[1][1]   0.00645124 
_atom_sites.fract_transf_matrix[1][2]   -0.02435767 
_atom_sites.fract_transf_matrix[1][3]   -0.00761485 
_atom_sites.fract_transf_matrix[2][1]   -0.01523299 
_atom_sites.fract_transf_matrix[2][2]   0.00101575 
_atom_sites.fract_transf_matrix[2][3]   -0.01615437 
_atom_sites.fract_transf_matrix[3][1]   0.00643710 
_atom_sites.fract_transf_matrix[3][2]   0.00353307 
_atom_sites.fract_transf_matrix[3][3]   -0.00584781 
_atom_sites.fract_transf_vector[1]      0.157878 
_atom_sites.fract_transf_vector[2]      0.277366 
_atom_sites.fract_transf_vector[3]      0.125377 
# 
loop_
_atom_type.symbol 
C 
N 
O 
S 
# 
loop_
_atom_site.group_PDB 
_atom_site.id 
_atom_site.type_symbol 
_atom_site.label_atom_id 
_atom_site.label_alt_id 
_atom_site.label_comp_id 
_atom_site.label_asym_id 
_atom_site.label_entity_id 
_atom_site.label_seq_id 
_atom_site.pdbx_PDB_ins_code 
_atom_site.Cartn_x 
_atom_site.Cartn_y 
_atom_site.Cartn_z 
_atom_site.occupancy 
_atom_site.B_iso_or_equiv 
_atom_site.pdbx_formal_charge 
_atom_site.auth_seq_id 
_atom_site.auth_comp_id 
_atom_site.auth_asym_id 
_atom_site.auth_atom_id 
_atom_site.pdbx_PDB_model_num 
ATOM   1    N N   . GLN A 1 1   ? 21.229  9.815   -12.344 1.00 33.86 ? 347 GLN A N   1 
ATOM   2    C CA  . GLN A 1 1   ? 20.381  9.911   -11.119 1.00 34.43 ? 347 GLN A CA  1 
ATOM   3    C C   . GLN A 1 1   ? 19.038  9.207   -11.305 1.00 34.52 ? 347 GLN A C   1 
ATOM   4    O O   . GLN A 1 1   ? 18.453  9.248   -12.389 1.00 34.95 ? 347 GLN A O   1 
ATOM   5    C CB  . GLN A 1 1   ? 20.152  11.379  -10.760 1.00 34.00 ? 347 GLN A CB  1 
ATOM   6    N N   . GLN A 1 2   ? 18.559  8.562   -10.243 1.00 34.63 ? 348 GLN A N   1 
ATOM   7    C CA  . GLN A 1 2   ? 17.280  7.861   -10.276 1.00 34.22 ? 348 GLN A CA  1 
ATOM   8    C C   . GLN A 1 2   ? 16.197  8.911   -10.501 1.00 33.42 ? 348 GLN A C   1 
ATOM   9    O O   . GLN A 1 2   ? 16.426  10.102  -10.290 1.00 33.04 ? 348 GLN A O   1 
ATOM   10   C CB  . GLN A 1 2   ? 16.996  7.159   -8.942  1.00 35.47 ? 348 GLN A CB  1 
ATOM   11   C CG  . GLN A 1 2   ? 18.153  6.379   -8.331  1.00 37.57 ? 348 GLN A CG  1 
ATOM   12   C CD  . GLN A 1 2   ? 18.556  5.170   -9.139  1.00 37.81 ? 348 GLN A CD  1 
ATOM   13   O OE1 . GLN A 1 2   ? 19.018  5.293   -10.274 1.00 39.68 ? 348 GLN A OE1 1 
ATOM   14   N NE2 . GLN A 1 2   ? 18.385  3.988   -8.558  1.00 37.82 ? 348 GLN A NE2 1 
ATOM   15   N N   . CYS A 1 3   ? 15.012  8.464   -10.907 1.00 31.88 ? 349 CYS A N   1 
ATOM   16   C CA  . CYS A 1 3   ? 13.909  9.378   -11.158 1.00 30.82 ? 349 CYS A CA  1 
ATOM   17   C C   . CYS A 1 3   ? 12.648  8.981   -10.387 1.00 28.15 ? 349 CYS A C   1 
ATOM   18   O O   . CYS A 1 3   ? 11.761  9.804   -10.175 1.00 27.28 ? 349 CYS A O   1 
ATOM   19   C CB  . CYS A 1 3   ? 13.607  9.418   -12.660 1.00 33.03 ? 349 CYS A CB  1 
ATOM   20   S SG  . CYS A 1 3   ? 12.313  10.590  -13.141 1.00 40.03 ? 349 CYS A SG  1 
ATOM   21   N N   . ASN A 1 4   ? 12.573  7.725   -9.963  1.00 25.23 ? 350 ASN A N   1 
ATOM   22   C CA  . ASN A 1 4   ? 11.399  7.251   -9.233  1.00 23.74 ? 350 ASN A CA  1 
ATOM   23   C C   . ASN A 1 4   ? 11.287  7.773   -7.802  1.00 22.04 ? 350 ASN A C   1 
ATOM   24   O O   . ASN A 1 4   ? 12.280  7.871   -7.077  1.00 21.00 ? 350 ASN A O   1 
ATOM   25   C CB  . ASN A 1 4   ? 11.371  5.720   -9.193  1.00 23.39 ? 350 ASN A CB  1 
ATOM   26   C CG  . ASN A 1 4   ? 11.370  5.099   -10.573 1.00 23.10 ? 350 ASN A CG  1 
ATOM   27   O OD1 . ASN A 1 4   ? 11.084  5.763   -11.566 1.00 22.62 ? 350 ASN A OD1 1 
ATOM   28   N ND2 . ASN A 1 4   ? 11.677  3.813   -10.638 1.00 23.04 ? 350 ASN A ND2 1 
ATOM   29   N N   . GLY A 1 5   ? 10.061  8.105   -7.407  1.00 20.26 ? 351 GLY A N   1 
ATOM   30   C CA  . GLY A 1 5   ? 9.818   8.576   -6.057  1.00 18.46 ? 351 GLY A CA  1 
ATOM   31   C C   . GLY A 1 5   ? 9.514   7.363   -5.198  1.00 17.86 ? 351 GLY A C   1 
ATOM   32   O O   . GLY A 1 5   ? 8.709   6.514   -5.584  1.00 16.36 ? 351 GLY A O   1 
ATOM   33   N N   . ILE A 1 6   ? 10.161  7.269   -4.040  1.00 16.28 ? 352 ILE A N   1 
ATOM   34   C CA  . ILE A 1 6   ? 9.960   6.135   -3.146  1.00 15.22 ? 352 ILE A CA  1 
ATOM   35   C C   . ILE A 1 6   ? 9.575   6.590   -1.747  1.00 14.75 ? 352 ILE A C   1 
ATOM   36   O O   . ILE A 1 6   ? 10.258  7.425   -1.146  1.00 14.74 ? 352 ILE A O   1 
ATOM   37   C CB  . ILE A 1 6   ? 11.241  5.279   -3.057  1.00 16.06 ? 352 ILE A CB  1 
ATOM   38   C CG1 . ILE A 1 6   ? 11.604  4.760   -4.453  1.00 16.74 ? 352 ILE A CG1 1 
ATOM   39   C CG2 . ILE A 1 6   ? 11.039  4.122   -2.079  1.00 15.30 ? 352 ILE A CG2 1 
ATOM   40   C CD1 . ILE A 1 6   ? 13.070  4.452   -4.630  1.00 17.02 ? 352 ILE A CD1 1 
ATOM   41   N N   . TYR A 1 7   ? 8.481   6.035   -1.233  1.00 14.13 ? 353 TYR A N   1 
ATOM   42   C CA  . TYR A 1 7   ? 8.001   6.369   0.101   1.00 14.07 ? 353 TYR A CA  1 
ATOM   43   C C   . TYR A 1 7   ? 8.110   5.160   1.034   1.00 14.16 ? 353 TYR A C   1 
ATOM   44   O O   . TYR A 1 7   ? 7.817   4.027   0.641   1.00 14.15 ? 353 TYR A O   1 
ATOM   45   C CB  . TYR A 1 7   ? 6.543   6.832   0.032   1.00 13.98 ? 353 TYR A CB  1 
ATOM   46   C CG  . TYR A 1 7   ? 5.982   7.265   1.365   1.00 15.80 ? 353 TYR A CG  1 
ATOM   47   C CD1 . TYR A 1 7   ? 6.385   8.462   1.953   1.00 16.04 ? 353 TYR A CD1 1 
ATOM   48   C CD2 . TYR A 1 7   ? 5.064   6.471   2.051   1.00 15.97 ? 353 TYR A CD2 1 
ATOM   49   C CE1 . TYR A 1 7   ? 5.887   8.858   3.190   1.00 16.56 ? 353 TYR A CE1 1 
ATOM   50   C CE2 . TYR A 1 7   ? 4.561   6.859   3.290   1.00 17.23 ? 353 TYR A CE2 1 
ATOM   51   C CZ  . TYR A 1 7   ? 4.977   8.053   3.851   1.00 16.90 ? 353 TYR A CZ  1 
ATOM   52   O OH  . TYR A 1 7   ? 4.482   8.448   5.070   1.00 18.49 ? 353 TYR A OH  1 
ATOM   53   N N   . ILE A 1 8   ? 8.562   5.404   2.259   1.00 14.73 ? 354 ILE A N   1 
ATOM   54   C CA  . ILE A 1 8   ? 8.686   4.344   3.257   1.00 14.28 ? 354 ILE A CA  1 
ATOM   55   C C   . ILE A 1 8   ? 7.599   4.620   4.287   1.00 14.06 ? 354 ILE A C   1 
ATOM   56   O O   . ILE A 1 8   ? 7.629   5.644   4.967   1.00 13.56 ? 354 ILE A O   1 
ATOM   57   C CB  . ILE A 1 8   ? 10.053  4.374   3.979   1.00 14.27 ? 354 ILE A CB  1 
ATOM   58   C CG1 . ILE A 1 8   ? 11.199  4.244   2.972   1.00 13.93 ? 354 ILE A CG1 1 
ATOM   59   C CG2 . ILE A 1 8   ? 10.117  3.237   5.009   1.00 14.91 ? 354 ILE A CG2 1 
ATOM   60   C CD1 . ILE A 1 8   ? 11.310  2.883   2.313   1.00 12.80 ? 354 ILE A CD1 1 
ATOM   61   N N   . TRP A 1 9   ? 6.632   3.717   4.389   1.00 13.90 ? 355 TRP A N   1 
ATOM   62   C CA  . TRP A 1 9   ? 5.533   3.889   5.331   1.00 13.87 ? 355 TRP A CA  1 
ATOM   63   C C   . TRP A 1 9   ? 5.779   3.084   6.604   1.00 14.31 ? 355 TRP A C   1 
ATOM   64   O O   . TRP A 1 9   ? 5.756   1.860   6.589   1.00 13.28 ? 355 TRP A O   1 
ATOM   65   C CB  . TRP A 1 9   ? 4.218   3.463   4.668   1.00 12.83 ? 355 TRP A CB  1 
ATOM   66   C CG  . TRP A 1 9   ? 2.986   3.608   5.526   1.00 12.42 ? 355 TRP A CG  1 
ATOM   67   C CD1 . TRP A 1 9   ? 2.835   4.398   6.630   1.00 12.89 ? 355 TRP A CD1 1 
ATOM   68   C CD2 . TRP A 1 9   ? 1.720   2.967   5.315   1.00 12.01 ? 355 TRP A CD2 1 
ATOM   69   N NE1 . TRP A 1 9   ? 1.553   4.289   7.124   1.00 11.88 ? 355 TRP A NE1 1 
ATOM   70   C CE2 . TRP A 1 9   ? 0.848   3.416   6.333   1.00 12.30 ? 355 TRP A CE2 1 
ATOM   71   C CE3 . TRP A 1 9   ? 1.237   2.057   4.361   1.00 11.97 ? 355 TRP A CE3 1 
ATOM   72   C CZ2 . TRP A 1 9   ? -0.485  2.987   6.428   1.00 10.51 ? 355 TRP A CZ2 1 
ATOM   73   C CZ3 . TRP A 1 9   ? -0.089  1.628   4.454   1.00 10.02 ? 355 TRP A CZ3 1 
ATOM   74   C CH2 . TRP A 1 9   ? -0.932  2.095   5.483   1.00 11.38 ? 355 TRP A CH2 1 
ATOM   75   N N   . LYS A 1 10  ? 6.027   3.788   7.703   1.00 15.43 ? 356 LYS A N   1 
ATOM   76   C CA  . LYS A 1 10  ? 6.266   3.143   8.982   1.00 17.95 ? 356 LYS A CA  1 
ATOM   77   C C   . LYS A 1 10  ? 4.966   2.968   9.763   1.00 18.36 ? 356 LYS A C   1 
ATOM   78   O O   . LYS A 1 10  ? 4.350   3.945   10.194  1.00 18.45 ? 356 LYS A O   1 
ATOM   79   C CB  . LYS A 1 10  ? 7.250   3.964   9.818   1.00 19.60 ? 356 LYS A CB  1 
ATOM   80   C CG  . LYS A 1 10  ? 8.633   4.086   9.206   1.00 21.31 ? 356 LYS A CG  1 
ATOM   81   C CD  . LYS A 1 10  ? 9.578   4.804   10.153  1.00 24.14 ? 356 LYS A CD  1 
ATOM   82   C CE  . LYS A 1 10  ? 10.959  4.962   9.543   1.00 26.08 ? 356 LYS A CE  1 
ATOM   83   N NZ  . LYS A 1 10  ? 11.907  5.578   10.516  1.00 27.44 ? 356 LYS A NZ  1 
ATOM   84   N N   . ILE A 1 11  ? 4.547   1.721   9.936   1.00 17.97 ? 357 ILE A N   1 
ATOM   85   C CA  . ILE A 1 11  ? 3.330   1.436   10.683  1.00 18.83 ? 357 ILE A CA  1 
ATOM   86   C C   . ILE A 1 11  ? 3.721   0.895   12.060  1.00 19.36 ? 357 ILE A C   1 
ATOM   87   O O   . ILE A 1 11  ? 4.074   -0.280  12.203  1.00 19.78 ? 357 ILE A O   1 
ATOM   88   C CB  . ILE A 1 11  ? 2.449   0.403   9.950   1.00 18.13 ? 357 ILE A CB  1 
ATOM   89   C CG1 . ILE A 1 11  ? 2.178   0.883   8.519   1.00 18.28 ? 357 ILE A CG1 1 
ATOM   90   C CG2 . ILE A 1 11  ? 1.131   0.225   10.695  1.00 18.34 ? 357 ILE A CG2 1 
ATOM   91   C CD1 . ILE A 1 11  ? 1.399   -0.101  7.678   1.00 18.55 ? 357 ILE A CD1 1 
ATOM   92   N N   . GLY A 1 12  ? 3.660   1.764   13.063  1.00 19.94 ? 358 GLY A N   1 
ATOM   93   C CA  . GLY A 1 12  ? 4.023   1.379   14.414  1.00 20.95 ? 358 GLY A CA  1 
ATOM   94   C C   . GLY A 1 12  ? 2.879   0.773   15.206  1.00 21.58 ? 358 GLY A C   1 
ATOM   95   O O   . GLY A 1 12  ? 1.773   0.607   14.689  1.00 21.52 ? 358 GLY A O   1 
ATOM   96   N N   . ASN A 1 13  ? 3.147   0.455   16.469  1.00 21.95 ? 359 ASN A N   1 
ATOM   97   C CA  . ASN A 1 13  ? 2.146   -0.152  17.349  1.00 23.14 ? 359 ASN A CA  1 
ATOM   98   C C   . ASN A 1 13  ? 1.506   -1.333  16.642  1.00 22.81 ? 359 ASN A C   1 
ATOM   99   O O   . ASN A 1 13  ? 0.332   -1.643  16.863  1.00 23.07 ? 359 ASN A O   1 
ATOM   100  C CB  . ASN A 1 13  ? 1.053   0.855   17.716  1.00 24.46 ? 359 ASN A CB  1 
ATOM   101  C CG  . ASN A 1 13  ? 1.599   2.080   18.411  1.00 26.53 ? 359 ASN A CG  1 
ATOM   102  O OD1 . ASN A 1 13  ? 2.052   3.023   17.768  1.00 28.04 ? 359 ASN A OD1 1 
ATOM   103  N ND2 . ASN A 1 13  ? 1.569   2.065   19.739  1.00 27.39 ? 359 ASN A ND2 1 
ATOM   104  N N   . PHE A 1 14  ? 2.281   -2.000  15.797  1.00 22.83 ? 360 PHE A N   1 
ATOM   105  C CA  . PHE A 1 14  ? 1.749   -3.122  15.049  1.00 22.33 ? 360 PHE A CA  1 
ATOM   106  C C   . PHE A 1 14  ? 1.219   -4.243  15.938  1.00 22.57 ? 360 PHE A C   1 
ATOM   107  O O   . PHE A 1 14  ? 0.206   -4.869  15.616  1.00 22.17 ? 360 PHE A O   1 
ATOM   108  C CB  . PHE A 1 14  ? 2.792   -3.674  14.080  1.00 21.68 ? 360 PHE A CB  1 
ATOM   109  C CG  . PHE A 1 14  ? 2.186   -4.244  12.840  1.00 21.43 ? 360 PHE A CG  1 
ATOM   110  C CD1 . PHE A 1 14  ? 1.653   -3.398  11.872  1.00 20.89 ? 360 PHE A CD1 1 
ATOM   111  C CD2 . PHE A 1 14  ? 2.037   -5.616  12.689  1.00 20.89 ? 360 PHE A CD2 1 
ATOM   112  C CE1 . PHE A 1 14  ? 0.971   -3.907  10.772  1.00 20.41 ? 360 PHE A CE1 1 
ATOM   113  C CE2 . PHE A 1 14  ? 1.356   -6.138  11.591  1.00 21.83 ? 360 PHE A CE2 1 
ATOM   114  C CZ  . PHE A 1 14  ? 0.819   -5.278  10.632  1.00 20.77 ? 360 PHE A CZ  1 
ATOM   115  N N   . GLY A 1 15  ? 1.899   -4.494  17.053  1.00 21.89 ? 361 GLY A N   1 
ATOM   116  C CA  . GLY A 1 15  ? 1.452   -5.539  17.957  1.00 21.53 ? 361 GLY A CA  1 
ATOM   117  C C   . GLY A 1 15  ? 0.007   -5.315  18.364  1.00 20.93 ? 361 GLY A C   1 
ATOM   118  O O   . GLY A 1 15  ? -0.761  -6.259  18.537  1.00 21.14 ? 361 GLY A O   1 
ATOM   119  N N   . MET A 1 16  ? -0.363  -4.050  18.518  1.00 20.71 ? 362 MET A N   1 
ATOM   120  C CA  . MET A 1 16  ? -1.718  -3.698  18.900  1.00 21.01 ? 362 MET A CA  1 
ATOM   121  C C   . MET A 1 16  ? -2.696  -4.019  17.773  1.00 20.01 ? 362 MET A C   1 
ATOM   122  O O   . MET A 1 16  ? -3.781  -4.549  18.011  1.00 19.11 ? 362 MET A O   1 
ATOM   123  C CB  . MET A 1 16  ? -1.790  -2.213  19.230  1.00 24.39 ? 362 MET A CB  1 
ATOM   124  C CG  . MET A 1 16  ? -3.141  -1.756  19.729  1.00 27.81 ? 362 MET A CG  1 
ATOM   125  S SD  . MET A 1 16  ? -3.158  0.032   19.852  1.00 33.21 ? 362 MET A SD  1 
ATOM   126  C CE  . MET A 1 16  ? -1.982  0.286   21.203  1.00 31.94 ? 362 MET A CE  1 
ATOM   127  N N   . HIS A 1 17  ? -2.313  -3.688  16.544  1.00 18.76 ? 363 HIS A N   1 
ATOM   128  C CA  . HIS A 1 17  ? -3.166  -3.959  15.396  1.00 18.28 ? 363 HIS A CA  1 
ATOM   129  C C   . HIS A 1 17  ? -3.413  -5.457  15.285  1.00 17.02 ? 363 HIS A C   1 
ATOM   130  O O   . HIS A 1 17  ? -4.536  -5.891  15.042  1.00 17.15 ? 363 HIS A O   1 
ATOM   131  C CB  . HIS A 1 17  ? -2.513  -3.439  14.114  1.00 18.29 ? 363 HIS A CB  1 
ATOM   132  C CG  . HIS A 1 17  ? -2.236  -1.969  14.137  1.00 19.82 ? 363 HIS A CG  1 
ATOM   133  N ND1 . HIS A 1 17  ? -3.216  -1.033  14.388  1.00 19.58 ? 363 HIS A ND1 1 
ATOM   134  C CD2 . HIS A 1 17  ? -1.089  -1.273  13.952  1.00 20.37 ? 363 HIS A CD2 1 
ATOM   135  C CE1 . HIS A 1 17  ? -2.685  0.177   14.357  1.00 19.92 ? 363 HIS A CE1 1 
ATOM   136  N NE2 . HIS A 1 17  ? -1.395  0.058   14.094  1.00 20.41 ? 363 HIS A NE2 1 
ATOM   137  N N   . LEU A 1 18  ? -2.359  -6.245  15.470  1.00 17.26 ? 364 LEU A N   1 
ATOM   138  C CA  . LEU A 1 18  ? -2.477  -7.699  15.394  1.00 16.97 ? 364 LEU A CA  1 
ATOM   139  C C   . LEU A 1 18  ? -3.411  -8.219  16.480  1.00 16.97 ? 364 LEU A C   1 
ATOM   140  O O   . LEU A 1 18  ? -4.193  -9.137  16.243  1.00 15.85 ? 364 LEU A O   1 
ATOM   141  C CB  . LEU A 1 18  ? -1.105  -8.357  15.541  1.00 18.01 ? 364 LEU A CB  1 
ATOM   142  C CG  . LEU A 1 18  ? -0.166  -8.306  14.334  1.00 19.11 ? 364 LEU A CG  1 
ATOM   143  C CD1 . LEU A 1 18  ? 1.193   -8.842  14.743  1.00 19.65 ? 364 LEU A CD1 1 
ATOM   144  C CD2 . LEU A 1 18  ? -0.747  -9.130  13.183  1.00 18.60 ? 364 LEU A CD2 1 
ATOM   145  N N   . LYS A 1 19  ? -3.319  -7.635  17.675  1.00 16.73 ? 365 LYS A N   1 
ATOM   146  C CA  . LYS A 1 19  ? -4.175  -8.036  18.784  1.00 17.90 ? 365 LYS A CA  1 
ATOM   147  C C   . LYS A 1 19  ? -5.635  -7.783  18.420  1.00 17.12 ? 365 LYS A C   1 
ATOM   148  O O   . LYS A 1 19  ? -6.497  -8.621  18.664  1.00 17.22 ? 365 LYS A O   1 
ATOM   149  C CB  . LYS A 1 19  ? -3.829  -7.248  20.052  1.00 19.35 ? 365 LYS A CB  1 
ATOM   150  C CG  . LYS A 1 19  ? -4.706  -7.606  21.254  1.00 22.01 ? 365 LYS A CG  1 
ATOM   151  C CD  . LYS A 1 19  ? -4.606  -6.560  22.367  1.00 24.24 ? 365 LYS A CD  1 
ATOM   152  C CE  . LYS A 1 19  ? -5.472  -6.931  23.568  1.00 24.91 ? 365 LYS A CE  1 
ATOM   153  N NZ  . LYS A 1 19  ? -4.969  -8.164  24.245  1.00 27.04 ? 365 LYS A NZ  1 
ATOM   154  N N   . CYS A 1 20  ? -5.913  -6.616  17.844  1.00 16.54 ? 366 CYS A N   1 
ATOM   155  C CA  . CYS A 1 20  ? -7.279  -6.289  17.452  1.00 16.50 ? 366 CYS A CA  1 
ATOM   156  C C   . CYS A 1 20  ? -7.813  -7.307  16.446  1.00 15.51 ? 366 CYS A C   1 
ATOM   157  O O   . CYS A 1 20  ? -8.927  -7.815  16.595  1.00 14.21 ? 366 CYS A O   1 
ATOM   158  C CB  . CYS A 1 20  ? -7.346  -4.882  16.846  1.00 18.17 ? 366 CYS A CB  1 
ATOM   159  S SG  . CYS A 1 20  ? -7.317  -3.555  18.081  1.00 24.00 ? 366 CYS A SG  1 
ATOM   160  N N   . GLN A 1 21  ? -7.010  -7.598  15.426  1.00 14.53 ? 367 GLN A N   1 
ATOM   161  C CA  . GLN A 1 21  ? -7.399  -8.551  14.390  1.00 15.06 ? 367 GLN A CA  1 
ATOM   162  C C   . GLN A 1 21  ? -7.755  -9.901  15.015  1.00 15.78 ? 367 GLN A C   1 
ATOM   163  O O   . GLN A 1 21  ? -8.746  -10.522 14.639  1.00 14.49 ? 367 GLN A O   1 
ATOM   164  C CB  . GLN A 1 21  ? -6.258  -8.710  13.371  1.00 13.80 ? 367 GLN A CB  1 
ATOM   165  C CG  . GLN A 1 21  ? -6.639  -9.423  12.074  1.00 13.41 ? 367 GLN A CG  1 
ATOM   166  C CD  . GLN A 1 21  ? -6.618  -10.939 12.191  1.00 14.06 ? 367 GLN A CD  1 
ATOM   167  O OE1 . GLN A 1 21  ? -7.132  -11.648 11.316  1.00 14.95 ? 367 GLN A OE1 1 
ATOM   168  N NE2 . GLN A 1 21  ? -6.016  -11.445 13.265  1.00 11.18 ? 367 GLN A NE2 1 
ATOM   169  N N   . GLU A 1 22  ? -6.944  -10.337 15.977  1.00 17.15 ? 368 GLU A N   1 
ATOM   170  C CA  . GLU A 1 22  ? -7.156  -11.604 16.668  1.00 19.34 ? 368 GLU A CA  1 
ATOM   171  C C   . GLU A 1 22  ? -8.391  -11.598 17.559  1.00 19.92 ? 368 GLU A C   1 
ATOM   172  O O   . GLU A 1 22  ? -8.866  -12.658 17.972  1.00 20.40 ? 368 GLU A O   1 
ATOM   173  C CB  . GLU A 1 22  ? -5.923  -11.957 17.507  1.00 21.62 ? 368 GLU A CB  1 
ATOM   174  C CG  . GLU A 1 22  ? -4.725  -12.379 16.675  1.00 25.80 ? 368 GLU A CG  1 
ATOM   175  C CD  . GLU A 1 22  ? -3.433  -12.401 17.469  1.00 28.02 ? 368 GLU A CD  1 
ATOM   176  O OE1 . GLU A 1 22  ? -3.433  -12.935 18.600  1.00 29.91 ? 368 GLU A OE1 1 
ATOM   177  O OE2 . GLU A 1 22  ? -2.416  -11.888 16.955  1.00 30.55 ? 368 GLU A OE2 1 
ATOM   178  N N   . GLU A 1 23  ? -8.901  -10.410 17.871  1.00 19.33 ? 369 GLU A N   1 
ATOM   179  C CA  . GLU A 1 23  ? -10.097 -10.287 18.699  1.00 19.95 ? 369 GLU A CA  1 
ATOM   180  C C   . GLU A 1 23  ? -11.284 -9.960  17.798  1.00 18.95 ? 369 GLU A C   1 
ATOM   181  O O   . GLU A 1 23  ? -12.329 -9.500  18.260  1.00 18.92 ? 369 GLU A O   1 
ATOM   182  C CB  . GLU A 1 23  ? -9.926  -9.184  19.752  1.00 21.78 ? 369 GLU A CB  1 
ATOM   183  C CG  . GLU A 1 23  ? -8.670  -9.317  20.605  1.00 25.04 ? 369 GLU A CG  1 
ATOM   184  C CD  . GLU A 1 23  ? -8.673  -8.394  21.814  1.00 27.22 ? 369 GLU A CD  1 
ATOM   185  O OE1 . GLU A 1 23  ? -9.425  -7.392  21.803  1.00 28.95 ? 369 GLU A OE1 1 
ATOM   186  O OE2 . GLU A 1 23  ? -7.916  -8.669  22.770  1.00 27.95 ? 369 GLU A OE2 1 
ATOM   187  N N   . GLU A 1 24  ? -11.102 -10.192 16.502  1.00 18.11 ? 370 GLU A N   1 
ATOM   188  C CA  . GLU A 1 24  ? -12.136 -9.952  15.503  1.00 17.77 ? 370 GLU A CA  1 
ATOM   189  C C   . GLU A 1 24  ? -12.576 -8.492  15.409  1.00 17.80 ? 370 GLU A C   1 
ATOM   190  O O   . GLU A 1 24  ? -13.756 -8.196  15.213  1.00 16.84 ? 370 GLU A O   1 
ATOM   191  C CB  . GLU A 1 24  ? -13.344 -10.846 15.778  1.00 19.24 ? 370 GLU A CB  1 
ATOM   192  C CG  . GLU A 1 24  ? -12.983 -12.314 15.955  1.00 20.48 ? 370 GLU A CG  1 
ATOM   193  C CD  . GLU A 1 24  ? -14.197 -13.180 16.220  1.00 22.96 ? 370 GLU A CD  1 
ATOM   194  O OE1 . GLU A 1 24  ? -14.909 -13.524 15.249  1.00 23.52 ? 370 GLU A OE1 1 
ATOM   195  O OE2 . GLU A 1 24  ? -14.445 -13.502 17.403  1.00 22.45 ? 370 GLU A OE2 1 
ATOM   196  N N   . LYS A 1 25  ? -11.617 -7.585  15.557  1.00 16.69 ? 371 LYS A N   1 
ATOM   197  C CA  . LYS A 1 25  ? -11.888 -6.158  15.455  1.00 16.63 ? 371 LYS A CA  1 
ATOM   198  C C   . LYS A 1 25  ? -11.255 -5.693  14.156  1.00 14.94 ? 371 LYS A C   1 
ATOM   199  O O   . LYS A 1 25  ? -10.093 -5.980  13.886  1.00 14.90 ? 371 LYS A O   1 
ATOM   200  C CB  . LYS A 1 25  ? -11.282 -5.401  16.640  1.00 18.41 ? 371 LYS A CB  1 
ATOM   201  C CG  . LYS A 1 25  ? -12.069 -5.557  17.938  1.00 21.06 ? 371 LYS A CG  1 
ATOM   202  C CD  . LYS A 1 25  ? -13.480 -5.000  17.766  1.00 25.27 ? 371 LYS A CD  1 
ATOM   203  C CE  . LYS A 1 25  ? -14.295 -5.058  19.053  1.00 28.01 ? 371 LYS A CE  1 
ATOM   204  N NZ  . LYS A 1 25  ? -14.475 -6.453  19.551  1.00 30.56 ? 371 LYS A NZ  1 
ATOM   205  N N   . PRO A 1 26  ? -12.022 -4.989  13.318  1.00 14.49 ? 372 PRO A N   1 
ATOM   206  C CA  . PRO A 1 26  ? -11.453 -4.522  12.053  1.00 14.28 ? 372 PRO A CA  1 
ATOM   207  C C   . PRO A 1 26  ? -10.289 -3.545  12.195  1.00 14.51 ? 372 PRO A C   1 
ATOM   208  O O   . PRO A 1 26  ? -10.239 -2.738  13.135  1.00 13.80 ? 372 PRO A O   1 
ATOM   209  C CB  . PRO A 1 26  ? -12.653 -3.913  11.330  1.00 14.69 ? 372 PRO A CB  1 
ATOM   210  C CG  . PRO A 1 26  ? -13.619 -3.592  12.437  1.00 16.20 ? 372 PRO A CG  1 
ATOM   211  C CD  . PRO A 1 26  ? -13.469 -4.728  13.387  1.00 13.74 ? 372 PRO A CD  1 
ATOM   212  N N   . VAL A 1 27  ? -9.355  -3.644  11.255  1.00 12.95 ? 373 VAL A N   1 
ATOM   213  C CA  . VAL A 1 27  ? -8.176  -2.787  11.211  1.00 12.78 ? 373 VAL A CA  1 
ATOM   214  C C   . VAL A 1 27  ? -7.999  -2.278  9.782   1.00 12.51 ? 373 VAL A C   1 
ATOM   215  O O   . VAL A 1 27  ? -7.816  -3.064  8.849   1.00 11.47 ? 373 VAL A O   1 
ATOM   216  C CB  . VAL A 1 27  ? -6.875  -3.551  11.600  1.00 13.02 ? 373 VAL A CB  1 
ATOM   217  C CG1 . VAL A 1 27  ? -5.679  -2.597  11.552  1.00 12.15 ? 373 VAL A CG1 1 
ATOM   218  C CG2 . VAL A 1 27  ? -7.006  -4.160  12.994  1.00 11.83 ? 373 VAL A CG2 1 
ATOM   219  N N   . VAL A 1 28  ? -8.096  -0.965  9.614   1.00 11.75 ? 374 VAL A N   1 
ATOM   220  C CA  . VAL A 1 28  ? -7.901  -0.339  8.307   1.00 11.48 ? 374 VAL A CA  1 
ATOM   221  C C   . VAL A 1 28  ? -7.163  0.945   8.625   1.00 11.73 ? 374 VAL A C   1 
ATOM   222  O O   . VAL A 1 28  ? -7.681  1.808   9.344   1.00 11.26 ? 374 VAL A O   1 
ATOM   223  C CB  . VAL A 1 28  ? -9.225  0.009   7.600   1.00 11.39 ? 374 VAL A CB  1 
ATOM   224  C CG1 . VAL A 1 28  ? -8.936  0.512   6.186   1.00 11.69 ? 374 VAL A CG1 1 
ATOM   225  C CG2 . VAL A 1 28  ? -10.119 -1.196  7.547   1.00 12.01 ? 374 VAL A CG2 1 
ATOM   226  N N   . ILE A 1 29  ? -5.951  1.056   8.099   1.00 11.17 ? 375 ILE A N   1 
ATOM   227  C CA  . ILE A 1 29  ? -5.101  2.213   8.349   1.00 11.47 ? 375 ILE A CA  1 
ATOM   228  C C   . ILE A 1 29  ? -4.684  2.857   7.035   1.00 11.04 ? 375 ILE A C   1 
ATOM   229  O O   . ILE A 1 29  ? -4.354  2.162   6.070   1.00 10.98 ? 375 ILE A O   1 
ATOM   230  C CB  . ILE A 1 29  ? -3.798  1.797   9.079   1.00 12.51 ? 375 ILE A CB  1 
ATOM   231  C CG1 . ILE A 1 29  ? -4.111  0.793   10.198  1.00 13.72 ? 375 ILE A CG1 1 
ATOM   232  C CG2 . ILE A 1 29  ? -3.097  3.031   9.641   1.00 12.21 ? 375 ILE A CG2 1 
ATOM   233  C CD1 . ILE A 1 29  ? -2.863  0.267   10.914  1.00 16.69 ? 375 ILE A CD1 1 
ATOM   234  N N   . HIS A 1 30  ? -4.696  4.185   7.008   1.00 10.11 ? 376 HIS A N   1 
ATOM   235  C CA  . HIS A 1 30  ? -4.285  4.935   5.829   1.00 10.20 ? 376 HIS A CA  1 
ATOM   236  C C   . HIS A 1 30  ? -2.922  5.537   6.109   1.00 10.28 ? 376 HIS A C   1 
ATOM   237  O O   . HIS A 1 30  ? -2.636  5.944   7.235   1.00 9.85  ? 376 HIS A O   1 
ATOM   238  C CB  . HIS A 1 30  ? -5.274  6.067   5.534   1.00 10.31 ? 376 HIS A CB  1 
ATOM   239  C CG  . HIS A 1 30  ? -6.561  5.604   4.933   1.00 10.50 ? 376 HIS A CG  1 
ATOM   240  N ND1 . HIS A 1 30  ? -6.762  5.527   3.571   1.00 12.42 ? 376 HIS A ND1 1 
ATOM   241  C CD2 . HIS A 1 30  ? -7.709  5.174   5.508   1.00 10.90 ? 376 HIS A CD2 1 
ATOM   242  C CE1 . HIS A 1 30  ? -7.979  5.070   3.334   1.00 10.34 ? 376 HIS A CE1 1 
ATOM   243  N NE2 . HIS A 1 30  ? -8.574  4.849   4.493   1.00 11.09 ? 376 HIS A NE2 1 
ATOM   244  N N   . SER A 1 31  ? -2.076  5.586   5.089   1.00 11.29 ? 377 SER A N   1 
ATOM   245  C CA  . SER A 1 31  ? -0.753  6.175   5.243   1.00 12.26 ? 377 SER A CA  1 
ATOM   246  C C   . SER A 1 31  ? -0.931  7.674   5.098   1.00 12.76 ? 377 SER A C   1 
ATOM   247  O O   . SER A 1 31  ? -1.978  8.141   4.636   1.00 13.10 ? 377 SER A O   1 
ATOM   248  C CB  . SER A 1 31  ? 0.177   5.715   4.125   1.00 11.92 ? 377 SER A CB  1 
ATOM   249  O OG  . SER A 1 31  ? -0.155  6.377   2.909   1.00 10.76 ? 377 SER A OG  1 
ATOM   250  N N   . PRO A 1 32  ? 0.075   8.456   5.513   1.00 13.89 ? 378 PRO A N   1 
ATOM   251  C CA  . PRO A 1 32  ? -0.093  9.901   5.348   1.00 13.37 ? 378 PRO A CA  1 
ATOM   252  C C   . PRO A 1 32  ? -0.047  10.123  3.835   1.00 13.41 ? 378 PRO A C   1 
ATOM   253  O O   . PRO A 1 32  ? 0.463   9.271   3.102   1.00 12.27 ? 378 PRO A O   1 
ATOM   254  C CB  . PRO A 1 32  ? 1.149   10.475  6.024   1.00 14.48 ? 378 PRO A CB  1 
ATOM   255  C CG  . PRO A 1 32  ? 1.477   9.450   7.076   1.00 14.77 ? 378 PRO A CG  1 
ATOM   256  C CD  . PRO A 1 32  ? 1.258   8.146   6.336   1.00 14.21 ? 378 PRO A CD  1 
ATOM   257  N N   . GLY A 1 33  ? -0.579  11.241  3.359   1.00 12.39 ? 379 GLY A N   1 
ATOM   258  C CA  . GLY A 1 33  ? -0.515  11.499  1.933   1.00 12.95 ? 379 GLY A CA  1 
ATOM   259  C C   . GLY A 1 33  ? 0.931   11.808  1.583   1.00 13.65 ? 379 GLY A C   1 
ATOM   260  O O   . GLY A 1 33  ? 1.618   12.482  2.353   1.00 13.94 ? 379 GLY A O   1 
ATOM   261  N N   . PHE A 1 34  ? 1.409   11.311  0.444   1.00 13.00 ? 380 PHE A N   1 
ATOM   262  C CA  . PHE A 1 34  ? 2.792   11.561  0.038   1.00 12.63 ? 380 PHE A CA  1 
ATOM   263  C C   . PHE A 1 34  ? 2.924   11.799  -1.465  1.00 13.17 ? 380 PHE A C   1 
ATOM   264  O O   . PHE A 1 34  ? 2.084   11.346  -2.249  1.00 12.36 ? 380 PHE A O   1 
ATOM   265  C CB  . PHE A 1 34  ? 3.682   10.391  0.466   1.00 12.30 ? 380 PHE A CB  1 
ATOM   266  C CG  . PHE A 1 34  ? 3.290   9.070   -0.139  1.00 11.58 ? 380 PHE A CG  1 
ATOM   267  C CD1 . PHE A 1 34  ? 3.812   8.669   -1.361  1.00 12.40 ? 380 PHE A CD1 1 
ATOM   268  C CD2 . PHE A 1 34  ? 2.386   8.234   0.512   1.00 11.75 ? 380 PHE A CD2 1 
ATOM   269  C CE1 . PHE A 1 34  ? 3.436   7.449   -1.933  1.00 13.34 ? 380 PHE A CE1 1 
ATOM   270  C CE2 . PHE A 1 34  ? 2.005   7.011   -0.048  1.00 12.72 ? 380 PHE A CE2 1 
ATOM   271  C CZ  . PHE A 1 34  ? 2.531   6.619   -1.272  1.00 12.90 ? 380 PHE A CZ  1 
ATOM   272  N N   . TYR A 1 35  ? 3.976   12.515  -1.862  1.00 13.16 ? 381 TYR A N   1 
ATOM   273  C CA  . TYR A 1 35  ? 4.209   12.814  -3.274  1.00 15.04 ? 381 TYR A CA  1 
ATOM   274  C C   . TYR A 1 35  ? 5.239   11.901  -3.929  1.00 15.57 ? 381 TYR A C   1 
ATOM   275  O O   . TYR A 1 35  ? 6.191   11.461  -3.288  1.00 16.29 ? 381 TYR A O   1 
ATOM   276  C CB  . TYR A 1 35  ? 4.648   14.272  -3.450  1.00 14.74 ? 381 TYR A CB  1 
ATOM   277  C CG  . TYR A 1 35  ? 3.541   15.278  -3.229  1.00 15.49 ? 381 TYR A CG  1 
ATOM   278  C CD1 . TYR A 1 35  ? 3.277   15.794  -1.958  1.00 15.42 ? 381 TYR A CD1 1 
ATOM   279  C CD2 . TYR A 1 35  ? 2.747   15.702  -4.293  1.00 14.60 ? 381 TYR A CD2 1 
ATOM   280  C CE1 . TYR A 1 35  ? 2.245   16.716  -1.757  1.00 15.26 ? 381 TYR A CE1 1 
ATOM   281  C CE2 . TYR A 1 35  ? 1.713   16.616  -4.103  1.00 14.33 ? 381 TYR A CE2 1 
ATOM   282  C CZ  . TYR A 1 35  ? 1.467   17.120  -2.835  1.00 15.13 ? 381 TYR A CZ  1 
ATOM   283  O OH  . TYR A 1 35  ? 0.437   18.017  -2.656  1.00 14.23 ? 381 TYR A OH  1 
ATOM   284  N N   . THR A 1 36  ? 5.043   11.631  -5.218  1.00 16.49 ? 382 THR A N   1 
ATOM   285  C CA  . THR A 1 36  ? 5.951   10.772  -5.975  1.00 16.44 ? 382 THR A CA  1 
ATOM   286  C C   . THR A 1 36  ? 7.136   11.566  -6.517  1.00 17.47 ? 382 THR A C   1 
ATOM   287  O O   . THR A 1 36  ? 8.012   11.016  -7.186  1.00 15.98 ? 382 THR A O   1 
ATOM   288  C CB  . THR A 1 36  ? 5.233   10.101  -7.166  1.00 17.17 ? 382 THR A CB  1 
ATOM   289  O OG1 . THR A 1 36  ? 4.778   11.106  -8.082  1.00 16.68 ? 382 THR A OG1 1 
ATOM   290  C CG2 . THR A 1 36  ? 4.047   9.281   -6.681  1.00 16.12 ? 382 THR A CG2 1 
ATOM   291  N N   . GLY A 1 37  ? 7.155   12.863  -6.219  1.00 17.34 ? 383 GLY A N   1 
ATOM   292  C CA  . GLY A 1 37  ? 8.231   13.719  -6.675  1.00 18.62 ? 383 GLY A CA  1 
ATOM   293  C C   . GLY A 1 37  ? 7.819   15.176  -6.620  1.00 19.56 ? 383 GLY A C   1 
ATOM   294  O O   . GLY A 1 37  ? 6.756   15.511  -6.101  1.00 19.82 ? 383 GLY A O   1 
ATOM   295  N N   . LYS A 1 38  ? 8.662   16.049  -7.162  1.00 20.40 ? 384 LYS A N   1 
ATOM   296  C CA  . LYS A 1 38  ? 8.378   17.477  -7.183  1.00 20.11 ? 384 LYS A CA  1 
ATOM   297  C C   . LYS A 1 38  ? 8.821   18.035  -8.532  1.00 19.74 ? 384 LYS A C   1 
ATOM   298  O O   . LYS A 1 38  ? 9.997   18.340  -8.732  1.00 20.19 ? 384 LYS A O   1 
ATOM   299  C CB  . LYS A 1 38  ? 9.134   18.176  -6.049  1.00 21.27 ? 384 LYS A CB  1 
ATOM   300  C CG  . LYS A 1 38  ? 8.788   19.653  -5.869  1.00 23.77 ? 384 LYS A CG  1 
ATOM   301  C CD  . LYS A 1 38  ? 9.576   20.260  -4.712  1.00 25.40 ? 384 LYS A CD  1 
ATOM   302  C CE  . LYS A 1 38  ? 9.036   21.630  -4.312  1.00 26.96 ? 384 LYS A CE  1 
ATOM   303  N NZ  . LYS A 1 38  ? 9.096   22.618  -5.421  1.00 28.11 ? 384 LYS A NZ  1 
ATOM   304  N N   . PRO A 1 39  ? 7.885   18.166  -9.486  1.00 18.61 ? 385 PRO A N   1 
ATOM   305  C CA  . PRO A 1 39  ? 6.465   17.823  -9.363  1.00 18.06 ? 385 PRO A CA  1 
ATOM   306  C C   . PRO A 1 39  ? 6.224   16.315  -9.291  1.00 17.13 ? 385 PRO A C   1 
ATOM   307  O O   . PRO A 1 39  ? 7.058   15.517  -9.728  1.00 17.18 ? 385 PRO A O   1 
ATOM   308  C CB  . PRO A 1 39  ? 5.859   18.448  -10.617 1.00 18.16 ? 385 PRO A CB  1 
ATOM   309  C CG  . PRO A 1 39  ? 6.957   18.272  -11.621 1.00 19.20 ? 385 PRO A CG  1 
ATOM   310  C CD  . PRO A 1 39  ? 8.189   18.667  -10.839 1.00 18.83 ? 385 PRO A CD  1 
ATOM   311  N N   . GLY A 1 40  ? 5.081   15.937  -8.733  1.00 15.81 ? 386 GLY A N   1 
ATOM   312  C CA  . GLY A 1 40  ? 4.737   14.532  -8.606  1.00 14.62 ? 386 GLY A CA  1 
ATOM   313  C C   . GLY A 1 40  ? 3.289   14.353  -8.193  1.00 14.06 ? 386 GLY A C   1 
ATOM   314  O O   . GLY A 1 40  ? 2.617   15.314  -7.803  1.00 13.43 ? 386 GLY A O   1 
ATOM   315  N N   . TYR A 1 41  ? 2.794   13.125  -8.293  1.00 13.20 ? 387 TYR A N   1 
ATOM   316  C CA  . TYR A 1 41  ? 1.419   12.836  -7.913  1.00 13.06 ? 387 TYR A CA  1 
ATOM   317  C C   . TYR A 1 41  ? 1.344   12.678  -6.408  1.00 13.53 ? 387 TYR A C   1 
ATOM   318  O O   . TYR A 1 41  ? 2.330   12.312  -5.769  1.00 12.45 ? 387 TYR A O   1 
ATOM   319  C CB  . TYR A 1 41  ? 0.926   11.530  -8.550  1.00 13.27 ? 387 TYR A CB  1 
ATOM   320  C CG  . TYR A 1 41  ? 0.883   11.547  -10.056 1.00 13.14 ? 387 TYR A CG  1 
ATOM   321  C CD1 . TYR A 1 41  ? 2.028   11.284  -10.811 1.00 12.81 ? 387 TYR A CD1 1 
ATOM   322  C CD2 . TYR A 1 41  ? -0.294  11.858  -10.728 1.00 12.85 ? 387 TYR A CD2 1 
ATOM   323  C CE1 . TYR A 1 41  ? 2.002   11.334  -12.203 1.00 12.81 ? 387 TYR A CE1 1 
ATOM   324  C CE2 . TYR A 1 41  ? -0.337  11.913  -12.120 1.00 12.98 ? 387 TYR A CE2 1 
ATOM   325  C CZ  . TYR A 1 41  ? 0.814   11.651  -12.849 1.00 13.07 ? 387 TYR A CZ  1 
ATOM   326  O OH  . TYR A 1 41  ? 0.776   11.715  -14.221 1.00 12.74 ? 387 TYR A OH  1 
ATOM   327  N N   . LYS A 1 42  ? 0.172   12.952  -5.848  1.00 13.46 ? 388 LYS A N   1 
ATOM   328  C CA  . LYS A 1 42  ? -0.028  12.794  -4.415  1.00 13.58 ? 388 LYS A CA  1 
ATOM   329  C C   . LYS A 1 42  ? -0.821  11.509  -4.237  1.00 13.20 ? 388 LYS A C   1 
ATOM   330  O O   . LYS A 1 42  ? -1.874  11.328  -4.852  1.00 12.93 ? 388 LYS A O   1 
ATOM   331  C CB  . LYS A 1 42  ? -0.820  13.961  -3.829  1.00 14.06 ? 388 LYS A CB  1 
ATOM   332  C CG  . LYS A 1 42  ? -0.858  13.963  -2.304  1.00 16.28 ? 388 LYS A CG  1 
ATOM   333  C CD  . LYS A 1 42  ? -1.737  15.093  -1.775  1.00 18.03 ? 388 LYS A CD  1 
ATOM   334  C CE  . LYS A 1 42  ? -1.434  15.414  -0.311  1.00 20.79 ? 388 LYS A CE  1 
ATOM   335  N NZ  . LYS A 1 42  ? -1.706  14.266  0.595   1.00 22.16 ? 388 LYS A NZ  1 
ATOM   336  N N   . LEU A 1 43  ? -0.316  10.619  -3.396  1.00 12.00 ? 389 LEU A N   1 
ATOM   337  C CA  . LEU A 1 43  ? -0.985  9.353   -3.156  1.00 12.71 ? 389 LEU A CA  1 
ATOM   338  C C   . LEU A 1 43  ? -1.014  9.041   -1.671  1.00 12.14 ? 389 LEU A C   1 
ATOM   339  O O   . LEU A 1 43  ? -0.438  9.754   -0.852  1.00 12.59 ? 389 LEU A O   1 
ATOM   340  C CB  . LEU A 1 43  ? -0.226  8.215   -3.851  1.00 13.07 ? 389 LEU A CB  1 
ATOM   341  C CG  . LEU A 1 43  ? 0.199   8.369   -5.314  1.00 14.57 ? 389 LEU A CG  1 
ATOM   342  C CD1 . LEU A 1 43  ? 1.144   7.225   -5.702  1.00 14.44 ? 389 LEU A CD1 1 
ATOM   343  C CD2 . LEU A 1 43  ? -1.035  8.380   -6.190  1.00 14.77 ? 389 LEU A CD2 1 
ATOM   344  N N   . CYS A 1 44  ? -1.706  7.961   -1.339  1.00 12.31 ? 390 CYS A N   1 
ATOM   345  C CA  . CYS A 1 44  ? -1.746  7.456   0.025   1.00 12.43 ? 390 CYS A CA  1 
ATOM   346  C C   . CYS A 1 44  ? -2.049  5.984   -0.150  1.00 12.17 ? 390 CYS A C   1 
ATOM   347  O O   . CYS A 1 44  ? -2.549  5.563   -1.204  1.00 12.42 ? 390 CYS A O   1 
ATOM   348  C CB  . CYS A 1 44  ? -2.824  8.137   0.878   1.00 12.10 ? 390 CYS A CB  1 
ATOM   349  S SG  . CYS A 1 44  ? -4.534  7.708   0.501   1.00 14.18 ? 390 CYS A SG  1 
ATOM   350  N N   . MET A 1 45  ? -1.699  5.189   0.850   1.00 11.68 ? 391 MET A N   1 
ATOM   351  C CA  . MET A 1 45  ? -1.978  3.766   0.791   1.00 11.87 ? 391 MET A CA  1 
ATOM   352  C C   . MET A 1 45  ? -3.043  3.456   1.834   1.00 10.88 ? 391 MET A C   1 
ATOM   353  O O   . MET A 1 45  ? -3.276  4.245   2.753   1.00 9.79  ? 391 MET A O   1 
ATOM   354  C CB  . MET A 1 45  ? -0.710  2.946   1.062   1.00 11.89 ? 391 MET A CB  1 
ATOM   355  C CG  . MET A 1 45  ? 0.337   3.046   -0.039  1.00 11.96 ? 391 MET A CG  1 
ATOM   356  S SD  . MET A 1 45  ? 1.789   2.012   0.290   1.00 14.05 ? 391 MET A SD  1 
ATOM   357  C CE  . MET A 1 45  ? 2.767   3.151   1.312   1.00 11.25 ? 391 MET A CE  1 
ATOM   358  N N   . ARG A 1 46  ? -3.706  2.323   1.656   1.00 10.12 ? 392 ARG A N   1 
ATOM   359  C CA  . ARG A 1 46  ? -4.739  1.858   2.567   1.00 10.64 ? 392 ARG A CA  1 
ATOM   360  C C   . ARG A 1 46  ? -4.388  0.406   2.860   1.00 11.10 ? 392 ARG A C   1 
ATOM   361  O O   . ARG A 1 46  ? -4.291  -0.416  1.945   1.00 10.58 ? 392 ARG A O   1 
ATOM   362  C CB  . ARG A 1 46  ? -6.127  1.953   1.912   1.00 10.81 ? 392 ARG A CB  1 
ATOM   363  C CG  . ARG A 1 46  ? -7.243  1.229   2.668   1.00 11.35 ? 392 ARG A CG  1 
ATOM   364  C CD  . ARG A 1 46  ? -8.639  1.581   2.120   1.00 12.86 ? 392 ARG A CD  1 
ATOM   365  N NE  . ARG A 1 46  ? -8.754  1.410   0.668   1.00 12.77 ? 392 ARG A NE  1 
ATOM   366  C CZ  . ARG A 1 46  ? -9.359  0.392   0.059   1.00 13.58 ? 392 ARG A CZ  1 
ATOM   367  N NH1 . ARG A 1 46  ? -9.922  -0.581  0.757   1.00 13.88 ? 392 ARG A NH1 1 
ATOM   368  N NH2 . ARG A 1 46  ? -9.420  0.360   -1.267  1.00 13.33 ? 392 ARG A NH2 1 
ATOM   369  N N   . LEU A 1 47  ? -4.174  0.097   4.133   1.00 11.40 ? 393 LEU A N   1 
ATOM   370  C CA  . LEU A 1 47  ? -3.825  -1.260  4.522   1.00 12.57 ? 393 LEU A CA  1 
ATOM   371  C C   . LEU A 1 47  ? -4.877  -1.834  5.461   1.00 12.19 ? 393 LEU A C   1 
ATOM   372  O O   . LEU A 1 47  ? -5.325  -1.154  6.382   1.00 11.76 ? 393 LEU A O   1 
ATOM   373  C CB  . LEU A 1 47  ? -2.447  -1.271  5.196   1.00 13.21 ? 393 LEU A CB  1 
ATOM   374  C CG  . LEU A 1 47  ? -1.858  -2.630  5.601   1.00 15.04 ? 393 LEU A CG  1 
ATOM   375  C CD1 . LEU A 1 47  ? -0.332  -2.539  5.636   1.00 14.93 ? 393 LEU A CD1 1 
ATOM   376  C CD2 . LEU A 1 47  ? -2.402  -3.049  6.964   1.00 14.71 ? 393 LEU A CD2 1 
ATOM   377  N N   . HIS A 1 48  ? -5.270  -3.082  5.206   1.00 12.32 ? 394 HIS A N   1 
ATOM   378  C CA  . HIS A 1 48  ? -6.266  -3.786  6.019   1.00 12.25 ? 394 HIS A CA  1 
ATOM   379  C C   . HIS A 1 48  ? -5.690  -5.043  6.647   1.00 12.39 ? 394 HIS A C   1 
ATOM   380  O O   . HIS A 1 48  ? -4.811  -5.689  6.076   1.00 11.78 ? 394 HIS A O   1 
ATOM   381  C CB  . HIS A 1 48  ? -7.444  -4.312  5.185   1.00 12.45 ? 394 HIS A CB  1 
ATOM   382  C CG  . HIS A 1 48  ? -8.278  -3.265  4.522   1.00 12.64 ? 394 HIS A CG  1 
ATOM   383  N ND1 . HIS A 1 48  ? -7.772  -2.383  3.591   1.00 13.03 ? 394 HIS A ND1 1 
ATOM   384  C CD2 . HIS A 1 48  ? -9.610  -3.025  4.583   1.00 11.73 ? 394 HIS A CD2 1 
ATOM   385  C CE1 . HIS A 1 48  ? -8.757  -1.649  3.104   1.00 11.93 ? 394 HIS A CE1 1 
ATOM   386  N NE2 . HIS A 1 48  ? -9.883  -2.019  3.687   1.00 11.91 ? 394 HIS A NE2 1 
ATOM   387  N N   . LEU A 1 49  ? -6.202  -5.386  7.825   1.00 12.05 ? 395 LEU A N   1 
ATOM   388  C CA  . LEU A 1 49  ? -5.859  -6.642  8.468   1.00 12.27 ? 395 LEU A CA  1 
ATOM   389  C C   . LEU A 1 49  ? -7.263  -7.252  8.458   1.00 12.07 ? 395 LEU A C   1 
ATOM   390  O O   . LEU A 1 49  ? -8.091  -6.942  9.315   1.00 11.93 ? 395 LEU A O   1 
ATOM   391  C CB  . LEU A 1 49  ? -5.355  -6.454  9.905   1.00 13.58 ? 395 LEU A CB  1 
ATOM   392  C CG  . LEU A 1 49  ? -4.006  -5.741  10.112  1.00 13.30 ? 395 LEU A CG  1 
ATOM   393  C CD1 . LEU A 1 49  ? -3.445  -6.117  11.479  1.00 13.91 ? 395 LEU A CD1 1 
ATOM   394  C CD2 . LEU A 1 49  ? -3.021  -6.150  9.023   1.00 14.34 ? 395 LEU A CD2 1 
ATOM   395  N N   . GLN A 1 50  ? -7.549  -8.072  7.453   1.00 11.94 ? 396 GLN A N   1 
ATOM   396  C CA  . GLN A 1 50  ? -8.874  -8.675  7.331   1.00 11.26 ? 396 GLN A CA  1 
ATOM   397  C C   . GLN A 1 50  ? -9.173  -9.576  8.523   1.00 11.18 ? 396 GLN A C   1 
ATOM   398  O O   . GLN A 1 50  ? -8.264  -10.167 9.103   1.00 10.35 ? 396 GLN A O   1 
ATOM   399  C CB  . GLN A 1 50  ? -8.979  -9.457  6.017   1.00 10.73 ? 396 GLN A CB  1 
ATOM   400  C CG  . GLN A 1 50  ? -8.709  -8.616  4.759   1.00 12.84 ? 396 GLN A CG  1 
ATOM   401  C CD  . GLN A 1 50  ? -9.759  -7.532  4.506   1.00 13.82 ? 396 GLN A CD  1 
ATOM   402  O OE1 . GLN A 1 50  ? -9.668  -6.781  3.533   1.00 14.89 ? 396 GLN A OE1 1 
ATOM   403  N NE2 . GLN A 1 50  ? -10.759 -7.452  5.377   1.00 14.39 ? 396 GLN A NE2 1 
ATOM   404  N N   . LEU A 1 51  ? -10.450 -9.662  8.890   1.00 10.90 ? 397 LEU A N   1 
ATOM   405  C CA  . LEU A 1 51  ? -10.885 -10.469 10.023  1.00 11.57 ? 397 LEU A CA  1 
ATOM   406  C C   . LEU A 1 51  ? -10.526 -11.938 9.832   1.00 13.09 ? 397 LEU A C   1 
ATOM   407  O O   . LEU A 1 51  ? -10.331 -12.399 8.710   1.00 11.27 ? 397 LEU A O   1 
ATOM   408  C CB  . LEU A 1 51  ? -12.402 -10.339 10.209  1.00 11.49 ? 397 LEU A CB  1 
ATOM   409  C CG  . LEU A 1 51  ? -12.939 -8.965  10.634  1.00 12.70 ? 397 LEU A CG  1 
ATOM   410  C CD1 . LEU A 1 51  ? -14.417 -8.854  10.286  1.00 13.27 ? 397 LEU A CD1 1 
ATOM   411  C CD2 . LEU A 1 51  ? -12.717 -8.768  12.128  1.00 15.01 ? 397 LEU A CD2 1 
ATOM   412  N N   . PRO A 1 52  ? -10.423 -12.690 10.937  1.00 13.87 ? 398 PRO A N   1 
ATOM   413  C CA  . PRO A 1 52  ? -10.087 -14.110 10.825  1.00 15.38 ? 398 PRO A CA  1 
ATOM   414  C C   . PRO A 1 52  ? -11.215 -14.911 10.178  1.00 15.82 ? 398 PRO A C   1 
ATOM   415  O O   . PRO A 1 52  ? -10.992 -16.017 9.691   1.00 15.66 ? 398 PRO A O   1 
ATOM   416  C CB  . PRO A 1 52  ? -9.821  -14.522 12.275  1.00 16.12 ? 398 PRO A CB  1 
ATOM   417  C CG  . PRO A 1 52  ? -10.628 -13.567 13.071  1.00 16.63 ? 398 PRO A CG  1 
ATOM   418  C CD  . PRO A 1 52  ? -10.453 -12.260 12.345  1.00 14.55 ? 398 PRO A CD  1 
ATOM   419  N N   . THR A 1 53  ? -12.416 -14.337 10.168  1.00 15.67 ? 399 THR A N   1 
ATOM   420  C CA  . THR A 1 53  ? -13.587 -14.992 9.585   1.00 17.18 ? 399 THR A CA  1 
ATOM   421  C C   . THR A 1 53  ? -13.960 -14.394 8.233   1.00 18.25 ? 399 THR A C   1 
ATOM   422  O O   . THR A 1 53  ? -14.948 -14.805 7.625   1.00 17.42 ? 399 THR A O   1 
ATOM   423  C CB  . THR A 1 53  ? -14.833 -14.845 10.492  1.00 17.90 ? 399 THR A CB  1 
ATOM   424  O OG1 . THR A 1 53  ? -15.147 -13.454 10.636  1.00 18.25 ? 399 THR A OG1 1 
ATOM   425  C CG2 . THR A 1 53  ? -14.585 -15.448 11.875  1.00 16.45 ? 399 THR A CG2 1 
ATOM   426  N N   . ALA A 1 54  ? -13.177 -13.423 7.769   1.00 19.58 ? 400 ALA A N   1 
ATOM   427  C CA  . ALA A 1 54  ? -13.450 -12.755 6.500   1.00 22.34 ? 400 ALA A CA  1 
ATOM   428  C C   . ALA A 1 54  ? -13.501 -13.717 5.326   1.00 24.89 ? 400 ALA A C   1 
ATOM   429  O O   . ALA A 1 54  ? -12.508 -14.345 4.967   1.00 24.11 ? 400 ALA A O   1 
ATOM   430  C CB  . ALA A 1 54  ? -12.409 -11.669 6.238   1.00 22.89 ? 400 ALA A CB  1 
ATOM   431  N N   . GLN A 1 55  ? -14.680 -13.816 4.727   1.00 27.72 ? 401 GLN A N   1 
ATOM   432  C CA  . GLN A 1 55  ? -14.893 -14.683 3.584   1.00 30.84 ? 401 GLN A CA  1 
ATOM   433  C C   . GLN A 1 55  ? -14.153 -14.131 2.369   1.00 30.96 ? 401 GLN A C   1 
ATOM   434  O O   . GLN A 1 55  ? -14.315 -12.963 2.016   1.00 33.51 ? 401 GLN A O   1 
ATOM   435  C CB  . GLN A 1 55  ? -16.392 -14.772 3.298   1.00 32.53 ? 401 GLN A CB  1 
ATOM   436  C CG  . GLN A 1 55  ? -16.769 -15.653 2.136   1.00 35.63 ? 401 GLN A CG  1 
ATOM   437  C CD  . GLN A 1 55  ? -18.255 -15.940 2.112   1.00 37.35 ? 401 GLN A CD  1 
ATOM   438  O OE1 . GLN A 1 55  ? -19.075 -15.021 2.126   1.00 39.50 ? 401 GLN A OE1 1 
ATOM   439  N NE2 . GLN A 1 55  ? -18.612 -17.222 2.081   1.00 37.88 ? 401 GLN A NE2 1 
ATOM   440  N N   . ARG A 1 56  ? -13.335 -14.974 1.747   1.00 30.33 ? 402 ARG A N   1 
ATOM   441  C CA  . ARG A 1 56  ? -12.559 -14.608 0.560   1.00 29.26 ? 402 ARG A CA  1 
ATOM   442  C C   . ARG A 1 56  ? -11.215 -13.938 0.844   1.00 26.37 ? 402 ARG A C   1 
ATOM   443  O O   . ARG A 1 56  ? -10.435 -13.700 -0.080  1.00 25.39 ? 402 ARG A O   1 
ATOM   444  C CB  . ARG A 1 56  ? -13.386 -13.707 -0.369  1.00 32.34 ? 402 ARG A CB  1 
ATOM   445  C CG  . ARG A 1 56  ? -14.716 -14.311 -0.799  1.00 35.51 ? 402 ARG A CG  1 
ATOM   446  C CD  . ARG A 1 56  ? -15.447 -13.394 -1.765  1.00 38.74 ? 402 ARG A CD  1 
ATOM   447  N NE  . ARG A 1 56  ? -15.623 -12.054 -1.211  1.00 41.59 ? 402 ARG A NE  1 
ATOM   448  C CZ  . ARG A 1 56  ? -16.231 -11.056 -1.845  1.00 42.95 ? 402 ARG A CZ  1 
ATOM   449  N NH1 . ARG A 1 56  ? -16.726 -11.248 -3.061  1.00 43.61 ? 402 ARG A NH1 1 
ATOM   450  N NH2 . ARG A 1 56  ? -16.342 -9.866  -1.264  1.00 43.33 ? 402 ARG A NH2 1 
ATOM   451  N N   . CYS A 1 57  ? -10.929 -13.633 2.107   1.00 23.06 ? 403 CYS A N   1 
ATOM   452  C CA  . CYS A 1 57  ? -9.655  -12.994 2.436   1.00 19.71 ? 403 CYS A CA  1 
ATOM   453  C C   . CYS A 1 57  ? -9.332  -13.092 3.922   1.00 17.18 ? 403 CYS A C   1 
ATOM   454  O O   . CYS A 1 57  ? -8.738  -12.186 4.502   1.00 15.97 ? 403 CYS A O   1 
ATOM   455  C CB  . CYS A 1 57  ? -9.681  -11.522 2.002   1.00 20.34 ? 403 CYS A CB  1 
ATOM   456  S SG  . CYS A 1 57  ? -10.903 -10.470 2.846   1.00 22.88 ? 403 CYS A SG  1 
ATOM   457  N N   . ALA A 1 58  ? -9.717  -14.206 4.531   1.00 14.20 ? 404 ALA A N   1 
ATOM   458  C CA  . ALA A 1 58  ? -9.499  -14.408 5.958   1.00 12.77 ? 404 ALA A CA  1 
ATOM   459  C C   . ALA A 1 58  ? -8.037  -14.304 6.379   1.00 11.65 ? 404 ALA A C   1 
ATOM   460  O O   . ALA A 1 58  ? -7.150  -14.911 5.769   1.00 10.72 ? 404 ALA A O   1 
ATOM   461  C CB  . ALA A 1 58  ? -10.065 -15.763 6.383   1.00 12.80 ? 404 ALA A CB  1 
ATOM   462  N N   . ASN A 1 59  ? -7.793  -13.526 7.428   1.00 10.65 ? 405 ASN A N   1 
ATOM   463  C CA  . ASN A 1 59  ? -6.446  -13.378 7.961   1.00 10.68 ? 405 ASN A CA  1 
ATOM   464  C C   . ASN A 1 59  ? -5.417  -12.818 6.983   1.00 10.32 ? 405 ASN A C   1 
ATOM   465  O O   . ASN A 1 59  ? -4.223  -13.081 7.119   1.00 9.23  ? 405 ASN A O   1 
ATOM   466  C CB  . ASN A 1 59  ? -5.963  -14.739 8.481   1.00 11.71 ? 405 ASN A CB  1 
ATOM   467  C CG  . ASN A 1 59  ? -6.772  -15.227 9.668   1.00 11.58 ? 405 ASN A CG  1 
ATOM   468  O OD1 . ASN A 1 59  ? -7.451  -16.257 9.604   1.00 13.97 ? 405 ASN A OD1 1 
ATOM   469  N ND2 . ASN A 1 59  ? -6.700  -14.486 10.763  1.00 9.89  ? 405 ASN A ND2 1 
ATOM   470  N N   . TYR A 1 60  ? -5.871  -12.050 5.999   1.00 10.28 ? 406 TYR A N   1 
ATOM   471  C CA  . TYR A 1 60  ? -4.954  -11.460 5.031   1.00 10.88 ? 406 TYR A CA  1 
ATOM   472  C C   . TYR A 1 60  ? -4.728  -9.970  5.216   1.00 10.96 ? 406 TYR A C   1 
ATOM   473  O O   . TYR A 1 60  ? -5.606  -9.245  5.685   1.00 11.25 ? 406 TYR A O   1 
ATOM   474  C CB  . TYR A 1 60  ? -5.460  -11.656 3.598   1.00 11.90 ? 406 TYR A CB  1 
ATOM   475  C CG  . TYR A 1 60  ? -4.776  -12.772 2.848   1.00 12.55 ? 406 TYR A CG  1 
ATOM   476  C CD1 . TYR A 1 60  ? -5.298  -14.064 2.852   1.00 12.70 ? 406 TYR A CD1 1 
ATOM   477  C CD2 . TYR A 1 60  ? -3.593  -12.538 2.150   1.00 12.30 ? 406 TYR A CD2 1 
ATOM   478  C CE1 . TYR A 1 60  ? -4.659  -15.100 2.176   1.00 13.25 ? 406 TYR A CE1 1 
ATOM   479  C CE2 . TYR A 1 60  ? -2.945  -13.567 1.472   1.00 12.75 ? 406 TYR A CE2 1 
ATOM   480  C CZ  . TYR A 1 60  ? -3.484  -14.842 1.489   1.00 12.33 ? 406 TYR A CZ  1 
ATOM   481  O OH  . TYR A 1 60  ? -2.852  -15.861 0.815   1.00 13.90 ? 406 TYR A OH  1 
ATOM   482  N N   . ILE A 1 61  ? -3.536  -9.526  4.836   1.00 10.72 ? 407 ILE A N   1 
ATOM   483  C CA  . ILE A 1 61  ? -3.197  -8.114  4.865   1.00 10.35 ? 407 ILE A CA  1 
ATOM   484  C C   . ILE A 1 61  ? -3.598  -7.657  3.463   1.00 10.17 ? 407 ILE A C   1 
ATOM   485  O O   . ILE A 1 61  ? -3.222  -8.305  2.480   1.00 10.26 ? 407 ILE A O   1 
ATOM   486  C CB  . ILE A 1 61  ? -1.671  -7.884  5.012   1.00 11.64 ? 407 ILE A CB  1 
ATOM   487  C CG1 . ILE A 1 61  ? -1.175  -8.432  6.351   1.00 11.29 ? 407 ILE A CG1 1 
ATOM   488  C CG2 . ILE A 1 61  ? -1.357  -6.389  4.899   1.00 11.85 ? 407 ILE A CG2 1 
ATOM   489  C CD1 . ILE A 1 61  ? 0.329   -8.310  6.543   1.00 12.91 ? 407 ILE A CD1 1 
ATOM   490  N N   . SER A 1 62  ? -4.379  -6.583  3.368   1.00 9.69  ? 408 SER A N   1 
ATOM   491  C CA  . SER A 1 62  ? -4.787  -6.036  2.072   1.00 10.50 ? 408 SER A CA  1 
ATOM   492  C C   . SER A 1 62  ? -4.055  -4.710  1.927   1.00 10.67 ? 408 SER A C   1 
ATOM   493  O O   . SER A 1 62  ? -3.872  -4.001  2.912   1.00 11.63 ? 408 SER A O   1 
ATOM   494  C CB  . SER A 1 62  ? -6.295  -5.775  2.029   1.00 10.69 ? 408 SER A CB  1 
ATOM   495  O OG  . SER A 1 62  ? -7.035  -6.950  2.291   1.00 13.47 ? 408 SER A OG  1 
ATOM   496  N N   . LEU A 1 63  ? -3.638  -4.372  0.709   1.00 10.55 ? 409 LEU A N   1 
ATOM   497  C CA  . LEU A 1 63  ? -2.921  -3.125  0.473   1.00 10.55 ? 409 LEU A CA  1 
ATOM   498  C C   . LEU A 1 63  ? -3.333  -2.459  -0.841  1.00 11.08 ? 409 LEU A C   1 
ATOM   499  O O   . LEU A 1 63  ? -3.301  -3.080  -1.909  1.00 10.41 ? 409 LEU A O   1 
ATOM   500  C CB  . LEU A 1 63  ? -1.412  -3.394  0.489   1.00 11.09 ? 409 LEU A CB  1 
ATOM   501  C CG  . LEU A 1 63  ? -0.438  -2.219  0.374   1.00 11.57 ? 409 LEU A CG  1 
ATOM   502  C CD1 . LEU A 1 63  ? -0.754  -1.169  1.438   1.00 11.22 ? 409 LEU A CD1 1 
ATOM   503  C CD2 . LEU A 1 63  ? 0.990   -2.739  0.540   1.00 10.94 ? 409 LEU A CD2 1 
ATOM   504  N N   . PHE A 1 64  ? -3.723  -1.188  -0.752  1.00 10.71 ? 410 PHE A N   1 
ATOM   505  C CA  . PHE A 1 64  ? -4.155  -0.435  -1.923  1.00 11.07 ? 410 PHE A CA  1 
ATOM   506  C C   . PHE A 1 64  ? -3.528  0.945   -2.003  1.00 11.87 ? 410 PHE A C   1 
ATOM   507  O O   . PHE A 1 64  ? -3.071  1.499   -0.997  1.00 10.28 ? 410 PHE A O   1 
ATOM   508  C CB  . PHE A 1 64  ? -5.679  -0.249  -1.924  1.00 12.58 ? 410 PHE A CB  1 
ATOM   509  C CG  . PHE A 1 64  ? -6.450  -1.515  -1.711  1.00 12.85 ? 410 PHE A CG  1 
ATOM   510  C CD1 . PHE A 1 64  ? -6.814  -1.916  -0.428  1.00 13.69 ? 410 PHE A CD1 1 
ATOM   511  C CD2 . PHE A 1 64  ? -6.815  -2.308  -2.793  1.00 14.02 ? 410 PHE A CD2 1 
ATOM   512  C CE1 . PHE A 1 64  ? -7.535  -3.093  -0.225  1.00 14.37 ? 410 PHE A CE1 1 
ATOM   513  C CE2 . PHE A 1 64  ? -7.536  -3.490  -2.603  1.00 14.13 ? 410 PHE A CE2 1 
ATOM   514  C CZ  . PHE A 1 64  ? -7.897  -3.883  -1.316  1.00 15.35 ? 410 PHE A CZ  1 
ATOM   515  N N   . VAL A 1 65  ? -3.522  1.490   -3.217  1.00 10.94 ? 411 VAL A N   1 
ATOM   516  C CA  . VAL A 1 65  ? -3.004  2.825   -3.472  1.00 11.98 ? 411 VAL A CA  1 
ATOM   517  C C   . VAL A 1 65  ? -4.170  3.673   -3.985  1.00 12.21 ? 411 VAL A C   1 
ATOM   518  O O   . VAL A 1 65  ? -4.995  3.205   -4.782  1.00 11.81 ? 411 VAL A O   1 
ATOM   519  C CB  . VAL A 1 65  ? -1.883  2.811   -4.538  1.00 12.23 ? 411 VAL A CB  1 
ATOM   520  C CG1 . VAL A 1 65  ? -1.392  4.228   -4.796  1.00 13.13 ? 411 VAL A CG1 1 
ATOM   521  C CG2 . VAL A 1 65  ? -0.730  1.936   -4.068  1.00 12.18 ? 411 VAL A CG2 1 
ATOM   522  N N   . HIS A 1 66  ? -4.245  4.910   -3.509  1.00 11.68 ? 412 HIS A N   1 
ATOM   523  C CA  . HIS A 1 66  ? -5.299  5.834   -3.920  1.00 12.52 ? 412 HIS A CA  1 
ATOM   524  C C   . HIS A 1 66  ? -4.658  7.144   -4.346  1.00 12.52 ? 412 HIS A C   1 
ATOM   525  O O   . HIS A 1 66  ? -3.720  7.613   -3.701  1.00 11.87 ? 412 HIS A O   1 
ATOM   526  C CB  . HIS A 1 66  ? -6.261  6.123   -2.757  1.00 13.16 ? 412 HIS A CB  1 
ATOM   527  C CG  . HIS A 1 66  ? -7.135  4.968   -2.380  1.00 13.85 ? 412 HIS A CG  1 
ATOM   528  N ND1 . HIS A 1 66  ? -8.482  4.926   -2.673  1.00 14.96 ? 412 HIS A ND1 1 
ATOM   529  C CD2 . HIS A 1 66  ? -6.857  3.812   -1.729  1.00 15.07 ? 412 HIS A CD2 1 
ATOM   530  C CE1 . HIS A 1 66  ? -8.996  3.796   -2.218  1.00 14.95 ? 412 HIS A CE1 1 
ATOM   531  N NE2 . HIS A 1 66  ? -8.030  3.102   -1.640  1.00 15.08 ? 412 HIS A NE2 1 
ATOM   532  N N   . THR A 1 67  ? -5.161  7.732   -5.428  1.00 12.66 ? 413 THR A N   1 
ATOM   533  C CA  . THR A 1 67  ? -4.643  9.010   -5.887  1.00 12.92 ? 413 THR A CA  1 
ATOM   534  C C   . THR A 1 67  ? -5.327  10.083  -5.056  1.00 13.23 ? 413 THR A C   1 
ATOM   535  O O   . THR A 1 67  ? -6.424  9.865   -4.539  1.00 12.72 ? 413 THR A O   1 
ATOM   536  C CB  . THR A 1 67  ? -4.963  9.272   -7.373  1.00 12.93 ? 413 THR A CB  1 
ATOM   537  O OG1 . THR A 1 67  ? -6.383  9.293   -7.562  1.00 13.05 ? 413 THR A OG1 1 
ATOM   538  C CG2 . THR A 1 67  ? -4.338  8.197   -8.251  1.00 12.88 ? 413 THR A CG2 1 
ATOM   539  N N   . MET A 1 68  ? -4.677  11.233  -4.918  1.00 12.56 ? 414 MET A N   1 
ATOM   540  C CA  . MET A 1 68  ? -5.232  12.338  -4.146  1.00 12.99 ? 414 MET A CA  1 
ATOM   541  C C   . MET A 1 68  ? -5.014  13.627  -4.919  1.00 12.63 ? 414 MET A C   1 
ATOM   542  O O   . MET A 1 68  ? -4.241  13.656  -5.876  1.00 13.26 ? 414 MET A O   1 
ATOM   543  C CB  . MET A 1 68  ? -4.527  12.451  -2.787  1.00 12.22 ? 414 MET A CB  1 
ATOM   544  C CG  . MET A 1 68  ? -4.622  11.217  -1.915  1.00 13.34 ? 414 MET A CG  1 
ATOM   545  S SD  . MET A 1 68  ? -3.703  11.399  -0.368  1.00 14.49 ? 414 MET A SD  1 
ATOM   546  C CE  . MET A 1 68  ? -4.902  12.238  0.648   1.00 17.13 ? 414 MET A CE  1 
ATOM   547  N N   . GLN A 1 69  ? -5.698  14.695  -4.517  1.00 13.27 ? 415 GLN A N   1 
ATOM   548  C CA  . GLN A 1 69  ? -5.497  15.971  -5.186  1.00 14.12 ? 415 GLN A CA  1 
ATOM   549  C C   . GLN A 1 69  ? -4.159  16.498  -4.674  1.00 15.10 ? 415 GLN A C   1 
ATOM   550  O O   . GLN A 1 69  ? -3.952  16.618  -3.462  1.00 15.20 ? 415 GLN A O   1 
ATOM   551  C CB  . GLN A 1 69  ? -6.640  16.945  -4.857  1.00 15.40 ? 415 GLN A CB  1 
ATOM   552  C CG  . GLN A 1 69  ? -8.006  16.464  -5.361  1.00 15.86 ? 415 GLN A CG  1 
ATOM   553  C CD  . GLN A 1 69  ? -9.119  17.483  -5.159  1.00 18.58 ? 415 GLN A CD  1 
ATOM   554  O OE1 . GLN A 1 69  ? -9.210  18.127  -4.112  1.00 19.86 ? 415 GLN A OE1 1 
ATOM   555  N NE2 . GLN A 1 69  ? -9.983  17.621  -6.160  1.00 18.31 ? 415 GLN A NE2 1 
ATOM   556  N N   . GLY A 1 70  ? -3.243  16.781  -5.597  1.00 15.30 ? 416 GLY A N   1 
ATOM   557  C CA  . GLY A 1 70  ? -1.936  17.278  -5.216  1.00 15.60 ? 416 GLY A CA  1 
ATOM   558  C C   . GLY A 1 70  ? -1.670  18.681  -5.735  1.00 17.00 ? 416 GLY A C   1 
ATOM   559  O O   . GLY A 1 70  ? -2.327  19.142  -6.676  1.00 16.00 ? 416 GLY A O   1 
ATOM   560  N N   . GLU A 1 71  ? -0.696  19.358  -5.133  1.00 17.59 ? 417 GLU A N   1 
ATOM   561  C CA  . GLU A 1 71  ? -0.372  20.721  -5.531  1.00 19.26 ? 417 GLU A CA  1 
ATOM   562  C C   . GLU A 1 71  ? 0.286   20.856  -6.903  1.00 18.69 ? 417 GLU A C   1 
ATOM   563  O O   . GLU A 1 71  ? 0.331   21.953  -7.460  1.00 18.05 ? 417 GLU A O   1 
ATOM   564  C CB  . GLU A 1 71  ? 0.502   21.389  -4.462  1.00 21.61 ? 417 GLU A CB  1 
ATOM   565  C CG  . GLU A 1 71  ? 1.828   20.710  -4.193  1.00 24.89 ? 417 GLU A CG  1 
ATOM   566  C CD  . GLU A 1 71  ? 2.636   21.437  -3.124  1.00 27.29 ? 417 GLU A CD  1 
ATOM   567  O OE1 . GLU A 1 71  ? 2.916   22.645  -3.308  1.00 29.04 ? 417 GLU A OE1 1 
ATOM   568  O OE2 . GLU A 1 71  ? 2.990   20.804  -2.104  1.00 28.02 ? 417 GLU A OE2 1 
ATOM   569  N N   . TYR A 1 72  ? 0.784   19.752  -7.453  1.00 17.58 ? 418 TYR A N   1 
ATOM   570  C CA  . TYR A 1 72  ? 1.423   19.796  -8.763  1.00 17.67 ? 418 TYR A CA  1 
ATOM   571  C C   . TYR A 1 72  ? 0.524   19.220  -9.857  1.00 17.02 ? 418 TYR A C   1 
ATOM   572  O O   . TYR A 1 72  ? 0.955   19.080  -10.998 1.00 17.63 ? 418 TYR A O   1 
ATOM   573  C CB  . TYR A 1 72  ? 2.745   19.014  -8.738  1.00 18.19 ? 418 TYR A CB  1 
ATOM   574  C CG  . TYR A 1 72  ? 3.634   19.356  -7.572  1.00 19.93 ? 418 TYR A CG  1 
ATOM   575  C CD1 . TYR A 1 72  ? 3.770   18.481  -6.494  1.00 20.00 ? 418 TYR A CD1 1 
ATOM   576  C CD2 . TYR A 1 72  ? 4.308   20.577  -7.522  1.00 20.83 ? 418 TYR A CD2 1 
ATOM   577  C CE1 . TYR A 1 72  ? 4.554   18.815  -5.392  1.00 21.30 ? 418 TYR A CE1 1 
ATOM   578  C CE2 . TYR A 1 72  ? 5.090   20.922  -6.426  1.00 22.02 ? 418 TYR A CE2 1 
ATOM   579  C CZ  . TYR A 1 72  ? 5.208   20.042  -5.366  1.00 21.78 ? 418 TYR A CZ  1 
ATOM   580  O OH  . TYR A 1 72  ? 5.962   20.400  -4.281  1.00 22.13 ? 418 TYR A OH  1 
ATOM   581  N N   . ASP A 1 73  ? -0.721  18.901  -9.513  1.00 16.38 ? 419 ASP A N   1 
ATOM   582  C CA  . ASP A 1 73  ? -1.661  18.301  -10.462 1.00 16.39 ? 419 ASP A CA  1 
ATOM   583  C C   . ASP A 1 73  ? -1.763  18.961  -11.840 1.00 16.54 ? 419 ASP A C   1 
ATOM   584  O O   . ASP A 1 73  ? -1.922  18.271  -12.845 1.00 16.04 ? 419 ASP A O   1 
ATOM   585  C CB  . ASP A 1 73  ? -3.060  18.205  -9.831  1.00 15.69 ? 419 ASP A CB  1 
ATOM   586  C CG  . ASP A 1 73  ? -3.132  17.166  -8.718  1.00 16.77 ? 419 ASP A CG  1 
ATOM   587  O OD1 . ASP A 1 73  ? -2.078  16.582  -8.386  1.00 16.66 ? 419 ASP A OD1 1 
ATOM   588  O OD2 . ASP A 1 73  ? -4.237  16.933  -8.174  1.00 14.67 ? 419 ASP A OD2 1 
ATOM   589  N N   . SER A 1 74  ? -1.667  20.284  -11.900 1.00 17.30 ? 420 SER A N   1 
ATOM   590  C CA  . SER A 1 74  ? -1.774  20.983  -13.182 1.00 18.39 ? 420 SER A CA  1 
ATOM   591  C C   . SER A 1 74  ? -0.590  20.750  -14.126 1.00 17.67 ? 420 SER A C   1 
ATOM   592  O O   . SER A 1 74  ? -0.673  21.061  -15.312 1.00 18.33 ? 420 SER A O   1 
ATOM   593  C CB  . SER A 1 74  ? -1.949  22.489  -12.951 1.00 19.86 ? 420 SER A CB  1 
ATOM   594  O OG  . SER A 1 74  ? -0.769  23.066  -12.414 1.00 22.47 ? 420 SER A OG  1 
ATOM   595  N N   . HIS A 1 75  ? 0.507   20.205  -13.607 1.00 17.79 ? 421 HIS A N   1 
ATOM   596  C CA  . HIS A 1 75  ? 1.688   19.942  -14.427 1.00 17.18 ? 421 HIS A CA  1 
ATOM   597  C C   . HIS A 1 75  ? 1.910   18.465  -14.702 1.00 16.05 ? 421 HIS A C   1 
ATOM   598  O O   . HIS A 1 75  ? 2.963   18.079  -15.216 1.00 15.25 ? 421 HIS A O   1 
ATOM   599  C CB  . HIS A 1 75  ? 2.954   20.484  -13.753 1.00 19.23 ? 421 HIS A CB  1 
ATOM   600  C CG  . HIS A 1 75  ? 3.089   21.970  -13.816 1.00 20.19 ? 421 HIS A CG  1 
ATOM   601  N ND1 . HIS A 1 75  ? 4.294   22.611  -13.626 1.00 21.08 ? 421 HIS A ND1 1 
ATOM   602  C CD2 . HIS A 1 75  ? 2.177   22.942  -14.049 1.00 19.57 ? 421 HIS A CD2 1 
ATOM   603  C CE1 . HIS A 1 75  ? 4.119   23.915  -13.742 1.00 21.49 ? 421 HIS A CE1 1 
ATOM   604  N NE2 . HIS A 1 75  ? 2.843   24.142  -13.999 1.00 20.42 ? 421 HIS A NE2 1 
ATOM   605  N N   . LEU A 1 76  ? 0.930   17.637  -14.366 1.00 14.49 ? 422 LEU A N   1 
ATOM   606  C CA  . LEU A 1 76  ? 1.068   16.200  -14.561 1.00 14.04 ? 422 LEU A CA  1 
ATOM   607  C C   . LEU A 1 76  ? 0.063   15.672  -15.572 1.00 14.17 ? 422 LEU A C   1 
ATOM   608  O O   . LEU A 1 76  ? -1.007  16.251  -15.762 1.00 13.68 ? 422 LEU A O   1 
ATOM   609  C CB  . LEU A 1 76  ? 0.856   15.474  -13.226 1.00 13.93 ? 422 LEU A CB  1 
ATOM   610  C CG  . LEU A 1 76  ? 1.700   15.919  -12.024 1.00 14.08 ? 422 LEU A CG  1 
ATOM   611  C CD1 . LEU A 1 76  ? 1.165   15.281  -10.747 1.00 14.74 ? 422 LEU A CD1 1 
ATOM   612  C CD2 . LEU A 1 76  ? 3.149   15.535  -12.251 1.00 14.65 ? 422 LEU A CD2 1 
ATOM   613  N N   . PRO A 1 77  ? 0.405   14.569  -16.251 1.00 15.11 ? 423 PRO A N   1 
ATOM   614  C CA  . PRO A 1 77  ? -0.547  14.029  -17.221 1.00 14.85 ? 423 PRO A CA  1 
ATOM   615  C C   . PRO A 1 77  ? -1.594  13.204  -16.468 1.00 14.48 ? 423 PRO A C   1 
ATOM   616  O O   . PRO A 1 77  ? -1.342  12.733  -15.353 1.00 13.58 ? 423 PRO A O   1 
ATOM   617  C CB  . PRO A 1 77  ? 0.336   13.182  -18.136 1.00 15.99 ? 423 PRO A CB  1 
ATOM   618  C CG  . PRO A 1 77  ? 1.398   12.684  -17.197 1.00 16.99 ? 423 PRO A CG  1 
ATOM   619  C CD  . PRO A 1 77  ? 1.722   13.918  -16.378 1.00 15.01 ? 423 PRO A CD  1 
ATOM   620  N N   . TRP A 1 78  ? -2.769  13.059  -17.070 1.00 14.48 ? 424 TRP A N   1 
ATOM   621  C CA  . TRP A 1 78  ? -3.866  12.290  -16.485 1.00 14.57 ? 424 TRP A CA  1 
ATOM   622  C C   . TRP A 1 78  ? -4.604  11.589  -17.619 1.00 15.23 ? 424 TRP A C   1 
ATOM   623  O O   . TRP A 1 78  ? -4.769  12.154  -18.693 1.00 15.61 ? 424 TRP A O   1 
ATOM   624  C CB  . TRP A 1 78  ? -4.843  13.205  -15.741 1.00 13.49 ? 424 TRP A CB  1 
ATOM   625  C CG  . TRP A 1 78  ? -4.240  13.932  -14.576 1.00 13.62 ? 424 TRP A CG  1 
ATOM   626  C CD1 . TRP A 1 78  ? -3.755  15.212  -14.562 1.00 14.18 ? 424 TRP A CD1 1 
ATOM   627  C CD2 . TRP A 1 78  ? -4.073  13.425  -13.248 1.00 13.36 ? 424 TRP A CD2 1 
ATOM   628  N NE1 . TRP A 1 78  ? -3.303  15.532  -13.300 1.00 13.76 ? 424 TRP A NE1 1 
ATOM   629  C CE2 . TRP A 1 78  ? -3.486  14.454  -12.475 1.00 13.70 ? 424 TRP A CE2 1 
ATOM   630  C CE3 . TRP A 1 78  ? -4.365  12.198  -12.631 1.00 14.12 ? 424 TRP A CE3 1 
ATOM   631  C CZ2 . TRP A 1 78  ? -3.186  14.296  -11.112 1.00 14.28 ? 424 TRP A CZ2 1 
ATOM   632  C CZ3 . TRP A 1 78  ? -4.065  12.040  -11.278 1.00 14.66 ? 424 TRP A CZ3 1 
ATOM   633  C CH2 . TRP A 1 78  ? -3.483  13.087  -10.534 1.00 13.98 ? 424 TRP A CH2 1 
ATOM   634  N N   . PRO A 1 79  ? -5.058  10.348  -17.391 1.00 16.15 ? 425 PRO A N   1 
ATOM   635  C CA  . PRO A 1 79  ? -4.894  9.616   -16.132 1.00 16.47 ? 425 PRO A CA  1 
ATOM   636  C C   . PRO A 1 79  ? -3.450  9.176   -15.895 1.00 17.58 ? 425 PRO A C   1 
ATOM   637  O O   . PRO A 1 79  ? -2.613  9.225   -16.800 1.00 16.68 ? 425 PRO A O   1 
ATOM   638  C CB  . PRO A 1 79  ? -5.850  8.435   -16.300 1.00 17.32 ? 425 PRO A CB  1 
ATOM   639  C CG  . PRO A 1 79  ? -5.771  8.158   -17.761 1.00 17.30 ? 425 PRO A CG  1 
ATOM   640  C CD  . PRO A 1 79  ? -5.824  9.551   -18.368 1.00 16.53 ? 425 PRO A CD  1 
ATOM   641  N N   . PHE A 1 80  ? -3.157  8.764   -14.669 1.00 17.47 ? 426 PHE A N   1 
ATOM   642  C CA  . PHE A 1 80  ? -1.818  8.303   -14.328 1.00 18.35 ? 426 PHE A CA  1 
ATOM   643  C C   . PHE A 1 80  ? -1.481  7.021   -15.078 1.00 18.60 ? 426 PHE A C   1 
ATOM   644  O O   . PHE A 1 80  ? -2.309  6.122   -15.189 1.00 18.52 ? 426 PHE A O   1 
ATOM   645  C CB  . PHE A 1 80  ? -1.708  8.030   -12.823 1.00 18.18 ? 426 PHE A CB  1 
ATOM   646  C CG  . PHE A 1 80  ? -0.441  7.313   -12.431 1.00 19.37 ? 426 PHE A CG  1 
ATOM   647  C CD1 . PHE A 1 80  ? 0.700   8.026   -12.075 1.00 18.88 ? 426 PHE A CD1 1 
ATOM   648  C CD2 . PHE A 1 80  ? -0.376  5.920   -12.466 1.00 18.52 ? 426 PHE A CD2 1 
ATOM   649  C CE1 . PHE A 1 80  ? 1.888   7.364   -11.763 1.00 20.56 ? 426 PHE A CE1 1 
ATOM   650  C CE2 . PHE A 1 80  ? 0.807   5.247   -12.157 1.00 18.94 ? 426 PHE A CE2 1 
ATOM   651  C CZ  . PHE A 1 80  ? 1.940   5.968   -11.806 1.00 19.47 ? 426 PHE A CZ  1 
ATOM   652  N N   . GLN A 1 81  ? -0.260  6.950   -15.594 1.00 19.67 ? 427 GLN A N   1 
ATOM   653  C CA  . GLN A 1 81  ? 0.226   5.766   -16.294 1.00 20.46 ? 427 GLN A CA  1 
ATOM   654  C C   . GLN A 1 81  ? 1.609   5.484   -15.720 1.00 20.07 ? 427 GLN A C   1 
ATOM   655  O O   . GLN A 1 81  ? 2.380   6.408   -15.464 1.00 20.18 ? 427 GLN A O   1 
ATOM   656  C CB  . GLN A 1 81  ? 0.322   6.001   -17.810 1.00 21.70 ? 427 GLN A CB  1 
ATOM   657  C CG  . GLN A 1 81  ? -1.028  6.133   -18.519 1.00 24.03 ? 427 GLN A CG  1 
ATOM   658  C CD  . GLN A 1 81  ? -0.905  6.138   -20.044 1.00 25.60 ? 427 GLN A CD  1 
ATOM   659  O OE1 . GLN A 1 81  ? -0.566  5.124   -20.658 1.00 25.20 ? 427 GLN A OE1 1 
ATOM   660  N NE2 . GLN A 1 81  ? -1.179  7.285   -20.657 1.00 25.76 ? 427 GLN A NE2 1 
ATOM   661  N N   . GLY A 1 82  ? 1.913   4.213   -15.500 1.00 20.15 ? 428 GLY A N   1 
ATOM   662  C CA  . GLY A 1 82  ? 3.205   3.856   -14.949 1.00 20.41 ? 428 GLY A CA  1 
ATOM   663  C C   . GLY A 1 82  ? 3.088   2.634   -14.064 1.00 20.57 ? 428 GLY A C   1 
ATOM   664  O O   . GLY A 1 82  ? 2.062   1.948   -14.072 1.00 20.86 ? 428 GLY A O   1 
ATOM   665  N N   . THR A 1 83  ? 4.133   2.355   -13.296 1.00 19.82 ? 429 THR A N   1 
ATOM   666  C CA  . THR A 1 83  ? 4.116   1.194   -12.422 1.00 18.91 ? 429 THR A CA  1 
ATOM   667  C C   . THR A 1 83  ? 4.274   1.588   -10.966 1.00 18.09 ? 429 THR A C   1 
ATOM   668  O O   . THR A 1 83  ? 4.849   2.626   -10.642 1.00 18.13 ? 429 THR A O   1 
ATOM   669  C CB  . THR A 1 83  ? 5.227   0.191   -12.799 1.00 19.31 ? 429 THR A CB  1 
ATOM   670  O OG1 . THR A 1 83  ? 6.513   0.785   -12.574 1.00 20.48 ? 429 THR A OG1 1 
ATOM   671  C CG2 . THR A 1 83  ? 5.109   -0.198  -14.263 1.00 19.60 ? 429 THR A CG2 1 
ATOM   672  N N   . ILE A 1 84  ? 3.735   0.751   -10.091 1.00 16.78 ? 430 ILE A N   1 
ATOM   673  C CA  . ILE A 1 84  ? 3.809   0.984   -8.661  1.00 16.64 ? 430 ILE A CA  1 
ATOM   674  C C   . ILE A 1 84  ? 4.260   -0.316  -8.015  1.00 16.55 ? 430 ILE A C   1 
ATOM   675  O O   . ILE A 1 84  ? 3.611   -1.358  -8.162  1.00 15.40 ? 430 ILE A O   1 
ATOM   676  C CB  . ILE A 1 84  ? 2.431   1.407   -8.087  1.00 16.87 ? 430 ILE A CB  1 
ATOM   677  C CG1 . ILE A 1 84  ? 2.027   2.763   -8.672  1.00 16.76 ? 430 ILE A CG1 1 
ATOM   678  C CG2 . ILE A 1 84  ? 2.486   1.474   -6.562  1.00 16.18 ? 430 ILE A CG2 1 
ATOM   679  C CD1 . ILE A 1 84  ? 0.681   3.273   -8.186  1.00 16.99 ? 430 ILE A CD1 1 
ATOM   680  N N   . ARG A 1 85  ? 5.388   -0.246  -7.316  1.00 16.27 ? 431 ARG A N   1 
ATOM   681  C CA  . ARG A 1 85  ? 5.948   -1.406  -6.640  1.00 16.13 ? 431 ARG A CA  1 
ATOM   682  C C   . ARG A 1 85  ? 5.627   -1.331  -5.154  1.00 15.38 ? 431 ARG A C   1 
ATOM   683  O O   . ARG A 1 85  ? 6.060   -0.403  -4.466  1.00 13.80 ? 431 ARG A O   1 
ATOM   684  C CB  . ARG A 1 85  ? 7.465   -1.445  -6.857  1.00 17.82 ? 431 ARG A CB  1 
ATOM   685  C CG  . ARG A 1 85  ? 8.178   -2.602  -6.172  1.00 21.46 ? 431 ARG A CG  1 
ATOM   686  C CD  . ARG A 1 85  ? 9.636   -2.644  -6.593  1.00 24.60 ? 431 ARG A CD  1 
ATOM   687  N NE  . ARG A 1 85  ? 9.747   -2.823  -8.037  1.00 28.59 ? 431 ARG A NE  1 
ATOM   688  C CZ  . ARG A 1 85  ? 10.889  -3.007  -8.685  1.00 31.03 ? 431 ARG A CZ  1 
ATOM   689  N NH1 . ARG A 1 85  ? 12.032  -3.037  -8.014  1.00 33.97 ? 431 ARG A NH1 1 
ATOM   690  N NH2 . ARG A 1 85  ? 10.888  -3.163  -10.004 1.00 32.24 ? 431 ARG A NH2 1 
ATOM   691  N N   . LEU A 1 86  ? 4.854   -2.300  -4.669  1.00 13.87 ? 432 LEU A N   1 
ATOM   692  C CA  . LEU A 1 86  ? 4.473   -2.352  -3.258  1.00 13.95 ? 432 LEU A CA  1 
ATOM   693  C C   . LEU A 1 86  ? 5.275   -3.435  -2.552  1.00 13.82 ? 432 LEU A C   1 
ATOM   694  O O   . LEU A 1 86  ? 5.241   -4.597  -2.952  1.00 12.61 ? 432 LEU A O   1 
ATOM   695  C CB  . LEU A 1 86  ? 2.976   -2.643  -3.118  1.00 13.62 ? 432 LEU A CB  1 
ATOM   696  C CG  . LEU A 1 86  ? 2.061   -1.561  -3.699  1.00 13.37 ? 432 LEU A CG  1 
ATOM   697  C CD1 . LEU A 1 86  ? 0.616   -2.011  -3.614  1.00 13.26 ? 432 LEU A CD1 1 
ATOM   698  C CD2 . LEU A 1 86  ? 2.268   -0.253  -2.943  1.00 13.21 ? 432 LEU A CD2 1 
ATOM   699  N N   . THR A 1 87  ? 5.981   -3.054  -1.492  1.00 14.20 ? 433 THR A N   1 
ATOM   700  C CA  . THR A 1 87  ? 6.804   -4.012  -0.766  1.00 14.74 ? 433 THR A CA  1 
ATOM   701  C C   . THR A 1 87  ? 6.741   -3.945  0.754   1.00 15.47 ? 433 THR A C   1 
ATOM   702  O O   . THR A 1 87  ? 6.826   -2.871  1.348   1.00 14.60 ? 433 THR A O   1 
ATOM   703  C CB  . THR A 1 87  ? 8.292   -3.853  -1.133  1.00 14.27 ? 433 THR A CB  1 
ATOM   704  O OG1 . THR A 1 87  ? 8.427   -3.714  -2.549  1.00 15.99 ? 433 THR A OG1 1 
ATOM   705  C CG2 . THR A 1 87  ? 9.087   -5.075  -0.675  1.00 15.59 ? 433 THR A CG2 1 
ATOM   706  N N   . ILE A 1 88  ? 6.580   -5.105  1.379   1.00 15.96 ? 434 ILE A N   1 
ATOM   707  C CA  . ILE A 1 88  ? 6.608   -5.183  2.827   1.00 16.38 ? 434 ILE A CA  1 
ATOM   708  C C   . ILE A 1 88  ? 8.041   -5.665  3.048   1.00 17.12 ? 434 ILE A C   1 
ATOM   709  O O   . ILE A 1 88  ? 8.409   -6.775  2.656   1.00 16.64 ? 434 ILE A O   1 
ATOM   710  C CB  . ILE A 1 88  ? 5.551   -6.177  3.373   1.00 16.73 ? 434 ILE A CB  1 
ATOM   711  C CG1 . ILE A 1 88  ? 4.179   -5.482  3.397   1.00 16.37 ? 434 ILE A CG1 1 
ATOM   712  C CG2 . ILE A 1 88  ? 5.941   -6.652  4.768   1.00 16.61 ? 434 ILE A CG2 1 
ATOM   713  C CD1 . ILE A 1 88  ? 3.043   -6.305  3.991   1.00 16.85 ? 434 ILE A CD1 1 
ATOM   714  N N   . LEU A 1 89  ? 8.849   -4.801  3.650   1.00 18.09 ? 435 LEU A N   1 
ATOM   715  C CA  . LEU A 1 89  ? 10.269  -5.061  3.876   1.00 19.93 ? 435 LEU A CA  1 
ATOM   716  C C   . LEU A 1 89  ? 10.673  -6.046  4.971   1.00 21.30 ? 435 LEU A C   1 
ATOM   717  O O   . LEU A 1 89  ? 10.189  -5.986  6.097   1.00 21.32 ? 435 LEU A O   1 
ATOM   718  C CB  . LEU A 1 89  ? 10.986  -3.727  4.120   1.00 18.92 ? 435 LEU A CB  1 
ATOM   719  C CG  . LEU A 1 89  ? 10.920  -2.689  2.993   1.00 19.38 ? 435 LEU A CG  1 
ATOM   720  C CD1 . LEU A 1 89  ? 11.454  -1.350  3.486   1.00 19.46 ? 435 LEU A CD1 1 
ATOM   721  C CD2 . LEU A 1 89  ? 11.722  -3.176  1.796   1.00 19.39 ? 435 LEU A CD2 1 
ATOM   722  N N   . ASP A 1 90  ? 11.582  -6.949  4.621   1.00 23.30 ? 436 ASP A N   1 
ATOM   723  C CA  . ASP A 1 90  ? 12.097  -7.927  5.569   1.00 25.89 ? 436 ASP A CA  1 
ATOM   724  C C   . ASP A 1 90  ? 13.189  -7.228  6.373   1.00 27.30 ? 436 ASP A C   1 
ATOM   725  O O   . ASP A 1 90  ? 14.178  -6.756  5.813   1.00 27.64 ? 436 ASP A O   1 
ATOM   726  C CB  . ASP A 1 90  ? 12.666  -9.139  4.823   1.00 27.10 ? 436 ASP A CB  1 
ATOM   727  C CG  . ASP A 1 90  ? 13.415  -10.098 5.739   1.00 28.25 ? 436 ASP A CG  1 
ATOM   728  O OD1 . ASP A 1 90  ? 13.143  -10.106 6.958   1.00 28.27 ? 436 ASP A OD1 1 
ATOM   729  O OD2 . ASP A 1 90  ? 14.270  -10.853 5.230   1.00 28.18 ? 436 ASP A OD2 1 
ATOM   730  N N   . GLN A 1 91  ? 12.991  -7.151  7.683   1.00 28.92 ? 437 GLN A N   1 
ATOM   731  C CA  . GLN A 1 91  ? 13.939  -6.494  8.573   1.00 30.88 ? 437 GLN A CA  1 
ATOM   732  C C   . GLN A 1 91  ? 14.822  -7.504  9.310   1.00 33.16 ? 437 GLN A C   1 
ATOM   733  O O   . GLN A 1 91  ? 15.323  -7.232  10.401  1.00 32.86 ? 437 GLN A O   1 
ATOM   734  C CB  . GLN A 1 91  ? 13.166  -5.617  9.570   1.00 28.99 ? 437 GLN A CB  1 
ATOM   735  C CG  . GLN A 1 91  ? 12.425  -4.458  8.901   1.00 27.60 ? 437 GLN A CG  1 
ATOM   736  C CD  . GLN A 1 91  ? 11.636  -3.601  9.877   1.00 26.86 ? 437 GLN A CD  1 
ATOM   737  O OE1 . GLN A 1 91  ? 10.462  -3.864  10.153  1.00 26.94 ? 437 GLN A OE1 1 
ATOM   738  N NE2 . GLN A 1 91  ? 12.282  -2.574  10.411  1.00 25.60 ? 437 GLN A NE2 1 
ATOM   739  N N   . SER A 1 92  ? 15.018  -8.665  8.688   1.00 36.65 ? 438 SER A N   1 
ATOM   740  C CA  . SER A 1 92  ? 15.822  -9.747  9.254   1.00 39.94 ? 438 SER A CA  1 
ATOM   741  C C   . SER A 1 92  ? 17.331  -9.484  9.292   1.00 42.28 ? 438 SER A C   1 
ATOM   742  O O   . SER A 1 92  ? 17.814  -8.480  8.770   1.00 42.13 ? 438 SER A O   1 
ATOM   743  C CB  . SER A 1 92  ? 15.553  -11.039 8.479   1.00 39.99 ? 438 SER A CB  1 
ATOM   744  O OG  . SER A 1 92  ? 16.394  -12.084 8.923   1.00 42.18 ? 438 SER A OG  1 
ATOM   745  N N   . GLU A 1 93  ? 18.062  -10.413 9.909   1.00 45.24 ? 439 GLU A N   1 
ATOM   746  C CA  . GLU A 1 93  ? 19.515  -10.331 10.067  1.00 48.11 ? 439 GLU A CA  1 
ATOM   747  C C   . GLU A 1 93  ? 20.289  -9.951  8.808   1.00 49.78 ? 439 GLU A C   1 
ATOM   748  O O   . GLU A 1 93  ? 19.783  -10.054 7.688   1.00 50.29 ? 439 GLU A O   1 
ATOM   749  C CB  . GLU A 1 93  ? 20.069  -11.659 10.595  1.00 48.85 ? 439 GLU A CB  1 
ATOM   750  C CG  . GLU A 1 93  ? 19.286  -12.267 11.753  1.00 50.16 ? 439 GLU A CG  1 
ATOM   751  C CD  . GLU A 1 93  ? 18.259  -13.291 11.293  1.00 50.68 ? 439 GLU A CD  1 
ATOM   752  O OE1 . GLU A 1 93  ? 17.517  -13.821 12.148  1.00 50.61 ? 439 GLU A OE1 1 
ATOM   753  O OE2 . GLU A 1 93  ? 18.201  -13.573 10.077  1.00 50.84 ? 439 GLU A OE2 1 
ATOM   754  N N   . ALA A 1 94  ? 21.536  -9.537  9.018   1.00 51.37 ? 440 ALA A N   1 
ATOM   755  C CA  . ALA A 1 94  ? 22.444  -9.114  7.951   1.00 52.84 ? 440 ALA A CA  1 
ATOM   756  C C   . ALA A 1 94  ? 22.410  -9.964  6.679   1.00 53.44 ? 440 ALA A C   1 
ATOM   757  O O   . ALA A 1 94  ? 22.324  -9.425  5.571   1.00 53.92 ? 440 ALA A O   1 
ATOM   758  C CB  . ALA A 1 94  ? 23.878  -9.049  8.490   1.00 52.85 ? 440 ALA A CB  1 
ATOM   759  N N   . PRO A 1 95  ? 22.480  -11.300 6.815   1.00 53.75 ? 441 PRO A N   1 
ATOM   760  C CA  . PRO A 1 95  ? 22.453  -12.160 5.626   1.00 53.46 ? 441 PRO A CA  1 
ATOM   761  C C   . PRO A 1 95  ? 21.269  -11.882 4.706   1.00 52.80 ? 441 PRO A C   1 
ATOM   762  O O   . PRO A 1 95  ? 20.396  -11.074 5.029   1.00 53.12 ? 441 PRO A O   1 
ATOM   763  C CB  . PRO A 1 95  ? 22.425  -13.570 6.219   1.00 53.91 ? 441 PRO A CB  1 
ATOM   764  C CG  . PRO A 1 95  ? 21.754  -13.369 7.551   1.00 54.25 ? 441 PRO A CG  1 
ATOM   765  C CD  . PRO A 1 95  ? 22.414  -12.110 8.045   1.00 53.95 ? 441 PRO A CD  1 
ATOM   766  N N   . VAL A 1 96  ? 21.249  -12.556 3.561   1.00 51.75 ? 442 VAL A N   1 
ATOM   767  C CA  . VAL A 1 96  ? 20.188  -12.392 2.572   1.00 50.37 ? 442 VAL A CA  1 
ATOM   768  C C   . VAL A 1 96  ? 18.810  -12.134 3.179   1.00 49.01 ? 442 VAL A C   1 
ATOM   769  O O   . VAL A 1 96  ? 18.445  -12.717 4.204   1.00 49.22 ? 442 VAL A O   1 
ATOM   770  C CB  . VAL A 1 96  ? 20.081  -13.633 1.667   1.00 50.77 ? 442 VAL A CB  1 
ATOM   771  C CG1 . VAL A 1 96  ? 21.379  -13.828 0.901   1.00 50.89 ? 442 VAL A CG1 1 
ATOM   772  C CG2 . VAL A 1 96  ? 19.765  -14.862 2.508   1.00 51.04 ? 442 VAL A CG2 1 
ATOM   773  N N   . ARG A 1 97  ? 18.053  -11.251 2.536   1.00 46.75 ? 443 ARG A N   1 
ATOM   774  C CA  . ARG A 1 97  ? 16.709  -10.912 2.983   1.00 44.33 ? 443 ARG A CA  1 
ATOM   775  C C   . ARG A 1 97  ? 15.717  -11.176 1.859   1.00 42.08 ? 443 ARG A C   1 
ATOM   776  O O   . ARG A 1 97  ? 16.066  -11.101 0.682   1.00 42.24 ? 443 ARG A O   1 
ATOM   777  C CB  . ARG A 1 97  ? 16.628  -9.439  3.387   1.00 44.90 ? 443 ARG A CB  1 
ATOM   778  C CG  . ARG A 1 97  ? 17.411  -9.081  4.635   1.00 45.95 ? 443 ARG A CG  1 
ATOM   779  C CD  . ARG A 1 97  ? 17.200  -7.622  5.005   1.00 46.77 ? 443 ARG A CD  1 
ATOM   780  N NE  . ARG A 1 97  ? 17.863  -7.278  6.258   1.00 47.92 ? 443 ARG A NE  1 
ATOM   781  C CZ  . ARG A 1 97  ? 17.781  -6.088  6.846   1.00 48.83 ? 443 ARG A CZ  1 
ATOM   782  N NH1 . ARG A 1 97  ? 17.061  -5.123  6.292   1.00 49.20 ? 443 ARG A NH1 1 
ATOM   783  N NH2 . ARG A 1 97  ? 18.420  -5.862  7.987   1.00 49.20 ? 443 ARG A NH2 1 
ATOM   784  N N   . GLN A 1 98  ? 14.481  -11.487 2.228   1.00 38.98 ? 444 GLN A N   1 
ATOM   785  C CA  . GLN A 1 98  ? 13.443  -11.745 1.243   1.00 35.96 ? 444 GLN A CA  1 
ATOM   786  C C   . GLN A 1 98  ? 12.215  -10.911 1.571   1.00 33.03 ? 444 GLN A C   1 
ATOM   787  O O   . GLN A 1 98  ? 11.488  -11.208 2.515   1.00 32.53 ? 444 GLN A O   1 
ATOM   788  C CB  . GLN A 1 98  ? 13.069  -13.228 1.232   1.00 36.98 ? 444 GLN A CB  1 
ATOM   789  C CG  . GLN A 1 98  ? 12.146  -13.615 0.087   1.00 39.18 ? 444 GLN A CG  1 
ATOM   790  C CD  . GLN A 1 98  ? 11.828  -15.101 0.064   1.00 40.38 ? 444 GLN A CD  1 
ATOM   791  O OE1 . GLN A 1 98  ? 11.169  -15.622 0.966   1.00 41.32 ? 444 GLN A OE1 1 
ATOM   792  N NE2 . GLN A 1 98  ? 12.300  -15.793 -0.971  1.00 40.48 ? 444 GLN A NE2 1 
ATOM   793  N N   . ASN A 1 99  ? 11.994  -9.857  0.795   1.00 29.89 ? 445 ASN A N   1 
ATOM   794  C CA  . ASN A 1 99  ? 10.842  -8.994  1.012   1.00 26.46 ? 445 ASN A CA  1 
ATOM   795  C C   . ASN A 1 99  ? 9.622   -9.623  0.362   1.00 24.78 ? 445 ASN A C   1 
ATOM   796  O O   . ASN A 1 99  ? 9.735   -10.579 -0.405  1.00 23.77 ? 445 ASN A O   1 
ATOM   797  C CB  . ASN A 1 99  ? 11.071  -7.613  0.393   1.00 24.93 ? 445 ASN A CB  1 
ATOM   798  C CG  . ASN A 1 99  ? 12.387  -6.998  0.807   1.00 23.87 ? 445 ASN A CG  1 
ATOM   799  O OD1 . ASN A 1 99  ? 12.768  -7.046  1.975   1.00 23.76 ? 445 ASN A OD1 1 
ATOM   800  N ND2 . ASN A 1 99  ? 13.086  -6.402  -0.150  1.00 23.43 ? 445 ASN A ND2 1 
ATOM   801  N N   . HIS A 1 100 ? 8.450   -9.092  0.682   1.00 22.91 ? 446 HIS A N   1 
ATOM   802  C CA  . HIS A 1 100 ? 7.221   -9.583  0.089   1.00 22.24 ? 446 HIS A CA  1 
ATOM   803  C C   . HIS A 1 100 ? 6.728   -8.435  -0.781  1.00 21.77 ? 446 HIS A C   1 
ATOM   804  O O   . HIS A 1 100 ? 6.388   -7.363  -0.276  1.00 20.62 ? 446 HIS A O   1 
ATOM   805  C CB  . HIS A 1 100 ? 6.198   -9.921  1.171   1.00 21.62 ? 446 HIS A CB  1 
ATOM   806  C CG  . HIS A 1 100 ? 5.056   -10.746 0.671   1.00 20.87 ? 446 HIS A CG  1 
ATOM   807  N ND1 . HIS A 1 100 ? 4.018   -10.215 -0.064  1.00 20.62 ? 446 HIS A ND1 1 
ATOM   808  C CD2 . HIS A 1 100 ? 4.823   -12.077 0.747   1.00 19.68 ? 446 HIS A CD2 1 
ATOM   809  C CE1 . HIS A 1 100 ? 3.196   -11.184 -0.422  1.00 19.69 ? 446 HIS A CE1 1 
ATOM   810  N NE2 . HIS A 1 100 ? 3.662   -12.324 0.058   1.00 20.34 ? 446 HIS A NE2 1 
ATOM   811  N N   . GLU A 1 101 ? 6.705   -8.636  -2.093  1.00 22.48 ? 447 GLU A N   1 
ATOM   812  C CA  . GLU A 1 101 ? 6.275   -7.549  -2.953  1.00 23.31 ? 447 GLU A CA  1 
ATOM   813  C C   . GLU A 1 101 ? 5.572   -7.931  -4.235  1.00 21.66 ? 447 GLU A C   1 
ATOM   814  O O   . GLU A 1 101 ? 5.647   -9.066  -4.705  1.00 20.87 ? 447 GLU A O   1 
ATOM   815  C CB  . GLU A 1 101 ? 7.467   -6.646  -3.290  1.00 26.91 ? 447 GLU A CB  1 
ATOM   816  C CG  . GLU A 1 101 ? 8.293   -7.082  -4.486  1.00 32.12 ? 447 GLU A CG  1 
ATOM   817  C CD  . GLU A 1 101 ? 9.036   -8.381  -4.248  1.00 35.19 ? 447 GLU A CD  1 
ATOM   818  O OE1 . GLU A 1 101 ? 9.814   -8.449  -3.271  1.00 38.04 ? 447 GLU A OE1 1 
ATOM   819  O OE2 . GLU A 1 101 ? 8.849   -9.332  -5.042  1.00 37.35 ? 447 GLU A OE2 1 
ATOM   820  N N   . GLU A 1 102 ? 4.884   -6.942  -4.787  1.00 20.09 ? 448 GLU A N   1 
ATOM   821  C CA  . GLU A 1 102 ? 4.146   -7.075  -6.029  1.00 19.67 ? 448 GLU A CA  1 
ATOM   822  C C   . GLU A 1 102 ? 4.409   -5.791  -6.796  1.00 19.36 ? 448 GLU A C   1 
ATOM   823  O O   . GLU A 1 102 ? 4.718   -4.756  -6.193  1.00 18.41 ? 448 GLU A O   1 
ATOM   824  C CB  . GLU A 1 102 ? 2.645   -7.179  -5.761  1.00 19.91 ? 448 GLU A CB  1 
ATOM   825  C CG  . GLU A 1 102 ? 2.212   -8.385  -4.945  1.00 21.07 ? 448 GLU A CG  1 
ATOM   826  C CD  . GLU A 1 102 ? 2.444   -9.699  -5.665  1.00 23.35 ? 448 GLU A CD  1 
ATOM   827  O OE1 . GLU A 1 102 ? 2.407   -9.711  -6.915  1.00 23.88 ? 448 GLU A OE1 1 
ATOM   828  O OE2 . GLU A 1 102 ? 2.644   -10.725 -4.979  1.00 24.23 ? 448 GLU A OE2 1 
ATOM   829  N N   . ILE A 1 103 ? 4.297   -5.862  -8.116  1.00 17.61 ? 449 ILE A N   1 
ATOM   830  C CA  . ILE A 1 103 ? 4.485   -4.693  -8.962  1.00 18.13 ? 449 ILE A CA  1 
ATOM   831  C C   . ILE A 1 103 ? 3.244   -4.613  -9.827  1.00 17.43 ? 449 ILE A C   1 
ATOM   832  O O   . ILE A 1 103 ? 2.866   -5.596  -10.460 1.00 16.88 ? 449 ILE A O   1 
ATOM   833  C CB  . ILE A 1 103 ? 5.705   -4.830  -9.890  1.00 19.39 ? 449 ILE A CB  1 
ATOM   834  C CG1 . ILE A 1 103 ? 6.927   -5.289  -9.089  1.00 20.26 ? 449 ILE A CG1 1 
ATOM   835  C CG2 . ILE A 1 103 ? 5.982   -3.489  -10.566 1.00 19.49 ? 449 ILE A CG2 1 
ATOM   836  C CD1 . ILE A 1 103 ? 8.218   -5.348  -9.902  1.00 23.49 ? 449 ILE A CD1 1 
ATOM   837  N N   . MET A 1 104 ? 2.594   -3.458  -9.839  1.00 18.22 ? 450 MET A N   1 
ATOM   838  C CA  . MET A 1 104 ? 1.394   -3.307  -10.646 1.00 18.71 ? 450 MET A CA  1 
ATOM   839  C C   . MET A 1 104 ? 1.509   -2.235  -11.711 1.00 18.42 ? 450 MET A C   1 
ATOM   840  O O   . MET A 1 104 ? 2.161   -1.209  -11.521 1.00 18.13 ? 450 MET A O   1 
ATOM   841  C CB  . MET A 1 104 ? 0.171   -3.025  -9.760  1.00 20.14 ? 450 MET A CB  1 
ATOM   842  C CG  . MET A 1 104 ? 0.462   -2.341  -8.434  1.00 20.26 ? 450 MET A CG  1 
ATOM   843  S SD  . MET A 1 104 ? -1.027  -2.165  -7.414  1.00 20.51 ? 450 MET A SD  1 
ATOM   844  C CE  . MET A 1 104 ? -0.963  -0.402  -7.022  1.00 19.95 ? 450 MET A CE  1 
ATOM   845  N N   . ASP A 1 105 ? 0.890   -2.509  -12.852 1.00 18.86 ? 451 ASP A N   1 
ATOM   846  C CA  . ASP A 1 105 ? 0.869   -1.569  -13.956 1.00 19.89 ? 451 ASP A CA  1 
ATOM   847  C C   . ASP A 1 105 ? -0.442  -0.826  -13.812 1.00 19.54 ? 451 ASP A C   1 
ATOM   848  O O   . ASP A 1 105 ? -1.485  -1.441  -13.587 1.00 19.63 ? 451 ASP A O   1 
ATOM   849  C CB  . ASP A 1 105 ? 0.884   -2.299  -15.300 1.00 21.89 ? 451 ASP A CB  1 
ATOM   850  C CG  . ASP A 1 105 ? 2.176   -3.044  -15.547 1.00 23.82 ? 451 ASP A CG  1 
ATOM   851  O OD1 . ASP A 1 105 ? 3.254   -2.426  -15.413 1.00 25.41 ? 451 ASP A OD1 1 
ATOM   852  O OD2 . ASP A 1 105 ? 2.112   -4.244  -15.885 1.00 25.76 ? 451 ASP A OD2 1 
ATOM   853  N N   . ALA A 1 106 ? -0.396  0.495   -13.919 1.00 19.59 ? 452 ALA A N   1 
ATOM   854  C CA  . ALA A 1 106 ? -1.611  1.279   -13.806 1.00 19.35 ? 452 ALA A CA  1 
ATOM   855  C C   . ALA A 1 106 ? -2.501  0.999   -15.013 1.00 19.65 ? 452 ALA A C   1 
ATOM   856  O O   . ALA A 1 106 ? -2.013  0.806   -16.124 1.00 20.00 ? 452 ALA A O   1 
ATOM   857  C CB  . ALA A 1 106 ? -1.276  2.760   -13.742 1.00 19.18 ? 452 ALA A CB  1 
ATOM   858  N N   . LYS A 1 107 ? -3.808  0.966   -14.779 1.00 19.97 ? 453 LYS A N   1 
ATOM   859  C CA  . LYS A 1 107 ? -4.780  0.742   -15.841 1.00 20.34 ? 453 LYS A CA  1 
ATOM   860  C C   . LYS A 1 107 ? -5.487  2.079   -16.052 1.00 19.86 ? 453 LYS A C   1 
ATOM   861  O O   . LYS A 1 107 ? -6.406  2.421   -15.318 1.00 18.20 ? 453 LYS A O   1 
ATOM   862  C CB  . LYS A 1 107 ? -5.805  -0.314  -15.424 1.00 21.83 ? 453 LYS A CB  1 
ATOM   863  C CG  . LYS A 1 107 ? -5.331  -1.750  -15.527 1.00 24.87 ? 453 LYS A CG  1 
ATOM   864  C CD  . LYS A 1 107 ? -6.490  -2.689  -15.247 1.00 26.78 ? 453 LYS A CD  1 
ATOM   865  C CE  . LYS A 1 107 ? -6.115  -4.142  -15.450 1.00 28.92 ? 453 LYS A CE  1 
ATOM   866  N NZ  . LYS A 1 107 ? -7.275  -5.035  -15.134 1.00 30.73 ? 453 LYS A NZ  1 
ATOM   867  N N   . PRO A 1 108 ? -5.070  2.843   -17.072 1.00 19.64 ? 454 PRO A N   1 
ATOM   868  C CA  . PRO A 1 108 ? -5.665  4.149   -17.365 1.00 19.82 ? 454 PRO A CA  1 
ATOM   869  C C   . PRO A 1 108 ? -7.176  4.188   -17.590 1.00 19.64 ? 454 PRO A C   1 
ATOM   870  O O   . PRO A 1 108 ? -7.778  5.260   -17.544 1.00 18.91 ? 454 PRO A O   1 
ATOM   871  C CB  . PRO A 1 108 ? -4.866  4.626   -18.581 1.00 20.02 ? 454 PRO A CB  1 
ATOM   872  C CG  . PRO A 1 108 ? -4.484  3.352   -19.256 1.00 20.77 ? 454 PRO A CG  1 
ATOM   873  C CD  . PRO A 1 108 ? -4.073  2.480   -18.095 1.00 19.97 ? 454 PRO A CD  1 
ATOM   874  N N   . GLU A 1 109 ? -7.790  3.034   -17.829 1.00 19.31 ? 455 GLU A N   1 
ATOM   875  C CA  . GLU A 1 109 ? -9.235  2.990   -18.047 1.00 20.37 ? 455 GLU A CA  1 
ATOM   876  C C   . GLU A 1 109 ? -10.012 3.014   -16.731 1.00 19.78 ? 455 GLU A C   1 
ATOM   877  O O   . GLU A 1 109 ? -11.225 3.225   -16.728 1.00 19.10 ? 455 GLU A O   1 
ATOM   878  C CB  . GLU A 1 109 ? -9.634  1.734   -18.837 1.00 21.46 ? 455 GLU A CB  1 
ATOM   879  C CG  . GLU A 1 109 ? -9.417  0.423   -18.092 1.00 24.27 ? 455 GLU A CG  1 
ATOM   880  C CD  . GLU A 1 109 ? -8.081  -0.222  -18.405 1.00 26.37 ? 455 GLU A CD  1 
ATOM   881  O OE1 . GLU A 1 109 ? -7.051  0.483   -18.370 1.00 27.89 ? 455 GLU A OE1 1 
ATOM   882  O OE2 . GLU A 1 109 ? -8.060  -1.442  -18.680 1.00 28.38 ? 455 GLU A OE2 1 
ATOM   883  N N   . LEU A 1 110 ? -9.311  2.804   -15.616 1.00 19.50 ? 456 LEU A N   1 
ATOM   884  C CA  . LEU A 1 110 ? -9.945  2.788   -14.296 1.00 18.77 ? 456 LEU A CA  1 
ATOM   885  C C   . LEU A 1 110 ? -9.967  4.157   -13.623 1.00 18.77 ? 456 LEU A C   1 
ATOM   886  O O   . LEU A 1 110 ? -8.991  4.906   -13.686 1.00 18.14 ? 456 LEU A O   1 
ATOM   887  C CB  . LEU A 1 110 ? -9.223  1.795   -13.384 1.00 18.87 ? 456 LEU A CB  1 
ATOM   888  C CG  . LEU A 1 110 ? -9.115  0.351   -13.879 1.00 18.73 ? 456 LEU A CG  1 
ATOM   889  C CD1 . LEU A 1 110 ? -8.365  -0.478  -12.839 1.00 19.34 ? 456 LEU A CD1 1 
ATOM   890  C CD2 . LEU A 1 110 ? -10.507 -0.219  -14.130 1.00 18.09 ? 456 LEU A CD2 1 
ATOM   891  N N   . LEU A 1 111 ? -11.080 4.470   -12.961 1.00 19.20 ? 457 LEU A N   1 
ATOM   892  C CA  . LEU A 1 111 ? -11.239 5.749   -12.266 1.00 19.30 ? 457 LEU A CA  1 
ATOM   893  C C   . LEU A 1 111 ? -10.202 5.913   -11.159 1.00 18.66 ? 457 LEU A C   1 
ATOM   894  O O   . LEU A 1 111 ? -9.918  7.030   -10.716 1.00 17.51 ? 457 LEU A O   1 
ATOM   895  C CB  . LEU A 1 111 ? -12.644 5.859   -11.665 1.00 22.06 ? 457 LEU A CB  1 
ATOM   896  C CG  . LEU A 1 111 ? -13.835 5.784   -12.631 1.00 24.18 ? 457 LEU A CG  1 
ATOM   897  C CD1 . LEU A 1 111 ? -15.141 5.845   -11.846 1.00 24.75 ? 457 LEU A CD1 1 
ATOM   898  C CD2 . LEU A 1 111 ? -13.761 6.920   -13.639 1.00 24.18 ? 457 LEU A CD2 1 
ATOM   899  N N   . ALA A 1 112 ? -9.645  4.796   -10.705 1.00 17.12 ? 458 ALA A N   1 
ATOM   900  C CA  . ALA A 1 112 ? -8.635  4.839   -9.660  1.00 17.03 ? 458 ALA A CA  1 
ATOM   901  C C   . ALA A 1 112 ? -7.433  5.656   -10.124 1.00 16.59 ? 458 ALA A C   1 
ATOM   902  O O   . ALA A 1 112 ? -6.757  6.294   -9.317  1.00 15.98 ? 458 ALA A O   1 
ATOM   903  C CB  . ALA A 1 112 ? -8.197  3.420   -9.292  1.00 16.20 ? 458 ALA A CB  1 
ATOM   904  N N   . PHE A 1 113 ? -7.170  5.661   -11.427 1.00 15.79 ? 459 PHE A N   1 
ATOM   905  C CA  . PHE A 1 113 ? -6.020  6.400   -11.911 1.00 16.34 ? 459 PHE A CA  1 
ATOM   906  C C   . PHE A 1 113 ? -6.281  7.784   -12.468 1.00 17.21 ? 459 PHE A C   1 
ATOM   907  O O   . PHE A 1 113 ? -5.454  8.347   -13.176 1.00 16.72 ? 459 PHE A O   1 
ATOM   908  C CB  . PHE A 1 113 ? -5.235  5.540   -12.895 1.00 16.54 ? 459 PHE A CB  1 
ATOM   909  C CG  . PHE A 1 113 ? -4.621  4.338   -12.246 1.00 16.33 ? 459 PHE A CG  1 
ATOM   910  C CD1 . PHE A 1 113 ? -5.198  3.082   -12.386 1.00 16.45 ? 459 PHE A CD1 1 
ATOM   911  C CD2 . PHE A 1 113 ? -3.512  4.480   -11.411 1.00 16.89 ? 459 PHE A CD2 1 
ATOM   912  C CE1 . PHE A 1 113 ? -4.685  1.981   -11.700 1.00 16.60 ? 459 PHE A CE1 1 
ATOM   913  C CE2 . PHE A 1 113 ? -2.992  3.389   -10.721 1.00 17.06 ? 459 PHE A CE2 1 
ATOM   914  C CZ  . PHE A 1 113 ? -3.579  2.138   -10.866 1.00 16.77 ? 459 PHE A CZ  1 
ATOM   915  N N   . GLN A 1 114 ? -7.439  8.337   -12.130 1.00 17.98 ? 460 GLN A N   1 
ATOM   916  C CA  . GLN A 1 114 ? -7.781  9.684   -12.555 1.00 18.01 ? 460 GLN A CA  1 
ATOM   917  C C   . GLN A 1 114 ? -7.614  10.583  -11.335 1.00 17.23 ? 460 GLN A C   1 
ATOM   918  O O   . GLN A 1 114 ? -7.430  10.092  -10.220 1.00 16.12 ? 460 GLN A O   1 
ATOM   919  C CB  . GLN A 1 114 ? -9.228  9.735   -13.053 1.00 19.42 ? 460 GLN A CB  1 
ATOM   920  C CG  . GLN A 1 114 ? -9.358  9.930   -14.566 1.00 21.53 ? 460 GLN A CG  1 
ATOM   921  C CD  . GLN A 1 114 ? -8.607  11.165  -15.064 1.00 22.98 ? 460 GLN A CD  1 
ATOM   922  O OE1 . GLN A 1 114 ? -8.358  12.103  -14.303 1.00 23.00 ? 460 GLN A OE1 1 
ATOM   923  N NE2 . GLN A 1 114 ? -8.257  11.172  -16.349 1.00 24.30 ? 460 GLN A NE2 1 
ATOM   924  N N   . ARG A 1 115 ? -7.651  11.894  -11.544 1.00 16.57 ? 461 ARG A N   1 
ATOM   925  C CA  . ARG A 1 115 ? -7.535  12.825  -10.432 1.00 16.84 ? 461 ARG A CA  1 
ATOM   926  C C   . ARG A 1 115 ? -8.910  12.909  -9.779  1.00 17.01 ? 461 ARG A C   1 
ATOM   927  O O   . ARG A 1 115 ? -9.923  13.061  -10.465 1.00 16.11 ? 461 ARG A O   1 
ATOM   928  C CB  . ARG A 1 115 ? -7.105  14.213  -10.921 1.00 16.35 ? 461 ARG A CB  1 
ATOM   929  C CG  . ARG A 1 115 ? -7.066  15.262  -9.814  1.00 16.47 ? 461 ARG A CG  1 
ATOM   930  C CD  . ARG A 1 115 ? -6.593  16.606  -10.339 1.00 16.96 ? 461 ARG A CD  1 
ATOM   931  N NE  . ARG A 1 115 ? -6.458  17.601  -9.276  1.00 15.84 ? 461 ARG A NE  1 
ATOM   932  C CZ  . ARG A 1 115 ? -7.443  18.378  -8.828  1.00 17.58 ? 461 ARG A CZ  1 
ATOM   933  N NH1 . ARG A 1 115 ? -8.666  18.293  -9.344  1.00 16.96 ? 461 ARG A NH1 1 
ATOM   934  N NH2 . ARG A 1 115 ? -7.199  19.254  -7.866  1.00 17.87 ? 461 ARG A NH2 1 
ATOM   935  N N   . PRO A 1 116 ? -8.969  12.799  -8.445  1.00 17.73 ? 462 PRO A N   1 
ATOM   936  C CA  . PRO A 1 116 ? -10.272 12.871  -7.777  1.00 18.04 ? 462 PRO A CA  1 
ATOM   937  C C   . PRO A 1 116 ? -10.837 14.290  -7.665  1.00 18.29 ? 462 PRO A C   1 
ATOM   938  O O   . PRO A 1 116 ? -10.096 15.276  -7.677  1.00 18.39 ? 462 PRO A O   1 
ATOM   939  C CB  . PRO A 1 116 ? -9.993  12.237  -6.417  1.00 17.28 ? 462 PRO A CB  1 
ATOM   940  C CG  . PRO A 1 116 ? -8.587  12.682  -6.133  1.00 18.58 ? 462 PRO A CG  1 
ATOM   941  C CD  . PRO A 1 116 ? -7.892  12.490  -7.483  1.00 18.35 ? 462 PRO A CD  1 
ATOM   942  N N   . THR A 1 117 ? -12.158 14.372  -7.562  1.00 19.08 ? 463 THR A N   1 
ATOM   943  C CA  . THR A 1 117 ? -12.866 15.642  -7.438  1.00 20.15 ? 463 THR A CA  1 
ATOM   944  C C   . THR A 1 117 ? -12.940 16.052  -5.969  1.00 19.60 ? 463 THR A C   1 
ATOM   945  O O   . THR A 1 117 ? -13.434 17.125  -5.630  1.00 20.22 ? 463 THR A O   1 
ATOM   946  C CB  . THR A 1 117 ? -14.287 15.522  -7.981  1.00 21.08 ? 463 THR A CB  1 
ATOM   947  O OG1 . THR A 1 117 ? -14.967 14.475  -7.280  1.00 22.38 ? 463 THR A OG1 1 
ATOM   948  C CG2 . THR A 1 117 ? -14.263 15.196  -9.473  1.00 22.77 ? 463 THR A CG2 1 
ATOM   949  N N   . ILE A 1 118 ? -12.461 15.165  -5.106  1.00 19.20 ? 464 ILE A N   1 
ATOM   950  C CA  . ILE A 1 118 ? -12.420 15.402  -3.671  1.00 18.44 ? 464 ILE A CA  1 
ATOM   951  C C   . ILE A 1 118 ? -11.001 15.007  -3.271  1.00 18.25 ? 464 ILE A C   1 
ATOM   952  O O   . ILE A 1 118 ? -10.337 14.275  -3.999  1.00 18.92 ? 464 ILE A O   1 
ATOM   953  C CB  . ILE A 1 118 ? -13.462 14.538  -2.922  1.00 18.45 ? 464 ILE A CB  1 
ATOM   954  C CG1 . ILE A 1 118 ? -13.244 13.053  -3.236  1.00 18.68 ? 464 ILE A CG1 1 
ATOM   955  C CG2 . ILE A 1 118 ? -14.866 14.980  -3.318  1.00 18.69 ? 464 ILE A CG2 1 
ATOM   956  C CD1 . ILE A 1 118 ? -14.160 12.120  -2.471  1.00 19.15 ? 464 ILE A CD1 1 
ATOM   957  N N   . PRO A 1 119 ? -10.515 15.488  -2.117  1.00 18.02 ? 465 PRO A N   1 
ATOM   958  C CA  . PRO A 1 119 ? -9.157  15.179  -1.652  1.00 17.55 ? 465 PRO A CA  1 
ATOM   959  C C   . PRO A 1 119 ? -8.598  13.764  -1.849  1.00 16.05 ? 465 PRO A C   1 
ATOM   960  O O   . PRO A 1 119 ? -7.467  13.617  -2.323  1.00 15.73 ? 465 PRO A O   1 
ATOM   961  C CB  . PRO A 1 119 ? -9.169  15.634  -0.184  1.00 17.63 ? 465 PRO A CB  1 
ATOM   962  C CG  . PRO A 1 119 ? -10.638 15.863  0.136   1.00 19.36 ? 465 PRO A CG  1 
ATOM   963  C CD  . PRO A 1 119 ? -11.210 16.348  -1.148  1.00 18.02 ? 465 PRO A CD  1 
ATOM   964  N N   . ARG A 1 120 ? -9.364  12.734  -1.498  1.00 14.27 ? 466 ARG A N   1 
ATOM   965  C CA  . ARG A 1 120 ? -8.894  11.355  -1.656  1.00 13.20 ? 466 ARG A CA  1 
ATOM   966  C C   . ARG A 1 120 ? -9.803  10.561  -2.590  1.00 13.61 ? 466 ARG A C   1 
ATOM   967  O O   . ARG A 1 120 ? -11.016 10.510  -2.396  1.00 13.84 ? 466 ARG A O   1 
ATOM   968  C CB  . ARG A 1 120 ? -8.835  10.649  -0.297  1.00 12.54 ? 466 ARG A CB  1 
ATOM   969  C CG  . ARG A 1 120 ? -8.231  9.248   -0.335  1.00 12.70 ? 466 ARG A CG  1 
ATOM   970  C CD  . ARG A 1 120 ? -8.182  8.644   1.064   1.00 12.49 ? 466 ARG A CD  1 
ATOM   971  N NE  . ARG A 1 120 ? -9.491  8.154   1.483   1.00 11.88 ? 466 ARG A NE  1 
ATOM   972  C CZ  . ARG A 1 120 ? -9.870  8.016   2.748   1.00 13.18 ? 466 ARG A CZ  1 
ATOM   973  N NH1 . ARG A 1 120 ? -9.041  8.342   3.739   1.00 12.76 ? 466 ARG A NH1 1 
ATOM   974  N NH2 . ARG A 1 120 ? -11.071 7.539   3.024   1.00 11.94 ? 466 ARG A NH2 1 
ATOM   975  N N   . ASN A 1 121 ? -9.209  9.928   -3.596  1.00 13.93 ? 467 ASN A N   1 
ATOM   976  C CA  . ASN A 1 121 ? -9.986  9.148   -4.552  1.00 14.43 ? 467 ASN A CA  1 
ATOM   977  C C   . ASN A 1 121 ? -10.689 7.977   -3.872  1.00 14.95 ? 467 ASN A C   1 
ATOM   978  O O   . ASN A 1 121 ? -10.050 7.149   -3.224  1.00 14.33 ? 467 ASN A O   1 
ATOM   979  C CB  . ASN A 1 121 ? -9.080  8.612   -5.663  1.00 13.20 ? 467 ASN A CB  1 
ATOM   980  C CG  . ASN A 1 121 ? -9.866  8.104   -6.856  1.00 13.13 ? 467 ASN A CG  1 
ATOM   981  O OD1 . ASN A 1 121 ? -11.024 7.703   -6.723  1.00 11.41 ? 467 ASN A OD1 1 
ATOM   982  N ND2 . ASN A 1 121 ? -9.241  8.116   -8.031  1.00 10.84 ? 467 ASN A ND2 1 
ATOM   983  N N   . PRO A 1 122 ? -12.022 7.891   -4.018  1.00 15.73 ? 468 PRO A N   1 
ATOM   984  C CA  . PRO A 1 122 ? -12.782 6.795   -3.404  1.00 16.47 ? 468 PRO A CA  1 
ATOM   985  C C   . PRO A 1 122 ? -12.311 5.447   -3.939  1.00 16.18 ? 468 PRO A C   1 
ATOM   986  O O   . PRO A 1 122 ? -12.262 4.456   -3.212  1.00 14.96 ? 468 PRO A O   1 
ATOM   987  C CB  . PRO A 1 122 ? -14.221 7.093   -3.819  1.00 16.76 ? 468 PRO A CB  1 
ATOM   988  C CG  . PRO A 1 122 ? -14.233 8.581   -3.972  1.00 17.67 ? 468 PRO A CG  1 
ATOM   989  C CD  . PRO A 1 122 ? -12.925 8.844   -4.681  1.00 15.80 ? 468 PRO A CD  1 
ATOM   990  N N   . LYS A 1 123 ? -11.975 5.421   -5.225  1.00 17.22 ? 469 LYS A N   1 
ATOM   991  C CA  . LYS A 1 123 ? -11.513 4.202   -5.869  1.00 16.76 ? 469 LYS A CA  1 
ATOM   992  C C   . LYS A 1 123 ? -10.005 4.080   -5.794  1.00 15.86 ? 469 LYS A C   1 
ATOM   993  O O   . LYS A 1 123 ? -9.273  5.022   -6.105  1.00 15.17 ? 469 LYS A O   1 
ATOM   994  C CB  . LYS A 1 123 ? -11.965 4.159   -7.337  1.00 18.93 ? 469 LYS A CB  1 
ATOM   995  C CG  . LYS A 1 123 ? -13.449 3.863   -7.521  1.00 21.51 ? 469 LYS A CG  1 
ATOM   996  C CD  . LYS A 1 123 ? -13.812 3.762   -8.994  1.00 24.88 ? 469 LYS A CD  1 
ATOM   997  C CE  . LYS A 1 123 ? -15.225 3.223   -9.185  1.00 25.58 ? 469 LYS A CE  1 
ATOM   998  N NZ  . LYS A 1 123 ? -16.243 4.047   -8.468  1.00 27.21 ? 469 LYS A NZ  1 
ATOM   999  N N   . GLY A 1 124 ? -9.551  2.905   -5.370  1.00 15.04 ? 470 GLY A N   1 
ATOM   1000 C CA  . GLY A 1 124 ? -8.134  2.644   -5.254  1.00 13.79 ? 470 GLY A CA  1 
ATOM   1001 C C   . GLY A 1 124 ? -7.782  1.433   -6.090  1.00 14.31 ? 470 GLY A C   1 
ATOM   1002 O O   . GLY A 1 124 ? -8.652  0.837   -6.732  1.00 13.97 ? 470 GLY A O   1 
ATOM   1003 N N   . PHE A 1 125 ? -6.509  1.061   -6.075  1.00 14.25 ? 471 PHE A N   1 
ATOM   1004 C CA  . PHE A 1 125 ? -6.033  -0.076  -6.851  1.00 14.47 ? 471 PHE A CA  1 
ATOM   1005 C C   . PHE A 1 125 ? -5.022  -0.852  -6.007  1.00 13.55 ? 471 PHE A C   1 
ATOM   1006 O O   . PHE A 1 125 ? -4.108  -0.264  -5.427  1.00 12.90 ? 471 PHE A O   1 
ATOM   1007 C CB  . PHE A 1 125 ? -5.371  0.437   -8.131  1.00 14.59 ? 471 PHE A CB  1 
ATOM   1008 C CG  . PHE A 1 125 ? -5.198  -0.607  -9.191  1.00 15.89 ? 471 PHE A CG  1 
ATOM   1009 C CD1 . PHE A 1 125 ? -6.307  -1.194  -9.794  1.00 15.32 ? 471 PHE A CD1 1 
ATOM   1010 C CD2 . PHE A 1 125 ? -3.926  -0.982  -9.608  1.00 16.59 ? 471 PHE A CD2 1 
ATOM   1011 C CE1 . PHE A 1 125 ? -6.152  -2.138  -10.803 1.00 16.74 ? 471 PHE A CE1 1 
ATOM   1012 C CE2 . PHE A 1 125 ? -3.760  -1.926  -10.618 1.00 17.45 ? 471 PHE A CE2 1 
ATOM   1013 C CZ  . PHE A 1 125 ? -4.877  -2.504  -11.218 1.00 17.22 ? 471 PHE A CZ  1 
ATOM   1014 N N   . GLY A 1 126 ? -5.186  -2.167  -5.936  1.00 13.01 ? 472 GLY A N   1 
ATOM   1015 C CA  . GLY A 1 126 ? -4.270  -2.959  -5.136  1.00 12.91 ? 472 GLY A CA  1 
ATOM   1016 C C   . GLY A 1 126 ? -4.617  -4.429  -4.976  1.00 13.23 ? 472 GLY A C   1 
ATOM   1017 O O   . GLY A 1 126 ? -5.301  -5.023  -5.820  1.00 12.02 ? 472 GLY A O   1 
ATOM   1018 N N   . TYR A 1 127 ? -4.160  -5.008  -3.865  1.00 12.73 ? 473 TYR A N   1 
ATOM   1019 C CA  . TYR A 1 127 ? -4.362  -6.424  -3.589  1.00 12.94 ? 473 TYR A CA  1 
ATOM   1020 C C   . TYR A 1 127 ? -5.152  -6.720  -2.316  1.00 12.82 ? 473 TYR A C   1 
ATOM   1021 O O   . TYR A 1 127 ? -4.750  -6.319  -1.218  1.00 12.42 ? 473 TYR A O   1 
ATOM   1022 C CB  . TYR A 1 127 ? -2.995  -7.115  -3.501  1.00 14.18 ? 473 TYR A CB  1 
ATOM   1023 C CG  . TYR A 1 127 ? -2.103  -6.876  -4.701  1.00 15.09 ? 473 TYR A CG  1 
ATOM   1024 C CD1 . TYR A 1 127 ? -1.364  -5.700  -4.832  1.00 15.38 ? 473 TYR A CD1 1 
ATOM   1025 C CD2 . TYR A 1 127 ? -2.024  -7.823  -5.723  1.00 15.75 ? 473 TYR A CD2 1 
ATOM   1026 C CE1 . TYR A 1 127 ? -0.567  -5.475  -5.957  1.00 16.17 ? 473 TYR A CE1 1 
ATOM   1027 C CE2 . TYR A 1 127 ? -1.236  -7.610  -6.844  1.00 16.39 ? 473 TYR A CE2 1 
ATOM   1028 C CZ  . TYR A 1 127 ? -0.512  -6.440  -6.958  1.00 16.81 ? 473 TYR A CZ  1 
ATOM   1029 O OH  . TYR A 1 127 ? 0.265   -6.250  -8.075  1.00 17.46 ? 473 TYR A OH  1 
ATOM   1030 N N   . VAL A 1 128 ? -6.273  -7.424  -2.460  1.00 11.70 ? 474 VAL A N   1 
ATOM   1031 C CA  . VAL A 1 128 ? -7.089  -7.787  -1.304  1.00 13.02 ? 474 VAL A CA  1 
ATOM   1032 C C   . VAL A 1 128 ? -6.345  -8.833  -0.474  1.00 12.60 ? 474 VAL A C   1 
ATOM   1033 O O   . VAL A 1 128 ? -6.454  -8.861  0.751   1.00 14.47 ? 474 VAL A O   1 
ATOM   1034 C CB  . VAL A 1 128 ? -8.470  -8.361  -1.727  1.00 13.17 ? 474 VAL A CB  1 
ATOM   1035 C CG1 . VAL A 1 128 ? -9.195  -8.917  -0.516  1.00 13.64 ? 474 VAL A CG1 1 
ATOM   1036 C CG2 . VAL A 1 128 ? -9.320  -7.267  -2.375  1.00 13.23 ? 474 VAL A CG2 1 
ATOM   1037 N N   . THR A 1 129 ? -5.594  -9.697  -1.147  1.00 12.88 ? 475 THR A N   1 
ATOM   1038 C CA  . THR A 1 129 ? -4.814  -10.729 -0.464  1.00 14.37 ? 475 THR A CA  1 
ATOM   1039 C C   . THR A 1 129 ? -3.339  -10.500 -0.771  1.00 13.94 ? 475 THR A C   1 
ATOM   1040 O O   . THR A 1 129 ? -2.685  -11.313 -1.439  1.00 14.55 ? 475 THR A O   1 
ATOM   1041 C CB  . THR A 1 129 ? -5.222  -12.148 -0.921  1.00 14.67 ? 475 THR A CB  1 
ATOM   1042 O OG1 . THR A 1 129 ? -5.183  -12.219 -2.350  1.00 15.82 ? 475 THR A OG1 1 
ATOM   1043 C CG2 . THR A 1 129 ? -6.630  -12.480 -0.439  1.00 14.64 ? 475 THR A CG2 1 
ATOM   1044 N N   . PHE A 1 130 ? -2.827  -9.381  -0.277  1.00 13.07 ? 476 PHE A N   1 
ATOM   1045 C CA  . PHE A 1 130 ? -1.440  -8.997  -0.496  1.00 13.68 ? 476 PHE A CA  1 
ATOM   1046 C C   . PHE A 1 130 ? -0.456  -9.945  0.180   1.00 13.28 ? 476 PHE A C   1 
ATOM   1047 O O   . PHE A 1 130 ? 0.434   -10.484 -0.466  1.00 12.85 ? 476 PHE A O   1 
ATOM   1048 C CB  . PHE A 1 130 ? -1.196  -7.572  0.010   1.00 12.45 ? 476 PHE A CB  1 
ATOM   1049 C CG  . PHE A 1 130 ? 0.157   -7.032  -0.358  1.00 14.17 ? 476 PHE A CG  1 
ATOM   1050 C CD1 . PHE A 1 130 ? 0.451   -6.707  -1.680  1.00 13.57 ? 476 PHE A CD1 1 
ATOM   1051 C CD2 . PHE A 1 130 ? 1.157   -6.908  0.602   1.00 13.07 ? 476 PHE A CD2 1 
ATOM   1052 C CE1 . PHE A 1 130 ? 1.727   -6.269  -2.040  1.00 13.87 ? 476 PHE A CE1 1 
ATOM   1053 C CE2 . PHE A 1 130 ? 2.431   -6.472  0.250   1.00 14.07 ? 476 PHE A CE2 1 
ATOM   1054 C CZ  . PHE A 1 130 ? 2.718   -6.152  -1.074  1.00 11.85 ? 476 PHE A CZ  1 
ATOM   1055 N N   . MET A 1 131 ? -0.618  -10.136 1.484   1.00 13.63 ? 477 MET A N   1 
ATOM   1056 C CA  . MET A 1 131 ? 0.255   -11.016 2.246   1.00 13.47 ? 477 MET A CA  1 
ATOM   1057 C C   . MET A 1 131 ? -0.508  -11.613 3.422   1.00 12.40 ? 477 MET A C   1 
ATOM   1058 O O   . MET A 1 131 ? -1.163  -10.893 4.170   1.00 10.30 ? 477 MET A O   1 
ATOM   1059 C CB  . MET A 1 131 ? 1.471   -10.238 2.760   1.00 15.24 ? 477 MET A CB  1 
ATOM   1060 C CG  . MET A 1 131 ? 2.442   -11.089 3.569   1.00 17.40 ? 477 MET A CG  1 
ATOM   1061 S SD  . MET A 1 131 ? 3.920   -10.187 4.130   1.00 21.78 ? 477 MET A SD  1 
ATOM   1062 C CE  . MET A 1 131 ? 3.280   -9.349  5.512   1.00 21.81 ? 477 MET A CE  1 
ATOM   1063 N N   . HIS A 1 132 ? -0.428  -12.931 3.586   1.00 11.54 ? 478 HIS A N   1 
ATOM   1064 C CA  . HIS A 1 132 ? -1.129  -13.574 4.689   1.00 11.87 ? 478 HIS A CA  1 
ATOM   1065 C C   . HIS A 1 132 ? -0.426  -13.254 6.000   1.00 12.66 ? 478 HIS A C   1 
ATOM   1066 O O   . HIS A 1 132 ? 0.804   -13.236 6.068   1.00 14.35 ? 478 HIS A O   1 
ATOM   1067 C CB  . HIS A 1 132 ? -1.192  -15.099 4.501   1.00 10.72 ? 478 HIS A CB  1 
ATOM   1068 C CG  . HIS A 1 132 ? -2.146  -15.775 5.439   1.00 9.20  ? 478 HIS A CG  1 
ATOM   1069 N ND1 . HIS A 1 132 ? -3.405  -16.182 5.056   1.00 9.38  ? 478 HIS A ND1 1 
ATOM   1070 C CD2 . HIS A 1 132 ? -2.055  -16.037 6.766   1.00 8.75  ? 478 HIS A CD2 1 
ATOM   1071 C CE1 . HIS A 1 132 ? -4.052  -16.658 6.106   1.00 7.69  ? 478 HIS A CE1 1 
ATOM   1072 N NE2 . HIS A 1 132 ? -3.256  -16.579 7.157   1.00 9.40  ? 478 HIS A NE2 1 
ATOM   1073 N N   . LEU A 1 133 ? -1.209  -13.004 7.045   1.00 14.42 ? 479 LEU A N   1 
ATOM   1074 C CA  . LEU A 1 133 ? -0.657  -12.686 8.356   1.00 15.29 ? 479 LEU A CA  1 
ATOM   1075 C C   . LEU A 1 133 ? 0.276   -13.767 8.897   1.00 17.30 ? 479 LEU A C   1 
ATOM   1076 O O   . LEU A 1 133 ? 1.184   -13.475 9.683   1.00 17.72 ? 479 LEU A O   1 
ATOM   1077 C CB  . LEU A 1 133 ? -1.788  -12.433 9.351   1.00 14.32 ? 479 LEU A CB  1 
ATOM   1078 C CG  . LEU A 1 133 ? -2.451  -11.059 9.208   1.00 14.18 ? 479 LEU A CG  1 
ATOM   1079 C CD1 . LEU A 1 133 ? -3.733  -11.006 10.026  1.00 13.23 ? 479 LEU A CD1 1 
ATOM   1080 C CD2 . LEU A 1 133 ? -1.469  -9.979  9.662   1.00 13.53 ? 479 LEU A CD2 1 
ATOM   1081 N N   . GLU A 1 134 ? 0.066   -15.013 8.483   1.00 18.57 ? 480 GLU A N   1 
ATOM   1082 C CA  . GLU A 1 134 ? 0.923   -16.095 8.954   1.00 21.74 ? 480 GLU A CA  1 
ATOM   1083 C C   . GLU A 1 134 ? 2.368   -15.891 8.479   1.00 22.92 ? 480 GLU A C   1 
ATOM   1084 O O   . GLU A 1 134 ? 3.315   -16.382 9.099   1.00 22.32 ? 480 GLU A O   1 
ATOM   1085 C CB  . GLU A 1 134 ? 0.391   -17.442 8.466   1.00 22.84 ? 480 GLU A CB  1 
ATOM   1086 C CG  . GLU A 1 134 ? 1.039   -18.637 9.150   1.00 26.41 ? 480 GLU A CG  1 
ATOM   1087 C CD  . GLU A 1 134 ? 0.381   -19.950 8.769   1.00 26.98 ? 480 GLU A CD  1 
ATOM   1088 O OE1 . GLU A 1 134 ? 0.298   -20.237 7.555   1.00 27.65 ? 480 GLU A OE1 1 
ATOM   1089 O OE2 . GLU A 1 134 ? -0.051  -20.689 9.682   1.00 26.66 ? 480 GLU A OE2 1 
ATOM   1090 N N   . ALA A 1 135 ? 2.532   -15.152 7.385   1.00 23.97 ? 481 ALA A N   1 
ATOM   1091 C CA  . ALA A 1 135 ? 3.859   -14.884 6.838   1.00 26.80 ? 481 ALA A CA  1 
ATOM   1092 C C   . ALA A 1 135 ? 4.680   -13.990 7.763   1.00 28.43 ? 481 ALA A C   1 
ATOM   1093 O O   . ALA A 1 135 ? 5.911   -13.981 7.695   1.00 28.22 ? 481 ALA A O   1 
ATOM   1094 C CB  . ALA A 1 135 ? 3.738   -14.238 5.459   1.00 26.16 ? 481 ALA A CB  1 
ATOM   1095 N N   . LEU A 1 136 ? 3.992   -13.249 8.632   1.00 30.67 ? 482 LEU A N   1 
ATOM   1096 C CA  . LEU A 1 136 ? 4.647   -12.343 9.571   1.00 32.72 ? 482 LEU A CA  1 
ATOM   1097 C C   . LEU A 1 136 ? 5.439   -13.048 10.666  1.00 34.98 ? 482 LEU A C   1 
ATOM   1098 O O   . LEU A 1 136 ? 6.297   -12.439 11.303  1.00 35.21 ? 482 LEU A O   1 
ATOM   1099 C CB  . LEU A 1 136 ? 3.615   -11.424 10.229  1.00 32.60 ? 482 LEU A CB  1 
ATOM   1100 C CG  . LEU A 1 136 ? 2.922   -10.380 9.356   1.00 31.90 ? 482 LEU A CG  1 
ATOM   1101 C CD1 . LEU A 1 136 ? 1.936   -9.594  10.201  1.00 31.83 ? 482 LEU A CD1 1 
ATOM   1102 C CD2 . LEU A 1 136 ? 3.958   -9.451  8.747   1.00 31.83 ? 482 LEU A CD2 1 
ATOM   1103 N N   . ARG A 1 137 ? 5.151   -14.324 10.896  1.00 36.74 ? 483 ARG A N   1 
ATOM   1104 C CA  . ARG A 1 137 ? 5.856   -15.074 11.927  1.00 38.48 ? 483 ARG A CA  1 
ATOM   1105 C C   . ARG A 1 137 ? 6.947   -15.934 11.303  1.00 38.77 ? 483 ARG A C   1 
ATOM   1106 O O   . ARG A 1 137 ? 7.678   -16.633 12.006  1.00 39.07 ? 483 ARG A O   1 
ATOM   1107 C CB  . ARG A 1 137 ? 4.878   -15.965 12.695  1.00 39.85 ? 483 ARG A CB  1 
ATOM   1108 C CG  . ARG A 1 137 ? 3.638   -15.241 13.201  1.00 43.11 ? 483 ARG A CG  1 
ATOM   1109 C CD  . ARG A 1 137 ? 3.952   -14.113 14.181  1.00 44.92 ? 483 ARG A CD  1 
ATOM   1110 N NE  . ARG A 1 137 ? 4.281   -14.589 15.524  1.00 46.92 ? 483 ARG A NE  1 
ATOM   1111 C CZ  . ARG A 1 137 ? 5.450   -15.116 15.878  1.00 48.31 ? 483 ARG A CZ  1 
ATOM   1112 N NH1 . ARG A 1 137 ? 6.426   -15.242 14.987  1.00 49.07 ? 483 ARG A NH1 1 
ATOM   1113 N NH2 . ARG A 1 137 ? 5.646   -15.515 17.130  1.00 49.01 ? 483 ARG A NH2 1 
ATOM   1114 N N   . GLN A 1 138 ? 7.052   -15.875 9.979   1.00 38.82 ? 484 GLN A N   1 
ATOM   1115 C CA  . GLN A 1 138 ? 8.042   -16.654 9.246   1.00 39.02 ? 484 GLN A CA  1 
ATOM   1116 C C   . GLN A 1 138 ? 9.366   -15.914 9.112   1.00 38.79 ? 484 GLN A C   1 
ATOM   1117 O O   . GLN A 1 138 ? 10.416  -16.531 8.934   1.00 38.46 ? 484 GLN A O   1 
ATOM   1118 C CB  . GLN A 1 138 ? 7.490   -17.022 7.870   1.00 39.64 ? 484 GLN A CB  1 
ATOM   1119 C CG  . GLN A 1 138 ? 6.259   -17.920 7.950   1.00 40.82 ? 484 GLN A CG  1 
ATOM   1120 C CD  . GLN A 1 138 ? 5.615   -18.175 6.601   1.00 41.56 ? 484 GLN A CD  1 
ATOM   1121 O OE1 . GLN A 1 138 ? 4.624   -18.900 6.505   1.00 42.79 ? 484 GLN A OE1 1 
ATOM   1122 N NE2 . GLN A 1 138 ? 6.171   -17.578 5.553   1.00 42.01 ? 484 GLN A NE2 1 
ATOM   1123 N N   . ARG A 1 139 ? 9.306   -14.588 9.190   1.00 38.40 ? 485 ARG A N   1 
ATOM   1124 C CA  . ARG A 1 139 ? 10.497  -13.747 9.112   1.00 37.81 ? 485 ARG A CA  1 
ATOM   1125 C C   . ARG A 1 139 ? 10.320  -12.552 10.028  1.00 36.32 ? 485 ARG A C   1 
ATOM   1126 O O   . ARG A 1 139 ? 9.248   -12.341 10.589  1.00 35.82 ? 485 ARG A O   1 
ATOM   1127 C CB  . ARG A 1 139 ? 10.744  -13.235 7.688   1.00 39.96 ? 485 ARG A CB  1 
ATOM   1128 C CG  . ARG A 1 139 ? 11.484  -14.194 6.777   1.00 42.48 ? 485 ARG A CG  1 
ATOM   1129 C CD  . ARG A 1 139 ? 10.552  -15.222 6.160   1.00 45.67 ? 485 ARG A CD  1 
ATOM   1130 N NE  . ARG A 1 139 ? 11.262  -16.103 5.237   1.00 47.80 ? 485 ARG A NE  1 
ATOM   1131 C CZ  . ARG A 1 139 ? 11.945  -15.682 4.178   1.00 48.92 ? 485 ARG A CZ  1 
ATOM   1132 N NH1 . ARG A 1 139 ? 12.011  -14.385 3.902   1.00 50.09 ? 485 ARG A NH1 1 
ATOM   1133 N NH2 . ARG A 1 139 ? 12.564  -16.558 3.395   1.00 49.50 ? 485 ARG A NH2 1 
ATOM   1134 N N   . THR A 1 140 ? 11.379  -11.766 10.167  1.00 34.47 ? 486 THR A N   1 
ATOM   1135 C CA  . THR A 1 140 ? 11.342  -10.587 11.013  1.00 32.91 ? 486 THR A CA  1 
ATOM   1136 C C   . THR A 1 140 ? 10.831  -9.380  10.226  1.00 32.15 ? 486 THR A C   1 
ATOM   1137 O O   . THR A 1 140 ? 11.581  -8.441  9.949   1.00 31.10 ? 486 THR A O   1 
ATOM   1138 C CB  . THR A 1 140 ? 12.745  -10.279 11.577  1.00 33.11 ? 486 THR A CB  1 
ATOM   1139 O OG1 . THR A 1 140 ? 13.249  -11.445 12.238  1.00 33.30 ? 486 THR A OG1 1 
ATOM   1140 C CG2 . THR A 1 140 ? 12.688  -9.129  12.576  1.00 32.66 ? 486 THR A CG2 1 
ATOM   1141 N N   . PHE A 1 141 ? 9.555   -9.418  9.850   1.00 30.63 ? 487 PHE A N   1 
ATOM   1142 C CA  . PHE A 1 141 ? 8.959   -8.311  9.115   1.00 29.80 ? 487 PHE A CA  1 
ATOM   1143 C C   . PHE A 1 141 ? 8.614   -7.199  10.097  1.00 29.43 ? 487 PHE A C   1 
ATOM   1144 O O   . PHE A 1 141 ? 8.615   -6.017  9.744   1.00 29.14 ? 487 PHE A O   1 
ATOM   1145 C CB  . PHE A 1 141 ? 7.708   -8.771  8.360   1.00 29.56 ? 487 PHE A CB  1 
ATOM   1146 C CG  . PHE A 1 141 ? 8.010   -9.602  7.146   1.00 29.03 ? 487 PHE A CG  1 
ATOM   1147 C CD1 . PHE A 1 141 ? 7.749   -10.970 7.136   1.00 28.80 ? 487 PHE A CD1 1 
ATOM   1148 C CD2 . PHE A 1 141 ? 8.575   -9.020  6.014   1.00 28.92 ? 487 PHE A CD2 1 
ATOM   1149 C CE1 . PHE A 1 141 ? 8.050   -11.748 6.012   1.00 28.69 ? 487 PHE A CE1 1 
ATOM   1150 C CE2 . PHE A 1 141 ? 8.879   -9.786  4.886   1.00 29.03 ? 487 PHE A CE2 1 
ATOM   1151 C CZ  . PHE A 1 141 ? 8.615   -11.154 4.887   1.00 28.69 ? 487 PHE A CZ  1 
ATOM   1152 N N   . ILE A 1 142 ? 8.322   -7.584  11.334  1.00 28.48 ? 488 ILE A N   1 
ATOM   1153 C CA  . ILE A 1 142 ? 8.009   -6.615  12.371  1.00 29.09 ? 488 ILE A CA  1 
ATOM   1154 C C   . ILE A 1 142 ? 9.262   -6.436  13.216  1.00 29.61 ? 488 ILE A C   1 
ATOM   1155 O O   . ILE A 1 142 ? 9.803   -7.402  13.753  1.00 29.65 ? 488 ILE A O   1 
ATOM   1156 C CB  . ILE A 1 142 ? 6.862   -7.096  13.276  1.00 29.13 ? 488 ILE A CB  1 
ATOM   1157 C CG1 . ILE A 1 142 ? 5.612   -7.369  12.435  1.00 29.38 ? 488 ILE A CG1 1 
ATOM   1158 C CG2 . ILE A 1 142 ? 6.564   -6.041  14.328  1.00 28.92 ? 488 ILE A CG2 1 
ATOM   1159 C CD1 . ILE A 1 142 ? 4.469   -7.978  13.218  1.00 29.51 ? 488 ILE A CD1 1 
ATOM   1160 N N   . LYS A 1 143 ? 9.721   -5.196  13.316  1.00 30.10 ? 489 LYS A N   1 
ATOM   1161 C CA  . LYS A 1 143 ? 10.916  -4.862  14.079  1.00 30.39 ? 489 LYS A CA  1 
ATOM   1162 C C   . LYS A 1 143 ? 10.580  -3.652  14.934  1.00 29.99 ? 489 LYS A C   1 
ATOM   1163 O O   . LYS A 1 143 ? 10.039  -2.665  14.433  1.00 29.40 ? 489 LYS A O   1 
ATOM   1164 C CB  . LYS A 1 143 ? 12.062  -4.521  13.122  1.00 31.89 ? 489 LYS A CB  1 
ATOM   1165 C CG  . LYS A 1 143 ? 13.415  -4.309  13.779  1.00 33.29 ? 489 LYS A CG  1 
ATOM   1166 C CD  . LYS A 1 143 ? 14.120  -5.625  14.053  1.00 34.20 ? 489 LYS A CD  1 
ATOM   1167 C CE  . LYS A 1 143 ? 15.521  -5.382  14.595  1.00 34.37 ? 489 LYS A CE  1 
ATOM   1168 N NZ  . LYS A 1 143 ? 16.300  -4.468  13.709  1.00 34.40 ? 489 LYS A NZ  1 
ATOM   1169 N N   . ASP A 1 144 ? 10.905  -3.728  16.222  1.00 29.99 ? 490 ASP A N   1 
ATOM   1170 C CA  . ASP A 1 144 ? 10.617  -2.640  17.152  1.00 29.68 ? 490 ASP A CA  1 
ATOM   1171 C C   . ASP A 1 144 ? 9.137   -2.274  17.064  1.00 28.57 ? 490 ASP A C   1 
ATOM   1172 O O   . ASP A 1 144 ? 8.767   -1.099  17.136  1.00 28.91 ? 490 ASP A O   1 
ATOM   1173 C CB  . ASP A 1 144 ? 11.476  -1.412  16.832  1.00 32.13 ? 490 ASP A CB  1 
ATOM   1174 C CG  . ASP A 1 144 ? 12.952  -1.746  16.728  1.00 34.54 ? 490 ASP A CG  1 
ATOM   1175 O OD1 . ASP A 1 144 ? 13.469  -2.444  17.627  1.00 36.37 ? 490 ASP A OD1 1 
ATOM   1176 O OD2 . ASP A 1 144 ? 13.598  -1.304  15.751  1.00 36.81 ? 490 ASP A OD2 1 
ATOM   1177 N N   . ASP A 1 145 ? 8.301   -3.297  16.900  1.00 26.59 ? 491 ASP A N   1 
ATOM   1178 C CA  . ASP A 1 145 ? 6.851   -3.133  16.804  1.00 24.96 ? 491 ASP A CA  1 
ATOM   1179 C C   . ASP A 1 145 ? 6.430   -2.290  15.597  1.00 24.40 ? 491 ASP A C   1 
ATOM   1180 O O   . ASP A 1 145 ? 5.382   -1.643  15.621  1.00 23.97 ? 491 ASP A O   1 
ATOM   1181 C CB  . ASP A 1 145 ? 6.303   -2.485  18.080  1.00 24.33 ? 491 ASP A CB  1 
ATOM   1182 C CG  . ASP A 1 145 ? 4.832   -2.797  18.308  1.00 23.65 ? 491 ASP A CG  1 
ATOM   1183 O OD1 . ASP A 1 145 ? 4.141   -1.976  18.937  1.00 23.15 ? 491 ASP A OD1 1 
ATOM   1184 O OD2 . ASP A 1 145 ? 4.371   -3.874  17.871  1.00 23.67 ? 491 ASP A OD2 1 
ATOM   1185 N N   . THR A 1 146 ? 7.238   -2.304  14.541  1.00 23.01 ? 492 THR A N   1 
ATOM   1186 C CA  . THR A 1 146 ? 6.918   -1.528  13.349  1.00 22.23 ? 492 THR A CA  1 
ATOM   1187 C C   . THR A 1 146 ? 7.018   -2.346  12.065  1.00 20.41 ? 492 THR A C   1 
ATOM   1188 O O   . THR A 1 146 ? 7.925   -3.159  11.902  1.00 20.60 ? 492 THR A O   1 
ATOM   1189 C CB  . THR A 1 146 ? 7.858   -0.312  13.205  1.00 23.00 ? 492 THR A CB  1 
ATOM   1190 O OG1 . THR A 1 146 ? 7.907   0.410   14.441  1.00 24.46 ? 492 THR A OG1 1 
ATOM   1191 C CG2 . THR A 1 146 ? 7.354   0.614   12.109  1.00 22.38 ? 492 THR A CG2 1 
ATOM   1192 N N   . LEU A 1 147 ? 6.071   -2.117  11.164  1.00 19.24 ? 493 LEU A N   1 
ATOM   1193 C CA  . LEU A 1 147 ? 6.037   -2.785  9.867   1.00 17.60 ? 493 LEU A CA  1 
ATOM   1194 C C   . LEU A 1 147 ? 6.425   -1.740  8.823   1.00 16.63 ? 493 LEU A C   1 
ATOM   1195 O O   . LEU A 1 147 ? 5.940   -0.608  8.871   1.00 15.88 ? 493 LEU A O   1 
ATOM   1196 C CB  . LEU A 1 147 ? 4.631   -3.292  9.565   1.00 17.51 ? 493 LEU A CB  1 
ATOM   1197 C CG  . LEU A 1 147 ? 4.474   -4.027  8.236   1.00 18.10 ? 493 LEU A CG  1 
ATOM   1198 C CD1 . LEU A 1 147 ? 4.952   -5.463  8.407   1.00 17.80 ? 493 LEU A CD1 1 
ATOM   1199 C CD2 . LEU A 1 147 ? 3.014   -3.998  7.797   1.00 17.29 ? 493 LEU A CD2 1 
ATOM   1200 N N   . LEU A 1 148 ? 7.290   -2.113  7.886   1.00 15.52 ? 494 LEU A N   1 
ATOM   1201 C CA  . LEU A 1 148 ? 7.728   -1.182  6.850   1.00 16.06 ? 494 LEU A CA  1 
ATOM   1202 C C   . LEU A 1 148 ? 7.121   -1.502  5.484   1.00 14.63 ? 494 LEU A C   1 
ATOM   1203 O O   . LEU A 1 148 ? 7.341   -2.582  4.937   1.00 14.30 ? 494 LEU A O   1 
ATOM   1204 C CB  . LEU A 1 148 ? 9.261   -1.192  6.740   1.00 16.63 ? 494 LEU A CB  1 
ATOM   1205 C CG  . LEU A 1 148 ? 10.068  -0.783  7.974   1.00 19.10 ? 494 LEU A CG  1 
ATOM   1206 C CD1 . LEU A 1 148 ? 11.562  -0.859  7.663   1.00 18.22 ? 494 LEU A CD1 1 
ATOM   1207 C CD2 . LEU A 1 148 ? 9.680   0.636   8.391   1.00 19.66 ? 494 LEU A CD2 1 
ATOM   1208 N N   . VAL A 1 149 ? 6.355   -0.560  4.940   1.00 13.53 ? 495 VAL A N   1 
ATOM   1209 C CA  . VAL A 1 149 ? 5.737   -0.744  3.630   1.00 12.64 ? 495 VAL A CA  1 
ATOM   1210 C C   . VAL A 1 149 ? 6.341   0.271   2.674   1.00 13.11 ? 495 VAL A C   1 
ATOM   1211 O O   . VAL A 1 149 ? 6.242   1.481   2.885   1.00 13.03 ? 495 VAL A O   1 
ATOM   1212 C CB  . VAL A 1 149 ? 4.210   -0.548  3.686   1.00 12.19 ? 495 VAL A CB  1 
ATOM   1213 C CG1 . VAL A 1 149 ? 3.607   -0.763  2.302   1.00 12.91 ? 495 VAL A CG1 1 
ATOM   1214 C CG2 . VAL A 1 149 ? 3.603   -1.513  4.688   1.00 11.58 ? 495 VAL A CG2 1 
ATOM   1215 N N   . ARG A 1 150 ? 6.970   -0.234  1.623   1.00 12.94 ? 496 ARG A N   1 
ATOM   1216 C CA  . ARG A 1 150 ? 7.632   0.605   0.637   1.00 13.39 ? 496 ARG A CA  1 
ATOM   1217 C C   . ARG A 1 150 ? 6.799   0.759   -0.629  1.00 13.35 ? 496 ARG A C   1 
ATOM   1218 O O   . ARG A 1 150 ? 6.263   -0.217  -1.151  1.00 14.36 ? 496 ARG A O   1 
ATOM   1219 C CB  . ARG A 1 150 ? 8.985   -0.021  0.305   1.00 13.86 ? 496 ARG A CB  1 
ATOM   1220 C CG  . ARG A 1 150 ? 9.855   0.726   -0.687  1.00 13.12 ? 496 ARG A CG  1 
ATOM   1221 C CD  . ARG A 1 150 ? 11.175  -0.027  -0.813  1.00 13.28 ? 496 ARG A CD  1 
ATOM   1222 N NE  . ARG A 1 150 ? 12.155  0.642   -1.657  1.00 13.79 ? 496 ARG A NE  1 
ATOM   1223 C CZ  . ARG A 1 150 ? 12.093  0.697   -2.983  1.00 15.57 ? 496 ARG A CZ  1 
ATOM   1224 N NH1 . ARG A 1 150 ? 11.085  0.118   -3.625  1.00 15.69 ? 496 ARG A NH1 1 
ATOM   1225 N NH2 . ARG A 1 150 ? 13.048  1.321   -3.666  1.00 13.75 ? 496 ARG A NH2 1 
ATOM   1226 N N   . CYS A 1 151 ? 6.693   1.989   -1.119  1.00 14.10 ? 497 CYS A N   1 
ATOM   1227 C CA  . CYS A 1 151 ? 5.938   2.266   -2.337  1.00 13.64 ? 497 CYS A CA  1 
ATOM   1228 C C   . CYS A 1 151 ? 6.818   3.019   -3.329  1.00 13.66 ? 497 CYS A C   1 
ATOM   1229 O O   . CYS A 1 151 ? 7.189   4.172   -3.092  1.00 12.62 ? 497 CYS A O   1 
ATOM   1230 C CB  . CYS A 1 151 ? 4.689   3.098   -2.019  1.00 13.37 ? 497 CYS A CB  1 
ATOM   1231 S SG  . CYS A 1 151 ? 3.712   3.574   -3.481  1.00 15.04 ? 497 CYS A SG  1 
ATOM   1232 N N   . GLU A 1 152 ? 7.161   2.364   -4.433  1.00 13.21 ? 498 GLU A N   1 
ATOM   1233 C CA  . GLU A 1 152 ? 7.994   2.988   -5.450  1.00 14.41 ? 498 GLU A CA  1 
ATOM   1234 C C   . GLU A 1 152 ? 7.167   3.220   -6.708  1.00 14.98 ? 498 GLU A C   1 
ATOM   1235 O O   . GLU A 1 152 ? 6.612   2.275   -7.277  1.00 15.31 ? 498 GLU A O   1 
ATOM   1236 C CB  . GLU A 1 152 ? 9.195   2.100   -5.790  1.00 14.65 ? 498 GLU A CB  1 
ATOM   1237 C CG  . GLU A 1 152 ? 10.175  2.758   -6.755  1.00 17.01 ? 498 GLU A CG  1 
ATOM   1238 C CD  . GLU A 1 152 ? 11.321  1.846   -7.151  1.00 19.39 ? 498 GLU A CD  1 
ATOM   1239 O OE1 . GLU A 1 152 ? 11.572  0.848   -6.438  1.00 19.68 ? 498 GLU A OE1 1 
ATOM   1240 O OE2 . GLU A 1 152 ? 11.980  2.137   -8.171  1.00 21.90 ? 498 GLU A OE2 1 
ATOM   1241 N N   . VAL A 1 153 ? 7.091   4.475   -7.141  1.00 14.83 ? 499 VAL A N   1 
ATOM   1242 C CA  . VAL A 1 153 ? 6.324   4.811   -8.333  1.00 15.99 ? 499 VAL A CA  1 
ATOM   1243 C C   . VAL A 1 153 ? 7.223   5.171   -9.510  1.00 17.36 ? 499 VAL A C   1 
ATOM   1244 O O   . VAL A 1 153 ? 8.162   5.951   -9.378  1.00 17.47 ? 499 VAL A O   1 
ATOM   1245 C CB  . VAL A 1 153 ? 5.362   5.997   -8.073  1.00 15.63 ? 499 VAL A CB  1 
ATOM   1246 C CG1 . VAL A 1 153 ? 4.551   6.288   -9.319  1.00 15.87 ? 499 VAL A CG1 1 
ATOM   1247 C CG2 . VAL A 1 153 ? 4.439   5.673   -6.910  1.00 14.13 ? 499 VAL A CG2 1 
ATOM   1248 N N   . SER A 1 154 ? 6.924   4.585   -10.660 1.00 18.72 ? 500 SER A N   1 
ATOM   1249 C CA  . SER A 1 154 ? 7.678   4.846   -11.874 1.00 22.16 ? 500 SER A CA  1 
ATOM   1250 C C   . SER A 1 154 ? 6.703   5.348   -12.932 1.00 23.08 ? 500 SER A C   1 
ATOM   1251 O O   . SER A 1 154 ? 5.778   4.636   -13.318 1.00 22.72 ? 500 SER A O   1 
ATOM   1252 C CB  . SER A 1 154 ? 8.365   3.569   -12.360 1.00 22.02 ? 500 SER A CB  1 
ATOM   1253 O OG  . SER A 1 154 ? 8.966   3.786   -13.624 1.00 25.66 ? 500 SER A OG  1 
ATOM   1254 N N   . THR A 1 155 ? 6.905   6.578   -13.388 1.00 24.88 ? 501 THR A N   1 
ATOM   1255 C CA  . THR A 1 155 ? 6.034   7.172   -14.396 1.00 27.59 ? 501 THR A CA  1 
ATOM   1256 C C   . THR A 1 155 ? 6.333   6.654   -15.801 1.00 28.01 ? 501 THR A C   1 
ATOM   1257 O O   . THR A 1 155 ? 5.363   6.409   -16.552 1.00 29.41 ? 501 THR A O   1 
ATOM   1258 C CB  . THR A 1 155 ? 6.146   8.709   -14.387 1.00 28.39 ? 501 THR A CB  1 
ATOM   1259 O OG1 . THR A 1 155 ? 5.725   9.203   -13.110 1.00 29.15 ? 501 THR A OG1 1 
ATOM   1260 C CG2 . THR A 1 155 ? 5.264   9.317   -15.471 1.00 30.03 ? 501 THR A CG2 1 
ATOM   1261 N N   . GLN B 2 1   ? -1.597  -12.962 -7.892  1.00 41.84 ? 601 GLN B N   1 
ATOM   1262 C CA  . GLN B 2 1   ? -2.663  -12.585 -8.865  1.00 41.19 ? 601 GLN B CA  1 
ATOM   1263 C C   . GLN B 2 1   ? -2.452  -11.169 -9.389  1.00 39.59 ? 601 GLN B C   1 
ATOM   1264 O O   . GLN B 2 1   ? -1.384  -10.579 -9.221  1.00 39.39 ? 601 GLN B O   1 
ATOM   1265 C CB  . GLN B 2 1   ? -4.043  -12.671 -8.203  1.00 42.58 ? 601 GLN B CB  1 
ATOM   1266 C CG  . GLN B 2 1   ? -4.436  -14.063 -7.731  1.00 44.99 ? 601 GLN B CG  1 
ATOM   1267 C CD  . GLN B 2 1   ? -5.835  -14.103 -7.146  1.00 46.22 ? 601 GLN B CD  1 
ATOM   1268 O OE1 . GLN B 2 1   ? -6.811  -13.768 -7.820  1.00 47.44 ? 601 GLN B OE1 1 
ATOM   1269 N NE2 . GLN B 2 1   ? -5.940  -14.513 -5.885  1.00 46.50 ? 601 GLN B NE2 1 
ATOM   1270 N N   . MET B 2 2   ? -3.485  -10.637 -10.031 1.00 37.89 ? 602 MET B N   1 
ATOM   1271 C CA  . MET B 2 2   ? -3.446  -9.290  -10.577 1.00 35.90 ? 602 MET B CA  1 
ATOM   1272 C C   . MET B 2 2   ? -4.158  -8.359  -9.612  1.00 32.84 ? 602 MET B C   1 
ATOM   1273 O O   . MET B 2 2   ? -5.092  -8.761  -8.922  1.00 32.37 ? 602 MET B O   1 
ATOM   1274 C CB  . MET B 2 2   ? -4.146  -9.239  -11.941 1.00 37.97 ? 602 MET B CB  1 
ATOM   1275 C CG  . MET B 2 2   ? -3.358  -9.861  -13.087 1.00 40.56 ? 602 MET B CG  1 
ATOM   1276 S SD  . MET B 2 2   ? -1.855  -8.934  -13.480 1.00 43.63 ? 602 MET B SD  1 
ATOM   1277 C CE  . MET B 2 2   ? -2.489  -7.741  -14.659 1.00 42.21 ? 602 MET B CE  1 
ATOM   1278 N N   . PRO B 2 3   ? -3.717  -7.101  -9.542  1.00 30.30 ? 603 PRO B N   1 
ATOM   1279 C CA  . PRO B 2 3   ? -4.363  -6.149  -8.638  1.00 27.77 ? 603 PRO B CA  1 
ATOM   1280 C C   . PRO B 2 3   ? -5.741  -5.801  -9.186  1.00 26.19 ? 603 PRO B C   1 
ATOM   1281 O O   . PRO B 2 3   ? -6.021  -6.028  -10.362 1.00 25.69 ? 603 PRO B O   1 
ATOM   1282 C CB  . PRO B 2 3   ? -3.408  -4.962  -8.659  1.00 28.30 ? 603 PRO B CB  1 
ATOM   1283 C CG  . PRO B 2 3   ? -2.866  -5.010  -10.066 1.00 28.80 ? 603 PRO B CG  1 
ATOM   1284 C CD  . PRO B 2 3   ? -2.597  -6.477  -10.265 1.00 29.43 ? 603 PRO B CD  1 
ATOM   1285 N N   . THR B 2 4   ? -6.604  -5.257  -8.337  1.00 23.49 ? 604 THR B N   1 
ATOM   1286 C CA  . THR B 2 4   ? -7.939  -4.883  -8.775  1.00 21.65 ? 604 THR B CA  1 
ATOM   1287 C C   . THR B 2 4   ? -8.339  -3.529  -8.223  1.00 20.40 ? 604 THR B C   1 
ATOM   1288 O O   . THR B 2 4   ? -7.734  -3.027  -7.273  1.00 19.20 ? 604 THR B O   1 
ATOM   1289 C CB  . THR B 2 4   ? -8.989  -5.914  -8.326  1.00 22.41 ? 604 THR B CB  1 
ATOM   1290 O OG1 . THR B 2 4   ? -8.903  -6.097  -6.906  1.00 23.46 ? 604 THR B OG1 1 
ATOM   1291 C CG2 . THR B 2 4   ? -8.760  -7.243  -9.026  1.00 22.59 ? 604 THR B CG2 1 
ATOM   1292 N N   . GLU B 2 5   ? -9.353  -2.933  -8.835  1.00 18.96 ? 605 GLU B N   1 
ATOM   1293 C CA  . GLU B 2 5   ? -9.844  -1.650  -8.376  1.00 18.77 ? 605 GLU B CA  1 
ATOM   1294 C C   . GLU B 2 5   ? -10.701 -1.970  -7.168  1.00 18.95 ? 605 GLU B C   1 
ATOM   1295 O O   . GLU B 2 5   ? -11.478 -2.929  -7.183  1.00 17.60 ? 605 GLU B O   1 
ATOM   1296 C CB  . GLU B 2 5   ? -10.679 -0.969  -9.451  1.00 18.37 ? 605 GLU B CB  1 
ATOM   1297 C CG  . GLU B 2 5   ? -11.137 0.431   -9.066  1.00 18.20 ? 605 GLU B CG  1 
ATOM   1298 C CD  . GLU B 2 5   ? -11.730 1.184   -10.238 1.00 19.55 ? 605 GLU B CD  1 
ATOM   1299 O OE1 . GLU B 2 5   ? -12.739 0.707   -10.799 1.00 19.14 ? 605 GLU B OE1 1 
ATOM   1300 O OE2 . GLU B 2 5   ? -11.185 2.249   -10.600 1.00 18.98 ? 605 GLU B OE2 1 
ATOM   1301 N N   . ASP B 2 6   ? -10.543 -1.182  -6.115  1.00 18.60 ? 606 ASP B N   1 
ATOM   1302 C CA  . ASP B 2 6   ? -11.287 -1.409  -4.889  1.00 19.18 ? 606 ASP B CA  1 
ATOM   1303 C C   . ASP B 2 6   ? -11.715 -0.079  -4.283  1.00 19.62 ? 606 ASP B C   1 
ATOM   1304 O O   . ASP B 2 6   ? -10.887 0.803   -4.054  1.00 18.45 ? 606 ASP B O   1 
ATOM   1305 C CB  . ASP B 2 6   ? -10.412 -2.191  -3.912  1.00 19.72 ? 606 ASP B CB  1 
ATOM   1306 C CG  . ASP B 2 6   ? -11.163 -2.616  -2.679  1.00 19.96 ? 606 ASP B CG  1 
ATOM   1307 O OD1 . ASP B 2 6   ? -11.242 -1.816  -1.724  1.00 20.56 ? 606 ASP B OD1 1 
ATOM   1308 O OD2 . ASP B 2 6   ? -11.685 -3.751  -2.674  1.00 20.77 ? 606 ASP B OD2 1 
ATOM   1309 N N   . GLU B 2 7   ? -13.013 0.051   -4.024  1.00 19.76 ? 607 GLU B N   1 
ATOM   1310 C CA  . GLU B 2 7   ? -13.565 1.283   -3.478  1.00 21.56 ? 607 GLU B CA  1 
ATOM   1311 C C   . GLU B 2 7   ? -13.697 1.300   -1.961  1.00 20.98 ? 607 GLU B C   1 
ATOM   1312 O O   . GLU B 2 7   ? -14.188 0.348   -1.360  1.00 21.02 ? 607 GLU B O   1 
ATOM   1313 C CB  . GLU B 2 7   ? -14.934 1.558   -4.107  1.00 23.18 ? 607 GLU B CB  1 
ATOM   1314 C CG  . GLU B 2 7   ? -15.469 2.948   -3.815  1.00 27.48 ? 607 GLU B CG  1 
ATOM   1315 C CD  . GLU B 2 7   ? -16.703 3.289   -4.637  1.00 30.31 ? 607 GLU B CD  1 
ATOM   1316 O OE1 . GLU B 2 7   ? -17.037 4.491   -4.736  1.00 31.82 ? 607 GLU B OE1 1 
ATOM   1317 O OE2 . GLU B 2 7   ? -17.340 2.355   -5.177  1.00 31.72 ? 607 GLU B OE2 1 
ATOM   1318 N N   . TYR B 2 8   ? -13.255 2.396   -1.355  1.00 21.12 ? 608 TYR B N   1 
ATOM   1319 C CA  . TYR B 2 8   ? -13.330 2.577   0.090   1.00 21.34 ? 608 TYR B CA  1 
ATOM   1320 C C   . TYR B 2 8   ? -13.913 3.952   0.412   1.00 21.49 ? 608 TYR B C   1 
ATOM   1321 O O   . TYR B 2 8   ? -13.312 4.957   -0.019  1.00 21.66 ? 608 TYR B O   1 
ATOM   1322 C CB  . TYR B 2 8   ? -11.946 2.470   0.733   1.00 20.78 ? 608 TYR B CB  1 
ATOM   1323 C CG  . TYR B 2 8   ? -12.002 2.478   2.244   1.00 20.58 ? 608 TYR B CG  1 
ATOM   1324 C CD1 . TYR B 2 8   ? -12.297 1.314   2.953   1.00 21.27 ? 608 TYR B CD1 1 
ATOM   1325 C CD2 . TYR B 2 8   ? -11.820 3.661   2.963   1.00 21.59 ? 608 TYR B CD2 1 
ATOM   1326 C CE1 . TYR B 2 8   ? -12.412 1.326   4.345   1.00 20.82 ? 608 TYR B CE1 1 
ATOM   1327 C CE2 . TYR B 2 8   ? -11.932 3.686   4.356   1.00 21.03 ? 608 TYR B CE2 1 
ATOM   1328 C CZ  . TYR B 2 8   ? -12.230 2.513   5.038   1.00 21.53 ? 608 TYR B CZ  1 
ATOM   1329 O OH  . TYR B 2 8   ? -12.355 2.527   6.408   1.00 21.88 ? 608 TYR B OH  1 
ATOM   1330 O OXT . TYR B 2 8   ? -14.951 4.013   1.099   1.00 22.35 ? 608 TYR B OXT 1 
HETATM 1331 O O   . HOH C 3 .   ? -6.922  5.902   -6.730  1.00 8.24  ? 801 HOH A O   1 
HETATM 1332 O O   . HOH C 3 .   ? 0.400   16.871  -7.243  1.00 11.24 ? 802 HOH A O   1 
HETATM 1333 O O   . HOH C 3 .   ? -6.509  -14.181 13.568  1.00 13.27 ? 803 HOH A O   1 
HETATM 1334 O O   . HOH C 3 .   ? -12.537 -8.355  7.131   1.00 12.51 ? 804 HOH A O   1 
HETATM 1335 O O   . HOH C 3 .   ? -17.210 -14.742 15.595  1.00 22.14 ? 805 HOH A O   1 
HETATM 1336 O O   . HOH C 3 .   ? -1.974  13.903  -7.417  1.00 10.70 ? 806 HOH A O   1 
HETATM 1337 O O   . HOH C 3 .   ? 8.535   -0.941  -3.179  1.00 12.69 ? 807 HOH A O   1 
HETATM 1338 O O   . HOH C 3 .   ? -0.851  -22.553 6.766   1.00 19.81 ? 808 HOH A O   1 
HETATM 1339 O O   . HOH C 3 .   ? -6.785  -17.176 4.210   1.00 13.92 ? 809 HOH A O   1 
HETATM 1340 O O   . HOH C 3 .   ? -10.391 -5.512  8.923   1.00 21.89 ? 810 HOH A O   1 
HETATM 1341 O O   . HOH C 3 .   ? -8.973  5.036   0.683   1.00 18.33 ? 811 HOH A O   1 
HETATM 1342 O O   . HOH C 3 .   ? 1.284   -14.492 1.643   1.00 13.06 ? 812 HOH A O   1 
HETATM 1343 O O   . HOH C 3 .   ? -0.431  5.924   8.966   1.00 13.64 ? 813 HOH A O   1 
HETATM 1344 O O   . HOH C 3 .   ? -2.571  18.430  -15.474 1.00 18.11 ? 814 HOH A O   1 
HETATM 1345 O O   . HOH C 3 .   ? -9.433  -7.640  11.546  1.00 20.57 ? 815 HOH A O   1 
HETATM 1346 O O   . HOH C 3 .   ? 1.020   -21.615 4.250   1.00 15.47 ? 816 HOH A O   1 
HETATM 1347 O O   . HOH C 3 .   ? 9.282   9.772   -0.425  1.00 17.44 ? 817 HOH A O   1 
HETATM 1348 O O   . HOH C 3 .   ? 14.759  -6.036  3.315   1.00 28.32 ? 818 HOH A O   1 
HETATM 1349 O O   . HOH C 3 .   ? 8.087   -4.801  7.413   1.00 16.60 ? 819 HOH A O   1 
HETATM 1350 O O   . HOH C 3 .   ? 1.685   9.371   -15.524 1.00 22.81 ? 820 HOH A O   1 
HETATM 1351 O O   . HOH C 3 .   ? -11.044 -14.049 18.439  1.00 14.09 ? 822 HOH A O   1 
HETATM 1352 O O   . HOH C 3 .   ? 5.321   6.768   7.543   1.00 19.61 ? 823 HOH A O   1 
HETATM 1353 O O   . HOH C 3 .   ? -8.616  6.703   -15.550 1.00 27.15 ? 824 HOH A O   1 
HETATM 1354 O O   . HOH C 3 .   ? 6.754   7.175   -18.766 1.00 36.12 ? 825 HOH A O   1 
HETATM 1355 O O   . HOH C 3 .   ? -11.580 12.724  0.427   1.00 15.39 ? 827 HOH A O   1 
HETATM 1356 O O   . HOH C 3 .   ? 6.638   -11.785 -2.959  1.00 30.69 ? 828 HOH A O   1 
HETATM 1357 O O   . HOH C 3 .   ? -0.495  25.728  -13.438 1.00 30.81 ? 829 HOH A O   1 
HETATM 1358 O O   . HOH C 3 .   ? -1.417  22.132  -9.697  1.00 35.45 ? 831 HOH A O   1 
HETATM 1359 O O   . HOH C 3 .   ? 4.924   11.028  5.710   1.00 24.67 ? 832 HOH A O   1 
HETATM 1360 O O   . HOH C 3 .   ? 5.861   13.624  0.229   1.00 19.32 ? 833 HOH A O   1 
HETATM 1361 O O   . HOH C 3 .   ? -4.617  -9.654  -4.076  1.00 21.61 ? 834 HOH A O   1 
HETATM 1362 O O   . HOH C 3 .   ? 6.286   11.011  -10.396 1.00 28.07 ? 835 HOH A O   1 
HETATM 1363 O O   . HOH C 3 .   ? -13.102 -12.767 19.578  1.00 22.10 ? 836 HOH A O   1 
HETATM 1364 O O   . HOH C 3 .   ? -2.556  -4.074  -13.695 1.00 24.13 ? 837 HOH A O   1 
HETATM 1365 O O   . HOH C 3 .   ? 7.000   11.003  -0.706  1.00 29.60 ? 838 HOH A O   1 
HETATM 1366 O O   . HOH C 3 .   ? -6.509  9.665   3.671   1.00 23.11 ? 839 HOH A O   1 
HETATM 1367 O O   . HOH C 3 .   ? 9.220   8.034   -12.457 1.00 20.53 ? 840 HOH A O   1 
HETATM 1368 O O   . HOH C 3 .   ? 7.697   1.287   -9.604  1.00 20.49 ? 841 HOH A O   1 
HETATM 1369 O O   . HOH C 3 .   ? -2.497  9.291   -19.386 1.00 29.93 ? 842 HOH A O   1 
HETATM 1370 O O   . HOH C 3 .   ? -4.090  10.017  4.820   1.00 29.27 ? 843 HOH A O   1 
HETATM 1371 O O   . HOH C 3 .   ? 3.669   -8.562  -8.748  1.00 25.52 ? 844 HOH A O   1 
HETATM 1372 O O   . HOH C 3 .   ? 14.889  -2.180  9.600   1.00 33.77 ? 845 HOH A O   1 
HETATM 1373 O O   . HOH C 3 .   ? -12.525 9.389   -0.619  1.00 25.87 ? 846 HOH A O   1 
HETATM 1374 O O   . HOH C 3 .   ? -3.633  -10.884 14.191  1.00 29.19 ? 847 HOH A O   1 
HETATM 1375 O O   . HOH C 3 .   ? 9.223   7.830   3.555   1.00 23.99 ? 848 HOH A O   1 
HETATM 1376 O O   . HOH C 3 .   ? -16.502 -12.037 8.862   1.00 31.48 ? 849 HOH A O   1 
HETATM 1377 O O   . HOH C 3 .   ? 0.089   -8.846  19.334  1.00 34.23 ? 850 HOH A O   1 
HETATM 1378 O O   . HOH C 3 .   ? 9.969   -0.021  -9.356  1.00 30.35 ? 852 HOH A O   1 
HETATM 1379 O O   . HOH C 3 .   ? 13.960  -9.370  -0.859  1.00 32.15 ? 854 HOH A O   1 
HETATM 1380 O O   . HOH C 3 .   ? -5.338  15.765  -1.097  1.00 20.63 ? 855 HOH A O   1 
HETATM 1381 O O   . HOH C 3 .   ? -7.250  -7.844  -5.125  1.00 25.60 ? 856 HOH A O   1 
HETATM 1382 O O   . HOH C 3 .   ? 0.716   -8.217  -9.516  1.00 23.79 ? 857 HOH A O   1 
HETATM 1383 O O   . HOH C 3 .   ? -0.212  -5.218  -12.942 1.00 25.04 ? 858 HOH A O   1 
HETATM 1384 O O   . HOH C 3 .   ? 1.765   4.240   12.551  1.00 24.83 ? 859 HOH A O   1 
HETATM 1385 O O   . HOH C 3 .   ? 8.570   -5.880  17.659  1.00 37.94 ? 860 HOH A O   1 
HETATM 1386 O O   . HOH C 3 .   ? -4.794  20.064  -6.972  1.00 21.31 ? 861 HOH A O   1 
HETATM 1387 O O   . HOH C 3 .   ? -14.701 -12.221 12.834  1.00 26.90 ? 862 HOH A O   1 
HETATM 1388 O O   . HOH C 3 .   ? 3.398   -16.087 2.019   1.00 18.72 ? 863 HOH A O   1 
HETATM 1389 O O   . HOH C 3 .   ? -18.151 -10.239 10.338  1.00 26.62 ? 864 HOH A O   1 
HETATM 1390 O O   . HOH C 3 .   ? -8.413  14.843  -15.463 1.00 22.80 ? 865 HOH A O   1 
HETATM 1391 O O   . HOH C 3 .   ? -14.064 13.695  0.987   1.00 27.50 ? 866 HOH A O   1 
HETATM 1392 O O   . HOH C 3 .   ? 9.441   10.932  2.790   1.00 34.41 ? 868 HOH A O   1 
HETATM 1393 O O   . HOH C 3 .   ? -4.852  -4.197  20.666  1.00 41.74 ? 869 HOH A O   1 
HETATM 1394 O O   . HOH C 3 .   ? 8.141   8.641   -9.682  1.00 28.90 ? 870 HOH A O   1 
HETATM 1395 O O   . HOH C 3 .   ? -0.500  2.553   -19.513 1.00 38.89 ? 871 HOH A O   1 
HETATM 1396 O O   . HOH C 3 .   ? -15.072 -8.483  17.941  1.00 36.78 ? 872 HOH A O   1 
HETATM 1397 O O   . HOH C 3 .   ? 5.013   0.562   20.137  1.00 29.06 ? 873 HOH A O   1 
HETATM 1398 O O   . HOH C 3 .   ? -9.046  21.144  -6.579  1.00 43.99 ? 874 HOH A O   1 
HETATM 1399 O O   . HOH C 3 .   ? 7.629   -10.406 12.182  1.00 31.36 ? 875 HOH A O   1 
HETATM 1400 O O   . HOH C 3 .   ? 9.477   8.164   -19.363 1.00 40.79 ? 876 HOH A O   1 
HETATM 1401 O O   . HOH C 3 .   ? -2.433  14.414  3.104   1.00 32.66 ? 877 HOH A O   1 
HETATM 1402 O O   . HOH C 3 .   ? -11.797 -16.378 3.498   1.00 36.03 ? 878 HOH A O   1 
HETATM 1403 O O   . HOH C 3 .   ? 7.045   12.341  2.137   1.00 33.01 ? 879 HOH A O   1 
HETATM 1404 O O   . HOH C 3 .   ? -18.237 -13.849 12.762  1.00 29.79 ? 880 HOH A O   1 
HETATM 1405 O O   . HOH D 3 .   ? -13.085 4.903   7.274   1.00 15.74 ? 821 HOH B O   1 
HETATM 1406 O O   . HOH D 3 .   ? -13.003 2.276   -12.940 1.00 20.29 ? 830 HOH B O   1 
HETATM 1407 O O   . HOH D 3 .   ? -10.546 -3.924  -11.346 1.00 29.26 ? 851 HOH B O   1 
HETATM 1408 O O   . HOH D 3 .   ? -10.828 6.277   -0.486  1.00 23.97 ? 853 HOH B O   1 
HETATM 1409 O O   . HOH D 3 .   ? -13.185 7.277   1.080   1.00 34.76 ? 867 HOH B O   1 
# 
